data_6DBI
#
_entry.id   6DBI
#
_cell.length_a   1
_cell.length_b   1
_cell.length_c   1
_cell.angle_alpha   90.00
_cell.angle_beta   90.00
_cell.angle_gamma   90.00
#
_symmetry.space_group_name_H-M   'P 1'
#
loop_
_entity.id
_entity.type
_entity.pdbx_description
1 polymer 'Recombination activating gene 1 - MBP chimera'
2 polymer 'Recombination activating gene 2'
3 polymer 'Forward strand of 12-RSS signal end'
4 polymer 'Reverse strand of 12-RSS'
5 polymer 'Reverse strand of 23-RSS'
6 polymer 'Forward strand of 23-RSS signal end'
7 polymer 'Forward strand of coding flank'
8 non-polymer 'ZINC ION'
9 non-polymer 'CALCIUM ION'
#
loop_
_entity_poly.entity_id
_entity_poly.type
_entity_poly.pdbx_seq_one_letter_code
_entity_poly.pdbx_strand_id
1 'polypeptide(L)'
;MGSSHHHHHHGTKTEEGKLVIWINGDKGYNGLAEVGKKFEKDTGIKVTVEHPDKLEEKFPQVAATGDGPDIIFWAHDRFG
GYAQSGLLAEITPDKAFQDKLYPFTWDAVRYNGKLIAYPIAVEALSLIYNKDLLPNPPKTWEEIPALDKELKAKGKSALM
FNLQEPYFTWPLIAADGGYAFKYENGKYDIKDVGVDNAGAKAGLTFLVDLIKNKHMNADTDYSIAEAAFNKGETAMTING
PWAWSNIDTSKVNYGVTVLPTFKGQPSKPFVGVLSAGINAASPNKELAKEFLENYLLTDEGLEAVNKDKPLGAVALKSYE
EELAKDPRIAATMENAQKGEIMPNIPQMSAFWYAVRTAVINAASGRQTVDEALKDAQTGTDYDIPTTLEVLFQGPLGSRC
QRDHLSTKLIPTEVPADLIRAVTCQVCDHLLSDPVQSPCRHLFCRLCIIRYTHALGPNCPTCNQHLNPSHLIKPAKFFLA
TLSSLPLLCPSEECSDWVRLDSFREHCLNHYREKESQEEQTPSEQNLDGYLPVNKGGRPRQHLLSLTRRAQKHRLRDLKN
QVKTFAEKEEGGDVKSVCLTLFLLALRAGNEHKQADELEAMMQGRGFGLHPAVCLAIRVNTFLSCSQYHKMYRTVKATSG
RQIFQPLHTLRNAEKELLPGFHQFEWQPALKNVSTSWDVGIIDGLSGWTVSVDDVPADTISRRFRYDVALVSALKDLEED
IMEGLRERALDDSMCTSGFTVVVKESCDGMGDVSEKHGSGPAVPEKAVRFSFTIMSISIRLEGEDDGITIFQEQKPNSEL
SCRPLCLMFVDESDHETLTAILGPVVAERKAMMESRLIISVGGLLRSFRFFFRGTGYDEKMVREMEGLEASGSTYICTLC
DSTRAEASQNMVLHSITRSHDENLERYEIWRKNPFSESADELRDRVKGVSAKPFMETQPTLDALHCDIGNATEFYKIFQD
EIGEVYQKPNPSREERRRWRSTLDKQLRKKMKLKPVMRMNGNYARRLMTREAVEAVCELVPSEERREALLKLMDLYLQMK
PVWRSTCPSRDCPDQLCQYSYNSQQFADLLSSMFKYRYDGKITNYLHKTLAHVPEIVERDGSIGAWASEGNESGNKLFRR
FRKMNARQSKTFELEDILKHHWLYTSKYLQKFMEAHKNS
;
C,A
2 'polypeptide(L)'
;GGSMSLQPLTAVNCGSLVQPGFSLLDLEGDVYLFGQKGWPKRSCPTGIFGVRIKKGELKLRAISFSNNSSYLPPLRCPAI
AHFEAQDGKPECYLIHGGRTPNNELSSSLYMLSVDSRGCNRKVTLRCEEKELVGDVPSARYGHTLSVINSRGKTACVLFG
GRSYMPPTERTTQNWNSVVDCPPQVYLIDLEFGCCTAHTLPELTDGQSFHVALARQDCVYFLGGHILSSDCRPSRLIRLH
VELLLGSPVLTCTILHEGLTITSAIASPIGYHEYIIFGGYQSETQKRMECTYVGLDDVGVHMESREPPQWTSEISHSRTW
FGGSLGKGTALVAIPSEGNPTPPEAYHFYQVSFQKEQDGEATAQGGSQESTDFEDSAPLEDSEELYFGREPHELEYSSDV
EGDTYNEEDEEDESQTGYWIKCCLSCQVDPNIWEPYYSTELTRPAMIFCSRGEGGHWVHAQCMELPESLLLQLSQDNSKY
FCLDHGGLPKQEMTPPKQMLPVKRVPMKMTHRKAPVSLKMTPAKKTFLRRLFD
;
D,B
3 'polydeoxyribonucleotide'
;(DC)(DA)(DC)(DA)(DG)(DT)(DG)(DC)(DT)(DA)(DC)(DA)(DG)(DA)(DC)(DT)(DG)(DG)(DA)(DA)
(DC)(DA)(DA)(DA)(DA)(DA)(DC)(DC)(DC)(DT)(DG)(DC)(DA)(DG)
;
E
4 'polydeoxyribonucleotide'
;(DC)(DT)(DG)(DC)(DA)(DG)(DG)(DG)(DT)(DT)(DT)(DT)(DT)(DG)(DT)(DT)(DC)(DC)(DA)(DG)
(DT)(DC)(DT)(DG)(DT)(DA)(DG)(DC)(DA)(DC)(DT)(DG)(DT)(DG)(DT)(DA)(DA)(DG)(DA)(DC)
(DA)(DG)(DG)(DC)(DC)(DA)(DG)(DA)(DT)(DC)
;
F
5 'polydeoxyribonucleotide'
;(DC)(DT)(DG)(DC)(DA)(DG)(DG)(DG)(DT)(DT)(DT)(DT)(DT)(DG)(DT)(DA)(DC)(DA)(DG)(DC)
(DC)(DA)(DG)(DA)(DC)(DA)(DG)(DT)(DG)(DG)(DA)(DG)(DT)(DA)(DC)(DT)(DA)(DC)(DC)(DA)
(DC)(DT)(DG)(DT)(DG)(DT)(DA)(DA)(DG)(DA)(DC)(DA)(DG)(DG)(DC)(DC)(DA)(DG)(DA)(DT)
(DC)
;
G
6 'polydeoxyribonucleotide'
;(DC)(DA)(DC)(DA)(DG)(DT)(DG)(DG)(DT)(DA)(DG)(DT)(DA)(DC)(DT)(DC)(DC)(DA)(DC)(DT)
(DG)(DT)(DC)(DT)(DG)(DG)(DC)(DT)(DG)(DT)(DA)(DC)(DA)(DA)(DA)(DA)(DA)(DC)(DC)(DC)
(DT)(DG)(DC)(DA)(DG)
;
H
7 'polydeoxyribonucleotide' (DG)(DA)(DT)(DC)(DT)(DG)(DG)(DC)(DC)(DT)(DG)(DT)(DC)(DT)(DT)(DA) I,J
#
loop_
_chem_comp.id
_chem_comp.type
_chem_comp.name
_chem_comp.formula
CA non-polymer 'CALCIUM ION' 'Ca 2'
DA DNA linking 2'-DEOXYADENOSINE-5'-MONOPHOSPHATE 'C10 H14 N5 O6 P'
DC DNA linking 2'-DEOXYCYTIDINE-5'-MONOPHOSPHATE 'C9 H14 N3 O7 P'
DG DNA linking 2'-DEOXYGUANOSINE-5'-MONOPHOSPHATE 'C10 H14 N5 O7 P'
DT DNA linking THYMIDINE-5'-MONOPHOSPHATE 'C10 H15 N2 O8 P'
ZN non-polymer 'ZINC ION' 'Zn 2'
#
# COMPACT_ATOMS: atom_id res chain seq x y z
N GLY A 536 -19.61 -6.11 79.11
CA GLY A 536 -18.23 -5.97 79.54
C GLY A 536 -17.26 -5.72 78.40
N GLY A 537 -17.80 -5.23 77.28
CA GLY A 537 -17.01 -4.98 76.10
C GLY A 537 -17.55 -5.68 74.88
N ARG A 538 -16.66 -6.10 73.98
CA ARG A 538 -17.02 -6.80 72.77
C ARG A 538 -15.82 -7.56 72.21
N PRO A 539 -15.95 -8.87 71.99
CA PRO A 539 -14.89 -9.61 71.32
C PRO A 539 -14.81 -9.23 69.84
N ARG A 540 -13.59 -9.10 69.34
CA ARG A 540 -13.35 -8.71 67.96
C ARG A 540 -12.30 -9.64 67.36
N GLN A 541 -12.54 -10.04 66.11
CA GLN A 541 -11.59 -10.89 65.41
C GLN A 541 -10.31 -10.11 65.10
N HIS A 542 -9.35 -10.78 64.48
CA HIS A 542 -8.07 -10.15 64.20
C HIS A 542 -8.25 -8.97 63.27
N LEU A 543 -7.48 -7.92 63.51
CA LEU A 543 -7.67 -6.68 62.78
C LEU A 543 -7.39 -6.86 61.29
N LEU A 544 -6.69 -7.92 60.90
CA LEU A 544 -6.43 -8.20 59.50
C LEU A 544 -7.67 -8.65 58.74
N SER A 545 -8.78 -8.90 59.42
CA SER A 545 -10.04 -9.26 58.77
C SER A 545 -11.00 -8.09 58.64
N LEU A 546 -10.91 -7.09 59.51
CA LEU A 546 -11.79 -5.94 59.46
C LEU A 546 -11.32 -4.96 58.38
N THR A 547 -12.19 -4.01 58.06
CA THR A 547 -11.87 -2.98 57.08
C THR A 547 -10.78 -2.05 57.61
N ARG A 548 -10.15 -1.32 56.69
CA ARG A 548 -9.16 -0.32 57.09
C ARG A 548 -9.80 0.84 57.84
N ARG A 549 -11.04 1.20 57.49
CA ARG A 549 -11.76 2.22 58.23
C ARG A 549 -12.01 1.79 59.66
N ALA A 550 -12.30 0.50 59.85
CA ALA A 550 -12.59 -0.09 61.16
C ALA A 550 -11.54 0.26 62.22
N GLN A 551 -10.28 0.34 61.82
CA GLN A 551 -9.16 0.37 62.75
C GLN A 551 -9.07 1.69 63.52
N LYS A 552 -9.94 2.66 63.22
CA LYS A 552 -9.85 4.01 63.80
C LYS A 552 -9.46 4.04 65.27
N HIS A 553 -10.10 3.20 66.10
CA HIS A 553 -9.91 3.29 67.53
C HIS A 553 -8.55 2.79 67.99
N ARG A 554 -7.88 1.95 67.20
CA ARG A 554 -6.73 1.20 67.71
C ARG A 554 -5.49 2.09 67.85
N LEU A 555 -5.02 2.69 66.76
CA LEU A 555 -3.67 3.24 66.70
C LEU A 555 -3.58 4.73 67.07
N ARG A 556 -4.57 5.27 67.78
CA ARG A 556 -4.51 6.68 68.21
C ARG A 556 -3.24 7.00 68.97
N ASP A 557 -2.90 6.17 69.97
CA ASP A 557 -1.78 6.48 70.86
C ASP A 557 -0.44 6.39 70.13
N LEU A 558 -0.31 5.44 69.20
CA LEU A 558 0.94 5.36 68.43
C LEU A 558 1.07 6.51 67.45
N LYS A 559 -0.05 7.00 66.90
CA LYS A 559 0.00 8.21 66.10
C LYS A 559 0.46 9.41 66.94
N ASN A 560 -0.07 9.54 68.16
CA ASN A 560 0.40 10.58 69.06
C ASN A 560 1.90 10.45 69.32
N GLN A 561 2.36 9.22 69.60
CA GLN A 561 3.77 9.00 69.91
C GLN A 561 4.66 9.33 68.71
N VAL A 562 4.25 8.95 67.50
CA VAL A 562 5.09 9.20 66.34
C VAL A 562 5.09 10.69 65.99
N LYS A 563 3.97 11.39 66.19
CA LYS A 563 3.96 12.83 65.98
C LYS A 563 4.86 13.54 66.98
N THR A 564 4.83 13.11 68.25
CA THR A 564 5.72 13.71 69.24
C THR A 564 7.18 13.39 68.95
N PHE A 565 7.46 12.18 68.45
CA PHE A 565 8.83 11.77 68.18
C PHE A 565 9.41 12.45 66.95
N ALA A 566 8.57 12.72 65.94
CA ALA A 566 9.05 13.33 64.71
C ALA A 566 9.68 14.70 64.95
N GLU A 567 9.26 15.40 66.01
CA GLU A 567 9.74 16.76 66.24
C GLU A 567 11.19 16.78 66.70
N LYS A 568 11.52 15.96 67.70
CA LYS A 568 12.77 16.14 68.43
C LYS A 568 14.00 15.63 67.70
N GLU A 569 13.85 14.74 66.72
CA GLU A 569 15.01 14.14 66.06
C GLU A 569 15.05 14.33 64.55
N GLU A 570 13.90 14.30 63.87
CA GLU A 570 13.89 14.39 62.41
C GLU A 570 13.26 15.67 61.90
N GLY A 571 12.02 15.97 62.30
CA GLY A 571 11.33 17.18 61.85
C GLY A 571 10.11 16.93 60.99
N GLY A 572 9.70 15.68 60.78
CA GLY A 572 8.60 15.38 59.87
C GLY A 572 8.85 14.16 59.02
N ASP A 573 9.95 13.45 59.28
CA ASP A 573 10.30 12.25 58.54
C ASP A 573 9.38 11.09 58.90
N VAL A 574 8.31 10.91 58.13
CA VAL A 574 7.36 9.85 58.41
C VAL A 574 7.93 8.49 58.02
N LYS A 575 8.68 8.44 56.91
CA LYS A 575 9.09 7.16 56.33
C LYS A 575 10.01 6.39 57.27
N SER A 576 11.15 6.99 57.62
CA SER A 576 12.24 6.22 58.23
C SER A 576 11.86 5.68 59.60
N VAL A 577 11.17 6.49 60.42
CA VAL A 577 10.87 6.09 61.79
C VAL A 577 10.06 4.81 61.81
N CYS A 578 9.21 4.60 60.82
CA CYS A 578 8.45 3.36 60.71
C CYS A 578 9.21 2.29 59.94
N LEU A 579 10.00 2.68 58.94
CA LEU A 579 10.70 1.70 58.11
C LEU A 579 11.74 0.94 58.92
N THR A 580 12.63 1.64 59.59
CA THR A 580 13.68 0.96 60.35
C THR A 580 13.11 0.24 61.57
N LEU A 581 11.96 0.67 62.07
CA LEU A 581 11.28 -0.07 63.12
C LEU A 581 10.75 -1.41 62.59
N PHE A 582 9.99 -1.37 61.50
CA PHE A 582 9.29 -2.56 61.03
C PHE A 582 10.26 -3.57 60.41
N LEU A 583 11.18 -3.10 59.56
CA LEU A 583 12.12 -4.02 58.93
C LEU A 583 12.94 -4.79 59.96
N LEU A 584 13.27 -4.13 61.08
CA LEU A 584 14.06 -4.77 62.12
C LEU A 584 13.19 -5.60 63.07
N ALA A 585 11.94 -5.19 63.29
CA ALA A 585 11.05 -5.97 64.16
C ALA A 585 10.58 -7.25 63.49
N LEU A 586 10.48 -7.24 62.16
CA LEU A 586 10.20 -8.49 61.45
C LEU A 586 11.33 -9.48 61.62
N ARG A 587 12.57 -9.01 61.66
CA ARG A 587 13.72 -9.86 61.87
C ARG A 587 13.90 -10.25 63.33
N ALA A 588 12.96 -9.91 64.21
CA ALA A 588 13.03 -10.37 65.59
C ALA A 588 12.79 -11.88 65.66
N GLY A 589 11.64 -12.33 65.19
CA GLY A 589 11.45 -13.73 64.86
C GLY A 589 11.68 -13.86 63.37
N ASN A 590 12.86 -14.29 62.98
CA ASN A 590 13.43 -13.95 61.69
C ASN A 590 13.43 -15.15 60.75
N GLU A 591 12.66 -15.05 59.68
CA GLU A 591 12.86 -15.82 58.45
C GLU A 591 13.19 -14.85 57.34
N HIS A 592 14.25 -15.14 56.59
CA HIS A 592 14.74 -14.19 55.60
C HIS A 592 13.84 -14.06 54.39
N LYS A 593 12.82 -14.92 54.25
CA LYS A 593 11.88 -14.84 53.14
C LYS A 593 11.33 -13.42 52.96
N GLN A 594 11.04 -12.73 54.07
CA GLN A 594 10.54 -11.37 54.00
C GLN A 594 11.66 -10.34 53.99
N ALA A 595 12.84 -10.69 54.51
CA ALA A 595 13.95 -9.74 54.52
C ALA A 595 14.32 -9.30 53.12
N ASP A 596 14.18 -10.18 52.13
CA ASP A 596 14.37 -9.78 50.74
C ASP A 596 13.22 -8.87 50.28
N GLU A 597 11.99 -9.24 50.62
CA GLU A 597 10.82 -8.47 50.18
C GLU A 597 10.82 -7.08 50.81
N LEU A 598 11.27 -6.97 52.05
CA LEU A 598 11.26 -5.69 52.77
C LEU A 598 12.41 -4.78 52.40
N GLU A 599 13.50 -5.33 51.82
CA GLU A 599 14.66 -4.50 51.55
C GLU A 599 14.50 -3.68 50.28
N ALA A 600 14.00 -4.28 49.21
CA ALA A 600 13.83 -3.58 47.94
C ALA A 600 12.52 -2.79 47.86
N MET A 601 11.68 -2.89 48.89
CA MET A 601 10.33 -2.34 48.86
C MET A 601 10.28 -0.85 48.46
N MET A 602 11.27 -0.05 48.87
CA MET A 602 11.19 1.39 48.69
C MET A 602 12.20 1.94 47.69
N GLN A 603 13.50 1.73 47.93
CA GLN A 603 14.53 2.52 47.24
C GLN A 603 15.04 1.85 45.97
N GLY A 604 15.56 0.63 46.07
CA GLY A 604 16.16 -0.02 44.92
C GLY A 604 15.77 -1.47 44.77
N ARG A 605 15.15 -1.82 43.65
CA ARG A 605 14.80 -0.85 42.61
C ARG A 605 13.34 -1.06 42.22
N GLY A 606 12.65 0.01 41.85
CA GLY A 606 11.26 -0.12 41.48
C GLY A 606 10.35 -0.48 42.64
N PHE A 607 9.93 -1.75 42.70
CA PHE A 607 8.89 -2.24 43.60
C PHE A 607 7.55 -1.55 43.30
N GLY A 608 7.01 -1.86 42.13
CA GLY A 608 7.36 -3.04 41.32
C GLY A 608 8.53 -2.90 40.35
N LEU A 609 8.31 -3.09 39.06
CA LEU A 609 9.37 -2.76 38.12
C LEU A 609 9.44 -1.24 37.98
N HIS A 610 10.66 -0.71 37.93
CA HIS A 610 10.88 0.73 37.93
C HIS A 610 10.19 1.38 36.73
N PRO A 611 9.70 2.62 36.87
CA PRO A 611 9.04 3.29 35.72
C PRO A 611 9.87 3.34 34.45
N ALA A 612 11.18 3.56 34.54
CA ALA A 612 12.00 3.58 33.33
C ALA A 612 12.06 2.21 32.66
N VAL A 613 12.09 1.15 33.46
CA VAL A 613 12.07 -0.21 32.88
C VAL A 613 10.73 -0.46 32.21
N CYS A 614 9.64 0.02 32.80
CA CYS A 614 8.33 -0.12 32.15
C CYS A 614 8.30 0.66 30.84
N LEU A 615 8.87 1.86 30.82
CA LEU A 615 8.92 2.64 29.59
C LEU A 615 9.73 1.95 28.51
N ALA A 616 10.87 1.37 28.88
CA ALA A 616 11.70 0.67 27.90
C ALA A 616 11.01 -0.58 27.38
N ILE A 617 10.35 -1.34 28.26
CA ILE A 617 9.65 -2.55 27.83
C ILE A 617 8.35 -2.24 27.11
N ARG A 618 7.91 -0.97 27.10
CA ARG A 618 6.79 -0.58 26.25
C ARG A 618 7.23 -0.05 24.89
N VAL A 619 8.28 0.78 24.85
CA VAL A 619 8.72 1.33 23.57
C VAL A 619 9.36 0.26 22.70
N ASN A 620 10.21 -0.57 23.28
CA ASN A 620 11.06 -1.48 22.52
C ASN A 620 10.33 -2.73 22.06
N THR A 621 9.02 -2.86 22.28
CA THR A 621 8.26 -4.00 21.80
C THR A 621 7.05 -3.58 20.97
N PHE A 622 6.97 -2.32 20.55
CA PHE A 622 5.90 -1.80 19.69
C PHE A 622 4.53 -1.96 20.35
N LEU A 623 4.46 -1.68 21.65
CA LEU A 623 3.21 -1.71 22.40
C LEU A 623 2.55 -0.33 22.37
N SER A 624 1.38 -0.25 21.75
CA SER A 624 0.59 0.97 21.75
C SER A 624 0.20 1.37 23.17
N CYS A 625 0.08 2.68 23.40
CA CYS A 625 -0.27 3.17 24.74
C CYS A 625 -1.58 2.57 25.23
N SER A 626 -2.58 2.51 24.37
CA SER A 626 -3.87 1.98 24.80
C SER A 626 -3.83 0.48 25.01
N GLN A 627 -3.05 -0.25 24.21
CA GLN A 627 -2.87 -1.68 24.46
C GLN A 627 -2.13 -1.91 25.78
N TYR A 628 -1.17 -1.04 26.10
CA TYR A 628 -0.45 -1.15 27.36
C TYR A 628 -1.36 -0.88 28.54
N HIS A 629 -2.26 0.11 28.42
CA HIS A 629 -3.23 0.36 29.50
C HIS A 629 -4.18 -0.82 29.64
N LYS A 630 -4.55 -1.46 28.52
CA LYS A 630 -5.35 -2.68 28.59
C LYS A 630 -4.62 -3.77 29.38
N MET A 631 -3.34 -3.98 29.07
CA MET A 631 -2.55 -4.98 29.79
C MET A 631 -2.40 -4.62 31.26
N TYR A 632 -2.24 -3.33 31.56
CA TYR A 632 -2.08 -2.86 32.94
C TYR A 632 -3.33 -3.16 33.76
N ARG A 633 -4.50 -2.76 33.26
CA ARG A 633 -5.75 -3.08 33.94
C ARG A 633 -5.90 -4.58 34.12
N THR A 634 -5.54 -5.36 33.09
CA THR A 634 -5.72 -6.81 33.19
C THR A 634 -4.84 -7.42 34.26
N VAL A 635 -3.56 -7.05 34.29
CA VAL A 635 -2.64 -7.69 35.25
C VAL A 635 -2.90 -7.17 36.66
N LYS A 636 -3.44 -5.96 36.81
CA LYS A 636 -3.72 -5.45 38.15
C LYS A 636 -5.00 -6.03 38.72
N ALA A 637 -6.10 -6.01 37.96
CA ALA A 637 -7.39 -6.40 38.50
C ALA A 637 -7.39 -7.86 38.94
N THR A 638 -6.83 -8.75 38.11
CA THR A 638 -6.79 -10.18 38.44
C THR A 638 -5.46 -10.51 39.12
N SER A 639 -5.53 -10.88 40.40
CA SER A 639 -4.40 -11.34 41.20
C SER A 639 -3.25 -10.34 41.16
N GLY A 640 -3.51 -9.20 41.79
CA GLY A 640 -2.49 -8.16 41.91
C GLY A 640 -2.80 -7.29 43.11
N ARG A 641 -1.76 -6.64 43.66
CA ARG A 641 -0.33 -6.71 43.30
C ARG A 641 0.00 -6.36 41.84
N GLN A 642 -0.29 -5.13 41.44
CA GLN A 642 0.12 -4.71 40.11
C GLN A 642 1.64 -4.58 40.05
N ILE A 643 2.19 -4.85 38.87
CA ILE A 643 3.63 -4.77 38.63
C ILE A 643 3.97 -3.57 37.77
N PHE A 644 3.33 -3.43 36.62
CA PHE A 644 3.57 -2.28 35.75
C PHE A 644 3.05 -1.00 36.40
N GLN A 645 3.52 0.12 35.88
CA GLN A 645 3.14 1.43 36.36
C GLN A 645 2.01 2.01 35.51
N PRO A 646 1.23 2.94 36.06
CA PRO A 646 0.16 3.56 35.26
C PRO A 646 0.73 4.44 34.15
N LEU A 647 -0.17 4.91 33.27
CA LEU A 647 0.27 5.64 32.08
C LEU A 647 0.82 7.01 32.44
N HIS A 648 0.18 7.71 33.38
CA HIS A 648 0.57 9.08 33.67
C HIS A 648 1.89 9.19 34.39
N THR A 649 2.43 8.10 34.94
CA THR A 649 3.77 8.13 35.50
C THR A 649 4.83 7.66 34.52
N LEU A 650 4.45 6.91 33.49
CA LEU A 650 5.35 6.72 32.35
C LEU A 650 5.54 8.03 31.60
N ARG A 651 4.44 8.75 31.36
CA ARG A 651 4.51 10.01 30.65
C ARG A 651 5.32 11.05 31.43
N ASN A 652 5.48 10.87 32.75
CA ASN A 652 6.28 11.80 33.54
C ASN A 652 7.76 11.49 33.49
N ALA A 653 8.13 10.22 33.28
CA ALA A 653 9.53 9.85 33.08
C ALA A 653 9.98 10.02 31.64
N GLU A 654 9.17 10.70 30.84
CA GLU A 654 9.47 10.94 29.43
C GLU A 654 10.25 12.22 29.22
N LYS A 655 9.84 13.31 29.88
CA LYS A 655 10.40 14.63 29.65
C LYS A 655 11.90 14.70 29.88
N GLU A 656 12.50 13.66 30.44
CA GLU A 656 13.95 13.62 30.61
C GLU A 656 14.66 13.12 29.36
N LEU A 657 14.03 12.25 28.57
CA LEU A 657 14.68 11.64 27.41
C LEU A 657 14.61 12.54 26.18
N LEU A 658 13.44 13.10 25.89
CA LEU A 658 13.29 13.98 24.75
C LEU A 658 14.24 15.17 24.86
N PRO A 659 14.51 15.85 23.75
CA PRO A 659 15.36 17.04 23.82
C PRO A 659 14.66 18.18 24.54
N GLY A 660 15.45 19.19 24.86
CA GLY A 660 14.92 20.36 25.54
C GLY A 660 14.84 20.21 27.04
N PHE A 661 15.70 19.40 27.65
CA PHE A 661 15.72 19.23 29.09
C PHE A 661 17.06 19.58 29.73
N HIS A 662 18.16 19.11 29.15
CA HIS A 662 19.47 19.39 29.71
C HIS A 662 19.98 20.74 29.26
N GLN A 663 20.75 21.39 30.13
CA GLN A 663 21.36 22.67 29.80
C GLN A 663 22.66 22.45 29.03
N PHE A 664 22.99 23.40 28.15
CA PHE A 664 24.23 23.35 27.39
C PHE A 664 24.69 24.77 27.11
N GLU A 665 25.86 24.90 26.49
CA GLU A 665 26.34 26.23 26.14
C GLU A 665 27.25 26.16 24.92
N TRP A 666 26.98 26.98 23.92
CA TRP A 666 27.81 27.04 22.72
C TRP A 666 28.82 28.17 22.86
N GLN A 667 30.09 27.85 22.64
CA GLN A 667 31.18 28.81 22.78
C GLN A 667 32.01 28.79 21.51
N PRO A 668 32.07 29.91 20.75
CA PRO A 668 31.32 31.15 20.95
C PRO A 668 29.84 31.02 20.59
N ALA A 669 29.06 32.09 20.80
CA ALA A 669 27.63 32.03 20.52
C ALA A 669 27.38 31.68 19.06
N LEU A 670 26.36 30.86 18.82
CA LEU A 670 26.03 30.43 17.48
C LEU A 670 25.52 31.59 16.64
N LYS A 671 25.71 31.48 15.33
CA LYS A 671 25.33 32.54 14.41
C LYS A 671 23.84 32.45 14.08
N ASN A 672 23.13 33.56 14.24
CA ASN A 672 21.69 33.69 14.01
C ASN A 672 20.91 32.47 14.50
N VAL A 673 21.24 31.96 15.68
CA VAL A 673 20.52 30.88 16.33
C VAL A 673 20.22 31.29 17.76
N SER A 674 18.96 31.13 18.18
CA SER A 674 18.56 31.51 19.54
C SER A 674 19.29 30.66 20.56
N THR A 675 19.47 31.23 21.76
CA THR A 675 20.24 30.59 22.82
C THR A 675 19.37 29.88 23.85
N SER A 676 18.05 29.89 23.69
CA SER A 676 17.18 29.17 24.61
C SER A 676 17.36 27.67 24.39
N TRP A 677 17.49 26.93 25.50
CA TRP A 677 17.83 25.51 25.45
C TRP A 677 16.66 24.60 25.79
N ASP A 678 15.43 25.11 25.80
CA ASP A 678 14.28 24.32 26.19
C ASP A 678 13.27 24.14 25.07
N VAL A 679 13.62 24.43 23.82
CA VAL A 679 12.69 24.25 22.72
C VAL A 679 12.48 22.76 22.49
N GLY A 680 11.23 22.33 22.48
CA GLY A 680 10.89 20.95 22.17
C GLY A 680 10.64 20.75 20.70
N ILE A 681 9.50 20.18 20.35
CA ILE A 681 9.13 20.00 18.95
C ILE A 681 8.68 21.36 18.39
N ILE A 682 9.37 21.82 17.35
CA ILE A 682 9.06 23.06 16.65
C ILE A 682 8.37 22.71 15.34
N ASP A 683 7.45 23.56 14.88
CA ASP A 683 6.86 23.38 13.57
C ASP A 683 7.84 23.84 12.50
N GLY A 684 7.97 23.04 11.44
CA GLY A 684 9.02 23.27 10.45
C GLY A 684 8.77 24.44 9.53
N LEU A 685 7.51 24.88 9.41
CA LEU A 685 7.20 26.03 8.56
C LEU A 685 8.08 27.22 8.90
N SER A 686 8.40 27.40 10.19
CA SER A 686 9.34 28.40 10.67
C SER A 686 8.87 29.81 10.38
N GLY A 687 7.59 30.07 10.62
CA GLY A 687 7.05 31.42 10.57
C GLY A 687 6.54 31.89 9.24
N TRP A 688 5.96 31.02 8.42
CA TRP A 688 5.46 31.45 7.11
C TRP A 688 4.31 32.42 7.29
N THR A 689 4.34 33.51 6.52
CA THR A 689 3.32 34.56 6.56
C THR A 689 2.10 34.11 5.75
N VAL A 690 1.31 33.21 6.35
CA VAL A 690 0.33 32.36 5.67
C VAL A 690 -0.59 33.12 4.71
N SER A 691 -0.61 34.45 4.81
CA SER A 691 -1.46 35.31 4.00
C SER A 691 -1.53 34.84 2.55
N VAL A 692 -2.73 34.96 1.96
CA VAL A 692 -3.09 34.25 0.74
C VAL A 692 -2.27 34.69 -0.46
N ASP A 693 -1.86 35.96 -0.52
CA ASP A 693 -1.29 36.50 -1.75
C ASP A 693 0.09 35.94 -2.09
N ASP A 694 0.81 35.39 -1.12
CA ASP A 694 2.15 34.87 -1.33
C ASP A 694 2.10 33.41 -1.76
N VAL A 695 3.26 32.77 -1.76
CA VAL A 695 3.31 31.32 -1.97
C VAL A 695 2.51 30.63 -0.87
N PRO A 696 1.71 29.63 -1.16
CA PRO A 696 0.89 29.00 -0.12
C PRO A 696 1.70 28.13 0.83
N ALA A 697 1.22 28.03 2.08
CA ALA A 697 1.86 27.29 3.15
C ALA A 697 1.33 25.85 3.27
N ASP A 698 0.95 25.23 2.15
CA ASP A 698 0.32 23.90 2.14
C ASP A 698 1.03 22.88 3.01
N THR A 699 2.37 22.91 3.03
CA THR A 699 3.14 21.84 3.64
C THR A 699 3.04 21.81 5.16
N ILE A 700 2.75 20.62 5.72
CA ILE A 700 2.83 20.36 7.16
C ILE A 700 4.20 19.78 7.45
N SER A 701 4.81 20.19 8.56
CA SER A 701 6.14 19.68 8.88
C SER A 701 6.39 19.84 10.38
N ARG A 702 7.28 19.00 10.90
CA ARG A 702 7.63 19.03 12.30
C ARG A 702 9.10 18.69 12.46
N ARG A 703 9.78 19.33 13.39
CA ARG A 703 11.22 19.12 13.49
C ARG A 703 11.71 19.62 14.83
N PHE A 704 12.71 18.94 15.37
CA PHE A 704 13.44 19.47 16.51
C PHE A 704 14.37 20.56 16.03
N ARG A 705 14.87 21.36 16.96
CA ARG A 705 16.01 22.22 16.64
C ARG A 705 17.26 21.36 16.60
N TYR A 706 18.20 21.71 15.73
CA TYR A 706 19.32 20.82 15.43
C TYR A 706 20.23 20.64 16.66
N ASP A 707 20.70 21.74 17.24
CA ASP A 707 21.64 21.63 18.36
C ASP A 707 21.01 20.97 19.58
N VAL A 708 19.71 21.15 19.80
CA VAL A 708 19.07 20.57 20.98
C VAL A 708 18.99 19.07 20.85
N ALA A 709 18.52 18.58 19.70
CA ALA A 709 18.52 17.13 19.47
C ALA A 709 19.93 16.57 19.49
N LEU A 710 20.90 17.33 18.99
CA LEU A 710 22.29 16.88 19.06
C LEU A 710 22.73 16.67 20.50
N VAL A 711 22.57 17.68 21.37
CA VAL A 711 23.04 17.52 22.74
C VAL A 711 22.25 16.45 23.48
N SER A 712 20.98 16.24 23.15
CA SER A 712 20.26 15.19 23.87
C SER A 712 20.72 13.80 23.43
N ALA A 713 20.83 13.57 22.11
CA ALA A 713 21.29 12.27 21.63
C ALA A 713 22.75 12.03 21.94
N LEU A 714 23.49 13.07 22.30
CA LEU A 714 24.88 12.94 22.72
C LEU A 714 25.00 12.64 24.21
N LYS A 715 24.24 13.34 25.05
CA LYS A 715 24.22 13.02 26.46
C LYS A 715 23.61 11.65 26.73
N ASP A 716 22.80 11.13 25.82
CA ASP A 716 22.25 9.79 26.02
C ASP A 716 23.36 8.73 25.98
N LEU A 717 24.43 8.97 25.22
CA LEU A 717 25.56 8.04 25.12
C LEU A 717 26.61 8.27 26.19
N GLU A 718 26.27 9.00 27.25
CA GLU A 718 27.22 9.29 28.31
C GLU A 718 27.66 8.02 29.03
N GLU A 719 26.75 7.06 29.22
CA GLU A 719 27.11 5.76 29.78
C GLU A 719 28.30 5.15 29.04
N ASP A 720 28.14 4.94 27.73
CA ASP A 720 29.16 4.27 26.95
C ASP A 720 30.40 5.14 26.75
N ILE A 721 30.28 6.47 26.74
CA ILE A 721 31.47 7.29 26.60
C ILE A 721 32.32 7.22 27.87
N MET A 722 31.69 7.21 29.04
CA MET A 722 32.47 7.08 30.26
C MET A 722 33.02 5.67 30.43
N GLU A 723 32.27 4.64 29.97
CA GLU A 723 32.80 3.29 30.05
C GLU A 723 33.98 3.10 29.10
N GLY A 724 33.97 3.76 27.95
CA GLY A 724 35.14 3.75 27.10
C GLY A 724 36.30 4.50 27.70
N LEU A 725 36.01 5.60 28.40
CA LEU A 725 37.08 6.31 29.10
C LEU A 725 37.72 5.42 30.18
N ARG A 726 36.91 4.62 30.89
CA ARG A 726 37.50 3.76 31.92
C ARG A 726 38.24 2.58 31.30
N GLU A 727 37.71 2.03 30.21
CA GLU A 727 38.34 0.86 29.58
C GLU A 727 39.72 1.22 29.05
N ARG A 728 39.83 2.33 28.32
CA ARG A 728 41.14 2.81 27.89
C ARG A 728 41.99 3.29 29.06
N ALA A 729 41.39 3.46 30.23
CA ALA A 729 42.08 3.89 31.45
C ALA A 729 42.70 5.28 31.31
N LEU A 730 42.05 6.15 30.55
CA LEU A 730 42.52 7.51 30.38
C LEU A 730 42.22 8.36 31.61
N ASP A 731 42.87 9.51 31.69
CA ASP A 731 42.62 10.45 32.78
C ASP A 731 41.25 11.08 32.63
N ASP A 732 40.58 11.29 33.77
CA ASP A 732 39.20 11.76 33.78
C ASP A 732 39.06 13.25 34.03
N SER A 733 39.53 13.71 35.20
CA SER A 733 39.58 15.13 35.47
C SER A 733 40.39 15.85 34.41
N MET A 734 41.46 15.22 33.94
CA MET A 734 42.30 15.78 32.88
C MET A 734 41.75 15.37 31.50
N CYS A 735 42.12 16.14 30.49
CA CYS A 735 41.77 15.86 29.10
C CYS A 735 40.26 15.85 28.91
N THR A 736 39.63 16.95 29.29
CA THR A 736 38.19 17.10 29.17
C THR A 736 37.74 17.85 27.93
N SER A 737 38.60 18.69 27.35
CA SER A 737 38.22 19.57 26.25
C SER A 737 38.63 19.06 24.88
N GLY A 738 39.21 17.88 24.79
CA GLY A 738 39.70 17.40 23.51
C GLY A 738 38.87 16.36 22.80
N PHE A 739 37.55 16.42 22.95
CA PHE A 739 36.73 15.43 22.27
C PHE A 739 36.46 15.82 20.82
N THR A 740 36.07 14.82 20.02
CA THR A 740 35.76 14.99 18.60
C THR A 740 34.69 13.98 18.19
N VAL A 741 33.58 14.47 17.62
CA VAL A 741 32.44 13.64 17.26
C VAL A 741 32.31 13.63 15.74
N VAL A 742 32.09 12.45 15.16
CA VAL A 742 31.87 12.30 13.73
C VAL A 742 30.47 11.71 13.53
N VAL A 743 29.65 12.42 12.75
CA VAL A 743 28.21 12.23 12.69
C VAL A 743 27.78 12.05 11.24
N LYS A 744 27.19 10.90 10.92
CA LYS A 744 26.64 10.65 9.59
C LYS A 744 25.19 11.10 9.57
N GLU A 745 24.83 11.90 8.55
CA GLU A 745 23.45 12.35 8.38
C GLU A 745 22.93 11.90 7.03
N SER A 746 21.63 11.64 6.97
CA SER A 746 21.02 11.07 5.78
C SER A 746 19.70 11.77 5.51
N CYS A 747 19.29 11.73 4.25
CA CYS A 747 18.02 12.28 3.81
C CYS A 747 17.38 11.31 2.83
N ASP A 748 16.05 11.32 2.76
CA ASP A 748 15.37 10.36 1.91
C ASP A 748 13.89 10.71 1.81
N GLY A 749 13.28 10.35 0.68
CA GLY A 749 11.88 10.53 0.44
C GLY A 749 11.13 9.20 0.43
N MET A 750 9.81 9.27 0.32
CA MET A 750 8.99 8.08 0.43
C MET A 750 7.69 8.28 -0.32
N GLY A 751 7.30 7.30 -1.13
CA GLY A 751 6.13 7.40 -1.96
C GLY A 751 4.89 6.77 -1.34
N ASP A 752 3.75 7.07 -1.97
CA ASP A 752 2.41 6.58 -1.60
C ASP A 752 2.19 6.50 -0.10
N VAL A 753 2.44 7.62 0.57
CA VAL A 753 1.96 7.82 1.93
C VAL A 753 0.56 8.40 1.81
N SER A 754 -0.45 7.61 2.19
CA SER A 754 -1.83 8.06 2.07
C SER A 754 -2.06 9.29 2.95
N GLU A 755 -3.10 10.05 2.60
CA GLU A 755 -3.42 11.25 3.35
C GLU A 755 -4.79 11.12 3.99
N LYS A 756 -5.11 12.03 4.91
CA LYS A 756 -6.38 11.97 5.64
C LYS A 756 -7.29 13.19 5.44
N HIS A 757 -8.59 13.03 5.70
CA HIS A 757 -9.53 14.13 5.48
C HIS A 757 -9.29 15.37 6.33
N GLY A 758 -9.12 15.21 7.63
CA GLY A 758 -8.83 16.33 8.52
C GLY A 758 -9.71 17.56 8.39
N SER A 759 -9.05 18.71 8.36
CA SER A 759 -9.62 20.03 8.17
C SER A 759 -8.81 20.90 7.21
N GLY A 760 -7.69 20.41 6.70
CA GLY A 760 -6.83 21.20 5.85
C GLY A 760 -5.51 21.54 6.50
N PRO A 761 -4.55 22.05 5.71
CA PRO A 761 -4.68 22.28 4.27
C PRO A 761 -4.39 21.03 3.44
N ALA A 762 -4.71 21.06 2.15
CA ALA A 762 -4.45 19.92 1.27
C ALA A 762 -2.96 19.65 1.20
N VAL A 763 -2.59 18.36 1.12
CA VAL A 763 -1.19 17.98 1.22
C VAL A 763 -0.88 16.88 0.21
N PRO A 764 0.30 16.86 -0.40
CA PRO A 764 0.65 15.78 -1.32
C PRO A 764 0.81 14.46 -0.58
N GLU A 765 0.96 13.39 -1.35
CA GLU A 765 1.11 12.07 -0.77
C GLU A 765 2.55 11.77 -0.38
N LYS A 766 3.53 12.30 -1.10
CA LYS A 766 4.92 11.99 -0.82
C LYS A 766 5.41 12.66 0.46
N ALA A 767 6.17 11.93 1.26
CA ALA A 767 6.72 12.45 2.51
C ALA A 767 8.24 12.36 2.47
N VAL A 768 8.91 13.30 3.14
CA VAL A 768 10.37 13.38 3.17
C VAL A 768 10.85 13.37 4.62
N ARG A 769 11.88 12.59 4.90
CA ARG A 769 12.38 12.39 6.24
C ARG A 769 13.88 12.67 6.28
N PHE A 770 14.30 13.56 7.16
CA PHE A 770 15.70 13.93 7.33
C PHE A 770 16.16 13.48 8.71
N SER A 771 17.20 12.64 8.75
CA SER A 771 17.61 12.02 9.99
C SER A 771 19.12 11.92 10.06
N PHE A 772 19.65 11.83 11.28
CA PHE A 772 21.08 11.82 11.53
C PHE A 772 21.43 10.71 12.51
N THR A 773 22.70 10.32 12.52
CA THR A 773 23.19 9.26 13.39
C THR A 773 24.61 9.58 13.83
N ILE A 774 24.93 9.25 15.08
CA ILE A 774 26.27 9.49 15.64
C ILE A 774 27.14 8.27 15.38
N MET A 775 28.15 8.43 14.53
CA MET A 775 29.02 7.33 14.15
C MET A 775 30.09 7.07 15.22
N SER A 776 30.93 8.07 15.50
CA SER A 776 32.03 7.83 16.41
C SER A 776 32.30 9.05 17.28
N ILE A 777 32.89 8.80 18.46
CA ILE A 777 33.37 9.82 19.38
C ILE A 777 34.74 9.42 19.91
N SER A 778 35.71 10.33 19.76
CA SER A 778 37.11 10.06 20.06
C SER A 778 37.70 11.22 20.83
N ILE A 779 38.94 11.04 21.29
CA ILE A 779 39.63 12.04 22.09
C ILE A 779 40.89 12.47 21.35
N ARG A 780 41.28 13.74 21.57
CA ARG A 780 42.40 14.35 20.86
C ARG A 780 43.53 14.76 21.79
N LEU A 781 43.22 15.50 22.85
CA LEU A 781 44.26 15.99 23.76
C LEU A 781 45.08 14.85 24.34
N GLU A 782 46.35 15.12 24.66
CA GLU A 782 46.95 16.44 24.54
C GLU A 782 47.95 16.60 23.39
N GLY A 783 48.06 15.58 22.54
CA GLY A 783 49.11 15.55 21.55
C GLY A 783 48.60 15.14 20.19
N GLU A 784 49.52 14.79 19.29
CA GLU A 784 49.16 14.40 17.93
C GLU A 784 48.16 13.24 17.93
N ASP A 785 48.58 12.06 18.44
CA ASP A 785 47.77 10.88 18.73
C ASP A 785 46.60 10.74 17.76
N ASP A 786 46.92 10.74 16.46
CA ASP A 786 45.99 11.03 15.37
C ASP A 786 44.56 10.54 15.62
N GLY A 787 44.43 9.27 15.99
CA GLY A 787 43.15 8.75 16.43
C GLY A 787 43.27 8.01 17.75
N ILE A 788 42.43 8.38 18.71
CA ILE A 788 42.25 7.62 19.94
C ILE A 788 40.74 7.52 20.12
N THR A 789 40.15 6.45 19.59
CA THR A 789 38.70 6.30 19.62
C THR A 789 38.23 5.91 21.01
N ILE A 790 37.03 6.36 21.36
CA ILE A 790 36.39 6.00 22.62
C ILE A 790 35.17 5.14 22.37
N PHE A 791 34.26 5.62 21.52
CA PHE A 791 33.04 4.91 21.17
C PHE A 791 32.87 4.89 19.67
N GLN A 792 32.58 3.72 19.11
CA GLN A 792 32.28 3.59 17.70
C GLN A 792 31.07 2.67 17.55
N GLU A 793 30.08 3.11 16.78
CA GLU A 793 28.86 2.34 16.60
C GLU A 793 29.17 0.98 15.99
N GLN A 794 28.80 -0.08 16.69
CA GLN A 794 29.13 -1.41 16.24
C GLN A 794 28.34 -1.82 15.00
N LYS A 795 27.17 -1.20 14.77
CA LYS A 795 26.27 -1.58 13.69
C LYS A 795 25.60 -0.33 13.14
N PRO A 796 26.28 0.39 12.24
CA PRO A 796 25.76 1.69 11.80
C PRO A 796 24.55 1.63 10.90
N ASN A 797 24.22 0.46 10.34
CA ASN A 797 23.08 0.33 9.44
C ASN A 797 21.80 -0.08 10.16
N SER A 798 21.84 -0.36 11.45
CA SER A 798 20.66 -0.84 12.15
C SER A 798 19.62 0.25 12.30
N GLU A 799 18.38 -0.18 12.57
CA GLU A 799 17.30 0.76 12.91
C GLU A 799 17.60 1.49 14.21
N LEU A 800 18.17 0.78 15.19
CA LEU A 800 18.23 1.26 16.56
C LEU A 800 19.15 2.46 16.71
N SER A 801 20.02 2.72 15.73
CA SER A 801 20.84 3.93 15.73
C SER A 801 20.54 4.70 14.46
N CYS A 802 19.46 5.46 14.47
CA CYS A 802 19.17 6.42 13.40
C CYS A 802 18.13 7.38 13.96
N ARG A 803 18.51 8.63 14.19
CA ARG A 803 17.70 9.55 14.96
C ARG A 803 16.97 10.48 14.02
N PRO A 804 15.64 10.51 14.02
CA PRO A 804 14.93 11.43 13.13
C PRO A 804 15.05 12.85 13.61
N LEU A 805 15.17 13.78 12.66
CA LEU A 805 15.29 15.19 12.97
C LEU A 805 14.15 16.00 12.38
N CYS A 806 13.79 15.78 11.12
CA CYS A 806 12.77 16.61 10.50
C CYS A 806 11.88 15.74 9.63
N LEU A 807 10.58 15.96 9.71
CA LEU A 807 9.61 15.25 8.88
C LEU A 807 8.76 16.25 8.13
N MET A 808 8.54 16.01 6.83
CA MET A 808 7.70 16.86 6.03
C MET A 808 6.79 16.04 5.14
N PHE A 809 5.69 16.66 4.72
CA PHE A 809 4.80 16.12 3.69
C PHE A 809 5.04 16.96 2.43
N VAL A 810 6.11 16.63 1.72
CA VAL A 810 6.56 17.37 0.55
C VAL A 810 7.01 16.34 -0.47
N ASP A 811 6.97 16.70 -1.73
CA ASP A 811 7.57 15.85 -2.74
C ASP A 811 9.05 16.22 -2.87
N GLU A 812 9.85 15.24 -3.31
CA GLU A 812 11.27 15.52 -3.48
C GLU A 812 11.54 16.33 -4.74
N SER A 813 10.68 16.20 -5.75
CA SER A 813 10.94 16.84 -7.04
C SER A 813 10.95 18.35 -6.92
N ASP A 814 9.86 18.93 -6.43
CA ASP A 814 9.73 20.39 -6.39
C ASP A 814 10.74 21.00 -5.43
N HIS A 815 11.64 21.82 -5.97
CA HIS A 815 12.74 22.36 -5.18
C HIS A 815 12.29 23.44 -4.22
N GLU A 816 11.23 24.19 -4.58
CA GLU A 816 10.86 25.38 -3.82
C GLU A 816 10.52 25.03 -2.37
N THR A 817 9.62 24.07 -2.16
CA THR A 817 9.17 23.72 -0.81
C THR A 817 10.23 22.99 -0.02
N LEU A 818 10.98 22.10 -0.68
CA LEU A 818 12.04 21.39 0.02
C LEU A 818 13.08 22.35 0.54
N THR A 819 13.50 23.34 -0.28
CA THR A 819 14.49 24.29 0.19
C THR A 819 13.93 25.25 1.22
N ALA A 820 12.67 25.66 1.09
CA ALA A 820 12.07 26.54 2.08
C ALA A 820 12.04 25.89 3.46
N ILE A 821 11.65 24.63 3.53
CA ILE A 821 11.57 24.00 4.84
C ILE A 821 12.95 23.66 5.36
N LEU A 822 13.88 23.26 4.48
CA LEU A 822 15.07 22.62 4.99
C LEU A 822 16.20 23.68 5.03
N GLY A 823 15.90 24.96 4.71
CA GLY A 823 16.85 26.05 4.86
C GLY A 823 17.42 26.20 6.25
N PRO A 824 16.55 26.33 7.26
CA PRO A 824 17.04 26.51 8.63
C PRO A 824 17.97 25.41 9.11
N VAL A 825 17.75 24.16 8.69
CA VAL A 825 18.62 23.07 9.11
C VAL A 825 20.02 23.25 8.54
N VAL A 826 20.13 23.66 7.28
CA VAL A 826 21.43 23.89 6.67
C VAL A 826 22.12 25.09 7.32
N ALA A 827 21.36 26.12 7.69
CA ALA A 827 21.98 27.25 8.37
C ALA A 827 22.49 26.87 9.75
N GLU A 828 21.73 26.05 10.48
CA GLU A 828 22.20 25.52 11.76
C GLU A 828 23.50 24.75 11.58
N ARG A 829 23.53 23.82 10.62
CA ARG A 829 24.75 23.03 10.37
C ARG A 829 25.94 23.93 10.06
N LYS A 830 25.75 24.91 9.18
CA LYS A 830 26.84 25.77 8.75
C LYS A 830 27.33 26.64 9.90
N ALA A 831 26.43 27.09 10.78
CA ALA A 831 26.84 27.89 11.92
C ALA A 831 27.39 27.03 13.05
N MET A 832 27.13 25.73 13.04
CA MET A 832 27.57 24.83 14.10
C MET A 832 28.92 24.20 13.82
N MET A 833 29.30 24.05 12.55
CA MET A 833 30.60 23.48 12.22
C MET A 833 31.76 24.21 12.89
N GLU A 834 31.60 25.49 13.19
CA GLU A 834 32.69 26.28 13.74
C GLU A 834 32.76 26.19 15.26
N SER A 835 31.67 26.48 15.96
CA SER A 835 31.68 26.64 17.40
C SER A 835 31.94 25.32 18.11
N ARG A 836 32.11 25.41 19.43
CA ARG A 836 32.37 24.26 20.26
C ARG A 836 31.31 24.15 21.35
N LEU A 837 30.87 22.94 21.62
CA LEU A 837 29.81 22.70 22.59
C LEU A 837 30.42 22.51 23.98
N ILE A 838 29.69 22.94 25.00
CA ILE A 838 30.09 22.79 26.39
C ILE A 838 28.93 22.18 27.15
N ILE A 839 29.11 20.93 27.62
CA ILE A 839 28.05 20.09 28.14
C ILE A 839 28.52 19.50 29.46
N SER A 840 27.61 19.40 30.44
CA SER A 840 27.92 18.80 31.73
C SER A 840 27.70 17.29 31.63
N VAL A 841 28.80 16.54 31.62
CA VAL A 841 28.80 15.09 31.48
C VAL A 841 29.76 14.50 32.51
N GLY A 842 29.38 13.37 33.10
CA GLY A 842 30.22 12.70 34.08
C GLY A 842 30.61 13.53 35.29
N GLY A 843 29.82 14.55 35.61
CA GLY A 843 30.10 15.45 36.71
C GLY A 843 30.87 16.70 36.35
N LEU A 844 31.44 16.76 35.15
CA LEU A 844 32.28 17.87 34.75
C LEU A 844 31.76 18.46 33.43
N LEU A 845 31.94 19.77 33.26
CA LEU A 845 31.68 20.38 31.98
C LEU A 845 32.84 20.10 31.03
N ARG A 846 32.51 19.78 29.78
CA ARG A 846 33.51 19.40 28.80
C ARG A 846 33.15 20.01 27.44
N SER A 847 34.15 20.12 26.58
CA SER A 847 34.02 20.82 25.31
C SER A 847 34.18 19.82 24.16
N PHE A 848 33.21 19.81 23.26
CA PHE A 848 33.19 18.93 22.11
C PHE A 848 33.25 19.73 20.81
N ARG A 849 33.74 19.10 19.76
CA ARG A 849 33.64 19.60 18.40
C ARG A 849 32.88 18.58 17.55
N PHE A 850 32.29 19.05 16.45
CA PHE A 850 31.48 18.20 15.60
C PHE A 850 32.02 18.18 14.16
N PHE A 851 31.95 17.00 13.54
CA PHE A 851 32.29 16.81 12.12
C PHE A 851 31.14 16.11 11.43
N PHE A 852 30.60 16.72 10.37
CA PHE A 852 29.46 16.19 9.65
C PHE A 852 29.88 15.63 8.31
N ARG A 853 29.29 14.50 7.94
CA ARG A 853 29.55 13.85 6.66
C ARG A 853 28.19 13.44 6.09
N GLY A 854 27.69 14.19 5.13
CA GLY A 854 26.46 13.78 4.48
C GLY A 854 26.71 12.72 3.43
N THR A 855 26.32 11.47 3.72
CA THR A 855 26.54 10.37 2.81
C THR A 855 25.30 9.52 2.52
N GLY A 856 24.20 9.73 3.21
CA GLY A 856 23.06 8.84 3.07
C GLY A 856 22.10 9.19 1.97
N TYR A 857 22.55 9.92 0.96
CA TYR A 857 21.68 10.33 -0.13
C TYR A 857 21.84 9.39 -1.33
N ASP A 858 20.74 9.16 -2.01
CA ASP A 858 20.71 8.49 -3.30
C ASP A 858 21.10 9.48 -4.40
N GLU A 859 21.37 8.96 -5.60
CA GLU A 859 21.91 9.81 -6.67
C GLU A 859 20.94 10.88 -7.12
N LYS A 860 19.64 10.57 -7.17
CA LYS A 860 18.65 11.59 -7.52
C LYS A 860 18.81 12.80 -6.62
N MET A 861 18.88 12.58 -5.32
CA MET A 861 18.96 13.69 -4.37
C MET A 861 20.36 14.28 -4.31
N VAL A 862 21.41 13.50 -4.55
CA VAL A 862 22.75 14.06 -4.62
C VAL A 862 22.86 15.04 -5.79
N ARG A 863 22.23 14.71 -6.91
CA ARG A 863 22.27 15.60 -8.06
C ARG A 863 21.35 16.81 -7.87
N GLU A 864 20.20 16.63 -7.21
CA GLU A 864 19.34 17.78 -6.94
C GLU A 864 20.02 18.77 -6.00
N MET A 865 20.54 18.28 -4.87
CA MET A 865 21.10 19.15 -3.85
C MET A 865 22.43 19.79 -4.26
N GLU A 866 23.02 19.38 -5.38
CA GLU A 866 24.26 19.98 -5.86
C GLU A 866 24.10 20.63 -7.24
N GLY A 867 22.88 20.74 -7.74
CA GLY A 867 22.62 21.50 -8.94
C GLY A 867 22.91 20.80 -10.25
N LEU A 868 23.65 19.69 -10.24
CA LEU A 868 23.92 18.97 -11.47
C LEU A 868 22.62 18.47 -12.09
N GLU A 869 22.66 18.20 -13.38
CA GLU A 869 21.51 17.65 -14.07
C GLU A 869 21.47 16.14 -13.92
N ALA A 870 20.27 15.59 -13.88
CA ALA A 870 20.08 14.20 -13.52
C ALA A 870 19.01 13.58 -14.40
N SER A 871 19.17 12.29 -14.72
CA SER A 871 20.33 11.50 -14.31
C SER A 871 20.86 10.73 -15.50
N GLY A 872 20.12 10.72 -16.59
CA GLY A 872 20.57 10.09 -17.81
C GLY A 872 21.38 11.06 -18.65
N SER A 873 22.08 11.96 -17.98
CA SER A 873 22.78 13.06 -18.62
C SER A 873 24.04 12.57 -19.33
N THR A 874 24.68 13.47 -20.06
CA THR A 874 25.97 13.15 -20.67
C THR A 874 27.04 13.00 -19.60
N TYR A 875 26.96 13.75 -18.51
CA TYR A 875 27.96 13.71 -17.45
C TYR A 875 27.54 12.69 -16.37
N ILE A 876 28.26 11.57 -16.28
CA ILE A 876 27.69 10.46 -15.54
C ILE A 876 28.13 10.54 -14.08
N CYS A 877 29.35 10.97 -13.82
CA CYS A 877 29.94 10.77 -12.49
C CYS A 877 29.67 12.00 -11.65
N THR A 878 29.26 11.78 -10.40
CA THR A 878 29.11 12.90 -9.48
C THR A 878 30.47 13.38 -8.98
N LEU A 879 31.48 12.52 -9.00
CA LEU A 879 32.82 12.85 -8.52
C LEU A 879 33.78 13.29 -9.62
N CYS A 880 33.56 12.89 -10.86
CA CYS A 880 34.51 13.13 -11.95
C CYS A 880 33.82 13.87 -13.08
N ASP A 881 34.61 14.35 -14.03
CA ASP A 881 34.10 15.23 -15.07
C ASP A 881 34.00 14.57 -16.43
N SER A 882 34.11 13.25 -16.50
CA SER A 882 34.08 12.58 -17.79
C SER A 882 32.67 12.43 -18.29
N THR A 883 32.50 12.56 -19.59
CA THR A 883 31.20 12.34 -20.22
C THR A 883 30.96 10.83 -20.37
N ARG A 884 29.88 10.50 -21.05
CA ARG A 884 29.57 9.10 -21.32
C ARG A 884 30.61 8.48 -22.25
N ALA A 885 31.08 9.24 -23.23
CA ALA A 885 32.02 8.68 -24.20
C ALA A 885 33.36 8.37 -23.57
N GLU A 886 33.96 9.35 -22.88
CA GLU A 886 35.26 9.16 -22.25
C GLU A 886 35.21 8.19 -21.08
N ALA A 887 34.03 7.83 -20.60
CA ALA A 887 33.93 6.82 -19.55
C ALA A 887 33.59 5.44 -20.09
N SER A 888 33.10 5.35 -21.33
CA SER A 888 33.02 4.05 -21.98
C SER A 888 34.35 3.68 -22.64
N GLN A 889 35.13 4.69 -23.08
CA GLN A 889 36.44 4.43 -23.67
C GLN A 889 37.42 3.88 -22.64
N ASN A 890 37.78 4.69 -21.64
CA ASN A 890 38.74 4.31 -20.61
C ASN A 890 37.98 4.17 -19.31
N MET A 891 37.79 2.93 -18.85
CA MET A 891 36.87 2.67 -17.75
C MET A 891 37.51 2.86 -16.38
N VAL A 892 38.80 2.59 -16.24
CA VAL A 892 39.41 2.33 -14.94
C VAL A 892 40.43 3.39 -14.54
N LEU A 893 40.47 4.54 -15.21
CA LEU A 893 41.43 5.59 -14.85
C LEU A 893 40.72 6.93 -14.75
N HIS A 894 40.54 7.42 -13.51
CA HIS A 894 39.92 8.71 -13.25
C HIS A 894 40.36 9.18 -11.87
N SER A 895 40.13 10.46 -11.57
CA SER A 895 40.47 11.06 -10.28
C SER A 895 39.33 11.96 -9.80
N ILE A 896 39.05 11.91 -8.50
CA ILE A 896 37.93 12.66 -7.91
C ILE A 896 38.26 14.15 -7.93
N THR A 897 37.36 14.95 -8.50
CA THR A 897 37.49 16.40 -8.56
C THR A 897 36.35 17.14 -7.89
N ARG A 898 35.09 16.78 -8.17
CA ARG A 898 33.93 17.54 -7.73
C ARG A 898 33.87 17.69 -6.22
N SER A 899 33.48 18.88 -5.78
CA SER A 899 33.18 19.16 -4.37
C SER A 899 32.17 20.31 -4.32
N HIS A 900 31.97 20.86 -3.12
CA HIS A 900 30.97 21.91 -2.95
C HIS A 900 31.47 23.24 -3.50
N ASP A 901 32.65 23.67 -3.06
CA ASP A 901 33.10 25.03 -3.35
C ASP A 901 33.28 25.26 -4.84
N GLU A 902 33.91 24.31 -5.53
CA GLU A 902 34.08 24.43 -6.97
C GLU A 902 32.73 24.44 -7.69
N ASN A 903 31.72 23.74 -7.16
CA ASN A 903 30.41 23.79 -7.80
C ASN A 903 29.75 25.15 -7.65
N LEU A 904 29.86 25.76 -6.46
CA LEU A 904 29.41 27.14 -6.30
C LEU A 904 30.08 28.06 -7.32
N GLU A 905 31.40 27.97 -7.42
CA GLU A 905 32.13 28.83 -8.34
C GLU A 905 31.74 28.58 -9.80
N ARG A 906 31.45 27.32 -10.15
CA ARG A 906 31.04 27.02 -11.51
C ARG A 906 29.64 27.53 -11.81
N TYR A 907 28.73 27.51 -10.83
CA TYR A 907 27.45 28.17 -11.03
C TYR A 907 27.65 29.67 -11.27
N GLU A 908 28.56 30.28 -10.51
CA GLU A 908 28.89 31.69 -10.77
C GLU A 908 29.33 31.91 -12.21
N ILE A 909 30.21 31.04 -12.71
CA ILE A 909 30.70 31.21 -14.08
C ILE A 909 29.56 31.04 -15.09
N TRP A 910 28.70 30.04 -14.87
CA TRP A 910 27.58 29.83 -15.80
C TRP A 910 26.60 30.99 -15.78
N ARG A 911 26.51 31.71 -14.66
CA ARG A 911 25.51 32.79 -14.57
C ARG A 911 26.03 34.13 -15.07
N LYS A 912 27.24 34.51 -14.65
CA LYS A 912 27.83 35.75 -15.17
C LYS A 912 28.21 35.61 -16.63
N ASN A 913 28.74 34.46 -17.03
CA ASN A 913 29.13 34.12 -18.40
C ASN A 913 30.06 35.17 -18.95
N PRO A 914 31.32 35.20 -18.51
CA PRO A 914 32.21 36.32 -18.87
C PRO A 914 32.77 36.26 -20.28
N PHE A 915 32.65 35.15 -21.00
CA PHE A 915 33.24 35.02 -22.33
C PHE A 915 32.23 35.05 -23.47
N SER A 916 30.94 35.25 -23.18
CA SER A 916 29.89 35.34 -24.20
C SER A 916 29.87 34.09 -25.07
N GLU A 917 29.86 32.93 -24.43
CA GLU A 917 29.83 31.65 -25.12
C GLU A 917 28.39 31.22 -25.41
N SER A 918 28.24 30.39 -26.43
CA SER A 918 26.95 29.82 -26.74
C SER A 918 26.53 28.84 -25.65
N ALA A 919 25.22 28.53 -25.61
CA ALA A 919 24.67 27.69 -24.55
C ALA A 919 25.32 26.31 -24.55
N ASP A 920 25.36 25.65 -25.70
CA ASP A 920 25.79 24.25 -25.76
C ASP A 920 27.26 24.11 -25.37
N GLU A 921 28.09 25.09 -25.69
CA GLU A 921 29.51 25.02 -25.35
C GLU A 921 29.83 25.58 -23.96
N LEU A 922 29.04 26.54 -23.46
CA LEU A 922 29.18 26.95 -22.07
C LEU A 922 28.80 25.83 -21.12
N ARG A 923 27.82 25.00 -21.50
CA ARG A 923 27.49 23.82 -20.70
C ARG A 923 28.68 22.88 -20.56
N ASP A 924 29.47 22.71 -21.62
CA ASP A 924 30.65 21.85 -21.55
C ASP A 924 31.78 22.52 -20.78
N ARG A 925 31.91 23.85 -20.89
CA ARG A 925 32.96 24.52 -20.13
C ARG A 925 32.69 24.48 -18.63
N VAL A 926 31.41 24.58 -18.22
CA VAL A 926 31.06 24.52 -16.80
C VAL A 926 30.82 23.09 -16.33
N LYS A 927 30.73 22.12 -17.24
CA LYS A 927 30.74 20.70 -16.92
C LYS A 927 29.51 20.26 -16.14
N GLY A 928 28.35 20.80 -16.51
CA GLY A 928 27.08 20.30 -16.05
C GLY A 928 26.45 21.07 -14.90
N VAL A 929 27.05 22.15 -14.43
CA VAL A 929 26.52 22.92 -13.32
C VAL A 929 25.54 23.94 -13.89
N SER A 930 24.24 23.64 -13.81
CA SER A 930 23.18 24.52 -14.30
C SER A 930 22.33 25.10 -13.18
N ALA A 931 22.69 24.86 -11.93
CA ALA A 931 21.93 25.37 -10.80
C ALA A 931 22.87 25.59 -9.62
N LYS A 932 22.42 26.39 -8.67
CA LYS A 932 23.28 26.73 -7.54
C LYS A 932 23.20 25.63 -6.49
N PRO A 933 24.33 25.14 -5.98
CA PRO A 933 24.28 24.10 -4.95
C PRO A 933 23.62 24.62 -3.69
N PHE A 934 22.80 23.77 -3.06
CA PHE A 934 22.05 24.12 -1.87
C PHE A 934 22.61 23.55 -0.58
N MET A 935 23.37 22.46 -0.65
CA MET A 935 23.84 21.78 0.56
C MET A 935 25.09 20.98 0.22
N GLU A 936 25.99 20.90 1.19
CA GLU A 936 27.29 20.25 1.01
C GLU A 936 27.19 18.79 1.39
N THR A 937 27.61 17.91 0.49
CA THR A 937 27.62 16.47 0.73
C THR A 937 29.03 15.96 0.46
N GLN A 938 29.53 15.12 1.36
CA GLN A 938 30.84 14.52 1.15
C GLN A 938 30.87 13.74 -0.17
N PRO A 939 31.97 13.77 -0.91
CA PRO A 939 32.05 13.01 -2.16
C PRO A 939 32.24 11.52 -1.94
N THR A 940 31.14 10.77 -1.78
CA THR A 940 31.23 9.34 -1.55
C THR A 940 30.17 8.60 -2.36
N LEU A 941 30.35 7.29 -2.45
CA LEU A 941 29.42 6.39 -3.13
C LEU A 941 28.44 5.81 -2.13
N ASP A 942 27.21 5.58 -2.58
CA ASP A 942 26.21 4.89 -1.79
C ASP A 942 26.23 3.41 -2.07
N ALA A 943 26.26 2.59 -1.01
CA ALA A 943 26.45 1.16 -1.17
C ALA A 943 25.23 0.50 -1.78
N LEU A 944 24.07 0.64 -1.14
CA LEU A 944 22.93 -0.22 -1.43
C LEU A 944 22.44 -0.02 -2.86
N HIS A 945 22.28 1.23 -3.28
CA HIS A 945 21.80 1.49 -4.63
C HIS A 945 22.86 1.11 -5.67
N CYS A 946 24.14 1.06 -5.28
CA CYS A 946 25.18 0.57 -6.19
C CYS A 946 25.03 -0.93 -6.42
N ASP A 947 24.84 -1.69 -5.34
CA ASP A 947 24.55 -3.10 -5.49
C ASP A 947 23.32 -3.32 -6.36
N ILE A 948 22.27 -2.51 -6.16
CA ILE A 948 21.05 -2.69 -6.94
C ILE A 948 21.28 -2.37 -8.42
N GLY A 949 22.02 -1.30 -8.71
CA GLY A 949 22.33 -0.98 -10.10
C GLY A 949 23.11 -2.08 -10.79
N ASN A 950 24.13 -2.62 -10.11
CA ASN A 950 24.91 -3.68 -10.74
C ASN A 950 24.08 -4.96 -10.90
N ALA A 951 23.16 -5.24 -9.98
CA ALA A 951 22.32 -6.42 -10.12
C ALA A 951 21.34 -6.29 -11.28
N THR A 952 20.78 -5.10 -11.48
CA THR A 952 19.91 -4.92 -12.65
C THR A 952 20.72 -4.94 -13.94
N GLU A 953 21.99 -4.54 -13.89
CA GLU A 953 22.82 -4.60 -15.11
C GLU A 953 23.11 -6.05 -15.49
N PHE A 954 23.49 -6.89 -14.53
CA PHE A 954 23.72 -8.29 -14.84
C PHE A 954 22.41 -9.01 -15.21
N TYR A 955 21.28 -8.61 -14.63
CA TYR A 955 20.01 -9.20 -15.02
C TYR A 955 19.70 -8.90 -16.48
N LYS A 956 20.02 -7.67 -16.94
CA LYS A 956 19.84 -7.36 -18.35
C LYS A 956 20.86 -8.10 -19.23
N ILE A 957 22.08 -8.28 -18.75
CA ILE A 957 23.07 -9.01 -19.53
C ILE A 957 22.62 -10.46 -19.73
N PHE A 958 22.14 -11.08 -18.67
CA PHE A 958 21.70 -12.47 -18.76
C PHE A 958 20.57 -12.59 -19.76
N GLN A 959 19.67 -11.63 -19.75
CA GLN A 959 18.53 -11.65 -20.67
C GLN A 959 19.00 -11.58 -22.11
N ASP A 960 20.01 -10.75 -22.38
CA ASP A 960 20.55 -10.64 -23.72
C ASP A 960 21.18 -11.96 -24.11
N GLU A 961 21.90 -12.56 -23.17
CA GLU A 961 22.56 -13.83 -23.40
C GLU A 961 21.63 -15.00 -23.69
N ILE A 962 20.51 -15.10 -22.97
CA ILE A 962 19.69 -16.29 -23.25
C ILE A 962 19.51 -16.46 -24.74
N GLY A 963 18.89 -15.47 -25.39
CA GLY A 963 18.90 -15.41 -26.83
C GLY A 963 20.26 -14.98 -27.32
N GLU A 964 20.41 -14.98 -28.64
CA GLU A 964 21.66 -14.57 -29.27
C GLU A 964 21.52 -13.10 -29.68
N VAL A 965 22.19 -12.22 -28.94
CA VAL A 965 22.02 -10.79 -29.15
C VAL A 965 23.16 -10.24 -29.99
N TYR A 966 24.34 -10.86 -29.91
CA TYR A 966 25.47 -10.39 -30.68
C TYR A 966 25.55 -10.99 -32.08
N GLN A 967 24.73 -12.00 -32.39
CA GLN A 967 24.57 -12.44 -33.77
C GLN A 967 23.53 -11.59 -34.49
N LYS A 968 22.28 -11.60 -34.01
CA LYS A 968 21.22 -10.78 -34.57
C LYS A 968 21.10 -9.50 -33.76
N PRO A 969 21.65 -8.37 -34.24
CA PRO A 969 21.74 -7.19 -33.39
C PRO A 969 20.43 -6.43 -33.20
N ASN A 970 19.39 -6.76 -33.96
CA ASN A 970 18.13 -6.02 -33.91
C ASN A 970 16.98 -6.98 -33.66
N PRO A 971 16.70 -7.30 -32.40
CA PRO A 971 15.52 -8.08 -32.06
C PRO A 971 14.29 -7.20 -31.84
N SER A 972 13.14 -7.87 -31.69
CA SER A 972 11.88 -7.19 -31.46
C SER A 972 11.51 -7.23 -29.97
N ARG A 973 10.35 -6.66 -29.65
CA ARG A 973 9.86 -6.72 -28.27
C ARG A 973 9.35 -8.12 -27.93
N GLU A 974 8.84 -8.85 -28.94
CA GLU A 974 8.33 -10.20 -28.70
C GLU A 974 9.41 -11.11 -28.15
N GLU A 975 10.56 -11.16 -28.84
CA GLU A 975 11.63 -12.02 -28.40
C GLU A 975 12.22 -11.54 -27.09
N ARG A 976 12.19 -10.23 -26.84
CA ARG A 976 12.67 -9.73 -25.55
C ARG A 976 11.80 -10.24 -24.42
N ARG A 977 10.48 -10.18 -24.58
CA ARG A 977 9.58 -10.71 -23.55
C ARG A 977 9.74 -12.21 -23.40
N ARG A 978 9.96 -12.93 -24.51
CA ARG A 978 10.12 -14.38 -24.43
C ARG A 978 11.40 -14.76 -23.70
N TRP A 979 12.50 -14.06 -23.98
CA TRP A 979 13.75 -14.31 -23.27
C TRP A 979 13.61 -14.00 -21.79
N ARG A 980 12.96 -12.89 -21.44
CA ARG A 980 12.76 -12.57 -20.03
C ARG A 980 11.90 -13.62 -19.35
N SER A 981 10.87 -14.10 -20.03
CA SER A 981 9.98 -15.11 -19.44
C SER A 981 10.73 -16.41 -19.17
N THR A 982 11.51 -16.89 -20.14
CA THR A 982 12.24 -18.13 -19.89
C THR A 982 13.33 -17.93 -18.84
N LEU A 983 13.92 -16.73 -18.76
CA LEU A 983 14.89 -16.48 -17.69
C LEU A 983 14.24 -16.52 -16.32
N ASP A 984 13.06 -15.92 -16.17
CA ASP A 984 12.41 -15.95 -14.88
C ASP A 984 11.94 -17.34 -14.51
N LYS A 985 11.46 -18.11 -15.49
CA LYS A 985 11.05 -19.48 -15.19
C LYS A 985 12.23 -20.34 -14.75
N GLN A 986 13.36 -20.21 -15.43
CA GLN A 986 14.54 -20.98 -15.04
C GLN A 986 15.08 -20.54 -13.68
N LEU A 987 15.10 -19.23 -13.39
CA LEU A 987 15.55 -18.77 -12.09
C LEU A 987 14.62 -19.24 -10.97
N ARG A 988 13.31 -19.26 -11.22
CA ARG A 988 12.39 -19.73 -10.19
C ARG A 988 12.52 -21.23 -9.96
N LYS A 989 12.77 -22.00 -11.02
CA LYS A 989 12.83 -23.45 -10.86
C LYS A 989 14.00 -23.89 -9.99
N LYS A 990 15.13 -23.19 -10.04
CA LYS A 990 16.33 -23.61 -9.34
C LYS A 990 16.76 -22.69 -8.22
N MET A 991 16.89 -21.39 -8.47
CA MET A 991 17.35 -20.47 -7.43
C MET A 991 16.26 -20.09 -6.43
N LYS A 992 15.01 -20.45 -6.70
CA LYS A 992 13.87 -20.15 -5.82
C LYS A 992 13.65 -18.64 -5.70
N LEU A 993 13.47 -17.98 -6.84
CA LEU A 993 13.26 -16.54 -6.89
C LEU A 993 12.06 -16.23 -7.78
N LYS A 994 10.97 -15.76 -7.19
CA LYS A 994 9.87 -15.24 -7.99
C LYS A 994 10.33 -13.99 -8.73
N PRO A 995 9.64 -13.63 -9.82
CA PRO A 995 10.02 -12.41 -10.54
C PRO A 995 9.76 -11.17 -9.71
N VAL A 996 10.39 -10.07 -10.10
CA VAL A 996 10.31 -8.82 -9.36
C VAL A 996 9.78 -7.71 -10.25
N MET A 997 9.00 -6.83 -9.66
CA MET A 997 8.60 -5.60 -10.35
C MET A 997 9.76 -4.63 -10.42
N ARG A 998 10.49 -4.46 -9.33
CA ARG A 998 11.66 -3.59 -9.28
C ARG A 998 12.71 -4.22 -8.38
N MET A 999 13.98 -4.07 -8.74
CA MET A 999 15.07 -4.80 -8.11
C MET A 999 15.31 -4.26 -6.71
N ASN A 1000 14.79 -4.95 -5.70
CA ASN A 1000 15.05 -4.61 -4.31
C ASN A 1000 16.36 -5.25 -3.86
N GLY A 1001 16.85 -4.82 -2.69
CA GLY A 1001 18.18 -5.22 -2.26
C GLY A 1001 18.34 -6.72 -2.07
N ASN A 1002 17.32 -7.39 -1.55
CA ASN A 1002 17.46 -8.80 -1.20
C ASN A 1002 17.55 -9.68 -2.46
N TYR A 1003 16.73 -9.40 -3.46
CA TYR A 1003 16.86 -10.09 -4.74
C TYR A 1003 18.20 -9.82 -5.39
N ALA A 1004 18.82 -8.69 -5.08
CA ALA A 1004 20.14 -8.36 -5.61
C ALA A 1004 21.26 -9.06 -4.85
N ARG A 1005 21.04 -9.44 -3.59
CA ARG A 1005 22.01 -10.29 -2.91
C ARG A 1005 21.90 -11.74 -3.37
N ARG A 1006 20.68 -12.20 -3.62
CA ARG A 1006 20.50 -13.60 -4.03
C ARG A 1006 20.78 -13.84 -5.51
N LEU A 1007 20.72 -12.81 -6.35
CA LEU A 1007 20.92 -13.03 -7.78
C LEU A 1007 22.39 -13.12 -8.15
N MET A 1008 23.23 -12.26 -7.58
CA MET A 1008 24.64 -12.23 -7.95
C MET A 1008 25.45 -13.12 -7.02
N THR A 1009 25.24 -14.43 -7.20
CA THR A 1009 26.04 -15.47 -6.59
C THR A 1009 26.30 -16.53 -7.65
N ARG A 1010 27.33 -17.35 -7.43
CA ARG A 1010 27.79 -18.24 -8.50
C ARG A 1010 26.78 -19.34 -8.81
N GLU A 1011 25.99 -19.73 -7.81
CA GLU A 1011 24.95 -20.72 -8.06
C GLU A 1011 23.96 -20.22 -9.11
N ALA A 1012 23.57 -18.95 -9.03
CA ALA A 1012 22.61 -18.42 -9.99
C ALA A 1012 23.19 -18.36 -11.39
N VAL A 1013 24.44 -17.92 -11.52
CA VAL A 1013 25.08 -17.87 -12.83
C VAL A 1013 25.19 -19.27 -13.43
N GLU A 1014 25.64 -20.25 -12.65
CA GLU A 1014 25.68 -21.62 -13.16
C GLU A 1014 24.29 -22.21 -13.39
N ALA A 1015 23.25 -21.58 -12.84
CA ALA A 1015 21.87 -21.93 -13.16
C ALA A 1015 21.38 -21.25 -14.42
N VAL A 1016 22.06 -20.20 -14.88
CA VAL A 1016 21.78 -19.57 -16.17
C VAL A 1016 22.82 -19.90 -17.23
N CYS A 1017 23.93 -20.55 -16.85
CA CYS A 1017 24.93 -20.95 -17.84
C CYS A 1017 24.41 -22.05 -18.76
N GLU A 1018 23.49 -22.87 -18.29
CA GLU A 1018 22.96 -23.98 -19.08
C GLU A 1018 21.99 -23.52 -20.15
N LEU A 1019 21.47 -22.29 -20.05
CA LEU A 1019 20.55 -21.79 -21.07
C LEU A 1019 21.29 -21.31 -22.32
N VAL A 1020 22.39 -20.58 -22.14
CA VAL A 1020 23.15 -20.01 -23.24
C VAL A 1020 23.85 -21.12 -24.01
N PRO A 1021 23.56 -21.30 -25.30
CA PRO A 1021 24.07 -22.49 -26.00
C PRO A 1021 25.57 -22.48 -26.25
N SER A 1022 26.15 -21.35 -26.62
CA SER A 1022 27.58 -21.29 -26.90
C SER A 1022 28.40 -21.59 -25.65
N GLU A 1023 29.43 -22.42 -25.81
CA GLU A 1023 30.27 -22.82 -24.68
C GLU A 1023 31.32 -21.78 -24.33
N GLU A 1024 31.53 -20.78 -25.18
CA GLU A 1024 32.51 -19.74 -24.86
C GLU A 1024 31.89 -18.62 -24.05
N ARG A 1025 30.69 -18.18 -24.44
CA ARG A 1025 29.98 -17.17 -23.67
C ARG A 1025 29.73 -17.62 -22.23
N ARG A 1026 29.55 -18.93 -22.03
CA ARG A 1026 29.38 -19.46 -20.69
C ARG A 1026 30.59 -19.13 -19.81
N GLU A 1027 31.77 -19.57 -20.24
CA GLU A 1027 32.99 -19.25 -19.50
C GLU A 1027 33.15 -17.75 -19.35
N ALA A 1028 32.77 -16.99 -20.37
CA ALA A 1028 32.92 -15.53 -20.31
C ALA A 1028 32.12 -14.94 -19.14
N LEU A 1029 30.81 -15.16 -19.13
CA LEU A 1029 30.00 -14.58 -18.06
C LEU A 1029 30.28 -15.23 -16.72
N LEU A 1030 30.81 -16.46 -16.70
CA LEU A 1030 31.16 -17.08 -15.43
C LEU A 1030 32.37 -16.40 -14.81
N LYS A 1031 33.41 -16.12 -15.62
CA LYS A 1031 34.54 -15.37 -15.11
C LYS A 1031 34.16 -13.95 -14.74
N LEU A 1032 33.19 -13.36 -15.45
CA LEU A 1032 32.70 -12.03 -15.07
C LEU A 1032 32.09 -12.05 -13.68
N MET A 1033 31.15 -12.97 -13.44
CA MET A 1033 30.56 -13.10 -12.11
C MET A 1033 31.62 -13.37 -11.05
N ASP A 1034 32.64 -14.16 -11.38
CA ASP A 1034 33.70 -14.44 -10.40
C ASP A 1034 34.46 -13.18 -10.04
N LEU A 1035 34.83 -12.38 -11.04
CA LEU A 1035 35.55 -11.14 -10.74
C LEU A 1035 34.70 -10.19 -9.92
N TYR A 1036 33.40 -10.13 -10.21
CA TYR A 1036 32.52 -9.23 -9.44
C TYR A 1036 32.39 -9.70 -7.99
N LEU A 1037 32.25 -11.01 -7.78
CA LEU A 1037 32.17 -11.54 -6.43
C LEU A 1037 33.50 -11.34 -5.69
N GLN A 1038 34.60 -11.24 -6.43
CA GLN A 1038 35.90 -10.97 -5.81
C GLN A 1038 36.06 -9.52 -5.41
N MET A 1039 35.49 -8.59 -6.17
CA MET A 1039 35.63 -7.18 -5.85
C MET A 1039 34.49 -6.61 -5.00
N LYS A 1040 33.44 -7.40 -4.70
CA LYS A 1040 32.33 -6.88 -3.91
C LYS A 1040 32.67 -6.59 -2.45
N PRO A 1041 33.29 -7.51 -1.69
CA PRO A 1041 33.46 -7.25 -0.25
C PRO A 1041 34.35 -6.07 0.06
N VAL A 1042 35.07 -5.50 -0.90
CA VAL A 1042 35.85 -4.31 -0.59
C VAL A 1042 34.92 -3.14 -0.30
N TRP A 1043 33.86 -2.97 -1.08
CA TRP A 1043 32.96 -1.85 -0.86
C TRP A 1043 31.78 -2.19 0.04
N ARG A 1044 31.33 -3.44 0.09
CA ARG A 1044 30.14 -3.73 0.89
C ARG A 1044 30.44 -4.00 2.36
N SER A 1045 31.71 -4.12 2.76
CA SER A 1045 32.05 -4.42 4.14
C SER A 1045 32.14 -3.15 4.97
N THR A 1046 31.96 -3.32 6.29
CA THR A 1046 32.06 -2.18 7.20
C THR A 1046 33.46 -1.61 7.20
N CYS A 1047 34.46 -2.44 7.45
CA CYS A 1047 35.85 -2.01 7.45
C CYS A 1047 36.65 -3.01 6.62
N PRO A 1048 36.87 -2.72 5.34
CA PRO A 1048 37.66 -3.64 4.51
C PRO A 1048 39.10 -3.75 4.96
N SER A 1049 39.63 -2.73 5.65
CA SER A 1049 41.03 -2.73 6.04
C SER A 1049 41.35 -3.87 7.01
N ARG A 1050 40.36 -4.35 7.76
CA ARG A 1050 40.57 -5.44 8.71
C ARG A 1050 39.92 -6.75 8.30
N ASP A 1051 38.68 -6.72 7.80
CA ASP A 1051 37.94 -7.94 7.53
C ASP A 1051 38.32 -8.60 6.20
N CYS A 1052 38.85 -7.85 5.24
CA CYS A 1052 39.23 -8.41 3.95
C CYS A 1052 40.36 -7.59 3.36
N PRO A 1053 41.58 -7.78 3.83
CA PRO A 1053 42.71 -6.97 3.34
C PRO A 1053 43.19 -7.36 1.96
N ASP A 1054 43.16 -8.67 1.65
CA ASP A 1054 43.72 -9.15 0.39
C ASP A 1054 42.87 -8.72 -0.80
N GLN A 1055 41.54 -8.75 -0.66
CA GLN A 1055 40.69 -8.24 -1.72
C GLN A 1055 40.84 -6.74 -1.89
N LEU A 1056 41.11 -6.03 -0.80
CA LEU A 1056 41.39 -4.60 -0.90
C LEU A 1056 42.67 -4.33 -1.69
N CYS A 1057 43.72 -5.10 -1.42
CA CYS A 1057 45.01 -4.85 -2.08
C CYS A 1057 44.95 -5.09 -3.58
N GLN A 1058 44.08 -6.00 -4.05
CA GLN A 1058 44.03 -6.38 -5.44
C GLN A 1058 42.85 -5.78 -6.19
N TYR A 1059 42.17 -4.79 -5.62
CA TYR A 1059 40.96 -4.26 -6.25
C TYR A 1059 41.29 -3.60 -7.59
N SER A 1060 42.39 -2.86 -7.67
CA SER A 1060 42.72 -2.14 -8.90
C SER A 1060 42.95 -3.11 -10.05
N TYR A 1061 43.79 -4.13 -9.85
CA TYR A 1061 44.09 -5.09 -10.89
C TYR A 1061 42.85 -5.89 -11.28
N ASN A 1062 42.05 -6.29 -10.29
CA ASN A 1062 40.86 -7.07 -10.58
C ASN A 1062 39.85 -6.27 -11.38
N SER A 1063 39.70 -4.98 -11.06
CA SER A 1063 38.82 -4.12 -11.85
C SER A 1063 39.37 -3.90 -13.24
N GLN A 1064 40.69 -3.84 -13.37
CA GLN A 1064 41.31 -3.75 -14.69
C GLN A 1064 40.91 -4.94 -15.55
N GLN A 1065 41.03 -6.15 -15.00
CA GLN A 1065 40.64 -7.34 -15.77
C GLN A 1065 39.15 -7.37 -16.05
N PHE A 1066 38.33 -6.92 -15.10
CA PHE A 1066 36.89 -6.84 -15.30
C PHE A 1066 36.56 -5.95 -16.49
N ALA A 1067 37.09 -4.73 -16.49
CA ALA A 1067 36.84 -3.79 -17.58
C ALA A 1067 37.41 -4.31 -18.89
N ASP A 1068 38.53 -5.02 -18.85
CA ASP A 1068 39.10 -5.58 -20.07
C ASP A 1068 38.18 -6.64 -20.67
N LEU A 1069 37.65 -7.53 -19.83
CA LEU A 1069 36.70 -8.53 -20.34
C LEU A 1069 35.45 -7.88 -20.90
N LEU A 1070 34.96 -6.82 -20.25
CA LEU A 1070 33.79 -6.10 -20.76
C LEU A 1070 34.07 -5.49 -22.14
N SER A 1071 35.16 -4.73 -22.26
CA SER A 1071 35.52 -4.10 -23.53
C SER A 1071 35.74 -5.12 -24.63
N SER A 1072 36.31 -6.28 -24.31
CA SER A 1072 36.66 -7.25 -25.34
C SER A 1072 35.45 -8.03 -25.81
N MET A 1073 34.79 -8.76 -24.90
CA MET A 1073 33.82 -9.75 -25.36
C MET A 1073 32.40 -9.21 -25.43
N PHE A 1074 32.01 -8.31 -24.52
CA PHE A 1074 30.65 -7.78 -24.51
C PHE A 1074 30.52 -6.44 -25.22
N LYS A 1075 31.44 -6.12 -26.15
CA LYS A 1075 31.47 -4.78 -26.71
C LYS A 1075 30.16 -4.39 -27.40
N TYR A 1076 29.41 -5.37 -27.91
CA TYR A 1076 28.13 -5.07 -28.53
C TYR A 1076 27.22 -4.28 -27.60
N ARG A 1077 27.37 -4.45 -26.29
CA ARG A 1077 26.55 -3.75 -25.31
C ARG A 1077 27.24 -2.53 -24.71
N TYR A 1078 28.57 -2.55 -24.58
CA TYR A 1078 29.29 -1.52 -23.83
C TYR A 1078 30.23 -0.72 -24.75
N ASP A 1079 29.81 -0.52 -26.00
CA ASP A 1079 30.54 0.33 -26.92
C ASP A 1079 30.65 1.76 -26.41
N GLY A 1080 29.51 2.45 -26.27
CA GLY A 1080 29.51 3.84 -25.86
C GLY A 1080 28.56 4.17 -24.73
N LYS A 1081 28.03 3.17 -24.04
CA LYS A 1081 27.04 3.40 -22.99
C LYS A 1081 27.35 2.55 -21.77
N ILE A 1082 27.69 3.20 -20.66
CA ILE A 1082 27.86 2.55 -19.38
C ILE A 1082 26.90 3.21 -18.38
N THR A 1083 26.42 2.45 -17.40
CA THR A 1083 25.59 3.03 -16.32
C THR A 1083 26.42 3.84 -15.30
N ASN A 1084 25.81 4.51 -14.26
CA ASN A 1084 26.72 5.61 -13.85
C ASN A 1084 27.36 4.81 -12.69
N TYR A 1085 26.66 3.78 -12.19
CA TYR A 1085 27.17 2.99 -11.06
C TYR A 1085 28.33 2.07 -11.46
N LEU A 1086 28.31 1.54 -12.69
CA LEU A 1086 29.46 0.77 -13.15
C LEU A 1086 30.71 1.64 -13.20
N HIS A 1087 30.57 2.87 -13.67
CA HIS A 1087 31.70 3.80 -13.65
C HIS A 1087 32.16 4.07 -12.23
N LYS A 1088 31.22 4.39 -11.33
CA LYS A 1088 31.60 4.69 -9.95
C LYS A 1088 32.33 3.54 -9.29
N THR A 1089 31.93 2.29 -9.59
CA THR A 1089 32.50 1.13 -8.92
C THR A 1089 33.72 0.57 -9.64
N LEU A 1090 33.97 0.96 -10.89
CA LEU A 1090 35.18 0.54 -11.58
C LEU A 1090 36.27 1.60 -11.61
N ALA A 1091 35.98 2.82 -11.17
CA ALA A 1091 36.98 3.90 -11.25
C ALA A 1091 37.37 4.49 -9.91
N HIS A 1092 36.41 4.74 -9.01
CA HIS A 1092 36.65 5.58 -7.84
C HIS A 1092 36.70 4.83 -6.51
N VAL A 1093 36.61 3.50 -6.50
CA VAL A 1093 36.49 2.76 -5.24
C VAL A 1093 37.78 2.77 -4.41
N PRO A 1094 38.97 2.51 -4.99
CA PRO A 1094 40.17 2.58 -4.15
C PRO A 1094 40.39 3.93 -3.50
N GLU A 1095 40.18 5.02 -4.23
CA GLU A 1095 40.34 6.35 -3.67
C GLU A 1095 39.34 6.62 -2.55
N ILE A 1096 38.11 6.13 -2.71
CA ILE A 1096 37.08 6.30 -1.68
C ILE A 1096 37.47 5.56 -0.41
N VAL A 1097 37.80 4.27 -0.51
CA VAL A 1097 38.15 3.50 0.68
C VAL A 1097 39.47 3.95 1.28
N GLU A 1098 40.29 4.68 0.53
CA GLU A 1098 41.51 5.24 1.11
C GLU A 1098 41.24 6.55 1.85
N ARG A 1099 40.33 7.39 1.34
CA ARG A 1099 40.08 8.69 1.96
C ARG A 1099 39.56 8.54 3.37
N ASP A 1100 38.44 7.83 3.54
CA ASP A 1100 37.82 7.63 4.84
C ASP A 1100 38.31 6.34 5.50
N GLY A 1101 38.20 5.22 4.80
CA GLY A 1101 38.51 3.93 5.36
C GLY A 1101 37.33 2.97 5.32
N SER A 1102 36.19 3.38 4.79
CA SER A 1102 35.02 2.52 4.77
C SER A 1102 34.04 3.03 3.72
N ILE A 1103 33.19 2.12 3.26
CA ILE A 1103 32.12 2.49 2.35
C ILE A 1103 30.78 2.06 2.94
N GLY A 1104 30.60 0.76 3.17
CA GLY A 1104 29.33 0.25 3.62
C GLY A 1104 28.87 0.82 4.95
N ALA A 1105 29.79 1.30 5.77
CA ALA A 1105 29.42 1.86 7.07
C ALA A 1105 28.74 3.21 6.93
N TRP A 1106 28.87 3.88 5.79
CA TRP A 1106 28.21 5.16 5.56
C TRP A 1106 27.04 5.04 4.59
N ALA A 1107 26.55 3.82 4.36
CA ALA A 1107 25.47 3.59 3.42
C ALA A 1107 24.18 4.25 3.89
N SER A 1108 23.21 4.32 2.99
CA SER A 1108 21.90 4.86 3.27
C SER A 1108 20.94 3.85 3.89
N GLU A 1109 21.44 2.69 4.34
CA GLU A 1109 20.59 1.68 4.97
C GLU A 1109 19.82 2.22 6.16
N GLY A 1110 20.49 3.01 7.01
CA GLY A 1110 19.85 3.47 8.24
C GLY A 1110 18.54 4.20 8.00
N ASN A 1111 18.47 4.98 6.93
CA ASN A 1111 17.25 5.74 6.68
C ASN A 1111 16.23 4.91 5.91
N GLU A 1112 16.68 4.18 4.88
CA GLU A 1112 15.79 3.30 4.13
C GLU A 1112 15.03 2.36 5.06
N SER A 1113 15.74 1.76 6.02
CA SER A 1113 15.10 0.81 6.92
C SER A 1113 14.26 1.52 7.98
N GLY A 1114 14.71 2.69 8.44
CA GLY A 1114 13.88 3.51 9.31
C GLY A 1114 12.52 3.86 8.73
N ASN A 1115 12.42 3.97 7.40
CA ASN A 1115 11.11 4.17 6.77
C ASN A 1115 10.09 3.13 7.22
N LYS A 1116 10.52 1.88 7.42
CA LYS A 1116 9.63 0.85 7.94
C LYS A 1116 9.05 1.26 9.28
N LEU A 1117 9.90 1.74 10.18
CA LEU A 1117 9.44 2.24 11.46
C LEU A 1117 8.50 3.41 11.30
N PHE A 1118 8.76 4.29 10.32
CA PHE A 1118 7.87 5.42 10.09
C PHE A 1118 6.48 4.97 9.70
N ARG A 1119 6.39 3.97 8.83
CA ARG A 1119 5.08 3.47 8.43
C ARG A 1119 4.37 2.79 9.59
N ARG A 1120 5.08 1.95 10.34
CA ARG A 1120 4.42 1.29 11.46
C ARG A 1120 4.09 2.23 12.62
N PHE A 1121 4.71 3.41 12.69
CA PHE A 1121 4.38 4.39 13.72
C PHE A 1121 3.32 5.40 13.28
N ARG A 1122 3.13 5.58 11.97
CA ARG A 1122 2.02 6.37 11.47
C ARG A 1122 0.73 5.56 11.44
N LYS A 1123 0.80 4.23 11.43
CA LYS A 1123 -0.43 3.46 11.46
C LYS A 1123 -0.86 3.09 12.88
N MET A 1124 0.07 2.72 13.75
CA MET A 1124 -0.26 2.15 15.06
C MET A 1124 -0.12 3.12 16.23
N ASN A 1125 0.90 3.98 16.21
CA ASN A 1125 1.18 4.84 17.35
C ASN A 1125 0.99 6.34 17.28
N ALA A 1126 0.22 6.84 16.32
CA ALA A 1126 0.05 8.28 16.24
C ALA A 1126 -1.41 8.67 16.23
N ARG A 1127 -1.71 9.88 16.69
CA ARG A 1127 -3.06 10.37 16.72
C ARG A 1127 -3.56 10.44 15.29
N GLN A 1128 -4.80 10.02 15.07
CA GLN A 1128 -5.34 10.02 13.72
C GLN A 1128 -5.90 11.35 13.28
N SER A 1129 -5.03 12.33 13.11
CA SER A 1129 -5.45 13.64 12.65
C SER A 1129 -4.33 14.28 11.85
N LYS A 1130 -4.66 15.15 10.91
CA LYS A 1130 -3.65 15.82 10.11
C LYS A 1130 -2.82 16.81 10.92
N THR A 1131 -3.39 17.40 11.96
CA THR A 1131 -2.67 18.44 12.71
C THR A 1131 -1.59 17.85 13.63
N PHE A 1132 -1.95 16.85 14.44
CA PHE A 1132 -1.08 16.40 15.52
C PHE A 1132 -0.13 15.26 15.14
N GLU A 1133 -0.41 14.51 14.07
CA GLU A 1133 0.15 13.17 13.95
C GLU A 1133 1.65 13.15 13.64
N LEU A 1134 2.16 14.16 12.94
CA LEU A 1134 3.60 14.22 12.72
C LEU A 1134 4.35 14.38 14.03
N GLU A 1135 3.77 15.09 14.99
CA GLU A 1135 4.39 15.24 16.30
C GLU A 1135 4.49 13.92 17.04
N ASP A 1136 3.44 13.08 16.95
CA ASP A 1136 3.47 11.80 17.63
C ASP A 1136 4.47 10.84 16.98
N ILE A 1137 4.49 10.79 15.65
CA ILE A 1137 5.47 9.93 14.99
C ILE A 1137 6.88 10.36 15.36
N LEU A 1138 7.13 11.67 15.37
CA LEU A 1138 8.47 12.15 15.71
C LEU A 1138 8.86 11.79 17.14
N LYS A 1139 7.95 11.97 18.10
CA LYS A 1139 8.29 11.67 19.49
C LYS A 1139 8.52 10.17 19.69
N HIS A 1140 7.61 9.33 19.19
CA HIS A 1140 7.77 7.90 19.40
C HIS A 1140 8.96 7.34 18.65
N HIS A 1141 9.28 7.88 17.49
CA HIS A 1141 10.46 7.40 16.77
C HIS A 1141 11.74 7.90 17.42
N TRP A 1142 11.70 9.03 18.14
CA TRP A 1142 12.88 9.41 18.91
C TRP A 1142 13.04 8.54 20.13
N LEU A 1143 11.94 8.08 20.72
CA LEU A 1143 12.05 7.21 21.90
C LEU A 1143 12.51 5.81 21.54
N TYR A 1144 12.12 5.31 20.36
CA TYR A 1144 12.52 3.95 19.97
C TYR A 1144 14.02 3.86 19.72
N THR A 1145 14.65 4.95 19.34
CA THR A 1145 16.04 4.94 18.90
C THR A 1145 17.02 5.43 19.96
N SER A 1146 16.62 5.45 21.24
CA SER A 1146 17.54 5.82 22.29
C SER A 1146 18.38 4.63 22.74
N LYS A 1147 19.57 4.92 23.26
CA LYS A 1147 20.41 3.87 23.82
C LYS A 1147 20.02 3.55 25.25
N TYR A 1148 19.66 4.58 26.03
CA TYR A 1148 19.39 4.36 27.45
C TYR A 1148 18.21 3.43 27.66
N LEU A 1149 17.22 3.46 26.76
CA LEU A 1149 16.11 2.53 26.86
C LEU A 1149 16.40 1.17 26.23
N GLN A 1150 17.41 1.09 25.37
CA GLN A 1150 17.87 -0.19 24.83
C GLN A 1150 18.84 -0.92 25.76
N LYS A 1151 19.34 -0.25 26.80
CA LYS A 1151 20.18 -0.96 27.76
C LYS A 1151 19.39 -2.01 28.52
N PHE A 1152 18.10 -1.75 28.77
CA PHE A 1152 17.27 -2.66 29.57
C PHE A 1152 16.75 -3.86 28.78
N MET A 1153 16.89 -3.89 27.46
CA MET A 1153 16.37 -5.03 26.70
C MET A 1153 17.19 -6.28 26.98
N GLU A 1154 18.48 -6.14 27.24
CA GLU A 1154 19.29 -7.29 27.63
C GLU A 1154 19.28 -7.49 29.14
N ALA A 1155 19.46 -6.42 29.92
CA ALA A 1155 19.46 -6.47 31.38
C ALA A 1155 20.45 -7.51 31.90
N HIS A 1156 21.67 -7.46 31.36
CA HIS A 1156 22.73 -8.42 31.69
C HIS A 1156 22.25 -9.86 31.53
N LYS A 1157 21.71 -10.16 30.36
CA LYS A 1157 21.26 -11.50 29.99
C LYS A 1157 20.19 -12.05 30.94
N MET B 4 -16.23 41.65 -23.54
CA MET B 4 -15.90 40.78 -22.42
C MET B 4 -16.35 39.35 -22.68
N SER B 5 -15.38 38.42 -22.68
CA SER B 5 -15.68 37.02 -22.91
C SER B 5 -14.56 36.17 -22.32
N LEU B 6 -14.88 34.90 -22.05
CA LEU B 6 -13.89 33.97 -21.53
C LEU B 6 -14.03 32.64 -22.26
N GLN B 7 -12.89 32.01 -22.55
CA GLN B 7 -12.89 30.69 -23.14
C GLN B 7 -11.90 29.79 -22.41
N PRO B 8 -12.29 28.56 -22.06
CA PRO B 8 -11.35 27.63 -21.46
C PRO B 8 -10.29 27.19 -22.45
N LEU B 9 -9.06 27.02 -21.96
CA LEU B 9 -7.96 26.57 -22.79
C LEU B 9 -7.49 25.21 -22.31
N THR B 10 -7.16 24.34 -23.26
CA THR B 10 -6.62 23.03 -22.93
C THR B 10 -5.12 23.12 -22.68
N ALA B 11 -4.70 22.68 -21.49
CA ALA B 11 -3.31 22.75 -21.07
C ALA B 11 -2.52 21.60 -21.71
N VAL B 12 -2.26 21.74 -23.00
CA VAL B 12 -1.48 20.74 -23.74
C VAL B 12 -0.12 20.57 -23.08
N ASN B 13 0.58 19.51 -23.45
CA ASN B 13 1.76 19.02 -22.74
C ASN B 13 2.74 20.13 -22.39
N CYS B 14 3.56 19.87 -21.38
CA CYS B 14 4.39 20.89 -20.73
C CYS B 14 3.52 22.05 -20.23
N GLY B 15 2.69 21.72 -19.25
CA GLY B 15 1.99 22.72 -18.47
C GLY B 15 2.38 22.67 -17.00
N SER B 16 3.40 21.88 -16.68
CA SER B 16 3.92 21.72 -15.34
C SER B 16 4.99 22.74 -14.99
N LEU B 17 5.26 23.69 -15.88
CA LEU B 17 6.25 24.74 -15.69
C LEU B 17 5.62 26.06 -15.26
N VAL B 18 4.30 26.08 -15.07
CA VAL B 18 3.56 27.24 -14.58
C VAL B 18 3.39 27.11 -13.08
N GLN B 19 3.84 28.10 -12.33
CA GLN B 19 3.72 28.11 -10.88
C GLN B 19 2.86 29.29 -10.45
N PRO B 20 2.39 29.34 -9.20
CA PRO B 20 1.49 30.44 -8.80
C PRO B 20 2.03 31.83 -9.09
N GLY B 21 3.29 32.11 -8.73
CA GLY B 21 3.92 33.36 -9.12
C GLY B 21 4.72 33.19 -10.38
N PHE B 22 4.50 34.08 -11.35
CA PHE B 22 5.21 34.05 -12.63
C PHE B 22 4.87 35.29 -13.42
N SER B 23 5.57 35.49 -14.54
CA SER B 23 5.47 36.72 -15.31
C SER B 23 5.20 36.40 -16.78
N LEU B 24 4.44 37.29 -17.43
CA LEU B 24 4.27 37.26 -18.88
C LEU B 24 4.87 38.53 -19.46
N LEU B 25 5.99 38.42 -20.14
CA LEU B 25 6.64 39.57 -20.78
C LEU B 25 6.11 39.66 -22.20
N ASP B 26 5.38 40.72 -22.51
CA ASP B 26 4.73 40.89 -23.79
C ASP B 26 5.60 41.81 -24.65
N LEU B 27 6.26 41.23 -25.64
CA LEU B 27 7.11 42.01 -26.54
C LEU B 27 7.05 41.39 -27.92
N GLU B 28 6.88 42.23 -28.93
CA GLU B 28 6.97 41.83 -30.34
C GLU B 28 6.05 40.66 -30.66
N GLY B 29 4.74 40.94 -30.62
CA GLY B 29 3.77 39.94 -30.98
C GLY B 29 3.56 38.90 -29.90
N ASP B 30 4.09 37.70 -30.12
CA ASP B 30 3.98 36.64 -29.13
C ASP B 30 4.57 37.09 -27.80
N VAL B 31 3.99 36.59 -26.72
CA VAL B 31 4.41 36.90 -25.37
C VAL B 31 5.15 35.71 -24.77
N TYR B 32 6.02 36.00 -23.79
CA TYR B 32 6.99 35.05 -23.25
C TYR B 32 6.70 34.81 -21.78
N LEU B 33 6.36 33.56 -21.46
CA LEU B 33 6.25 33.14 -20.07
C LEU B 33 7.63 33.09 -19.44
N PHE B 34 7.68 33.42 -18.15
CA PHE B 34 8.94 33.56 -17.43
C PHE B 34 8.71 33.26 -15.96
N GLY B 35 9.70 32.63 -15.33
CA GLY B 35 9.53 32.17 -13.97
C GLY B 35 9.12 30.72 -13.91
N GLN B 36 9.84 29.88 -14.64
CA GLN B 36 9.58 28.44 -14.67
C GLN B 36 9.66 27.85 -13.27
N LYS B 37 8.89 26.79 -13.05
CA LYS B 37 8.94 26.06 -11.78
C LYS B 37 10.24 25.27 -11.67
N GLY B 38 10.90 25.37 -10.51
CA GLY B 38 12.17 24.70 -10.32
C GLY B 38 13.25 25.33 -11.16
N TRP B 39 14.43 24.73 -11.11
CA TRP B 39 15.54 25.21 -11.92
C TRP B 39 15.32 24.84 -13.39
N PRO B 40 16.04 25.50 -14.31
CA PRO B 40 15.84 25.20 -15.73
C PRO B 40 16.31 23.80 -16.07
N LYS B 41 15.37 22.95 -16.48
CA LYS B 41 15.69 21.61 -16.95
C LYS B 41 16.20 21.67 -18.38
N ARG B 42 17.08 20.73 -18.73
CA ARG B 42 17.77 20.83 -20.02
C ARG B 42 16.85 20.58 -21.21
N SER B 43 15.55 20.33 -21.01
CA SER B 43 14.60 20.40 -22.11
C SER B 43 14.57 21.81 -22.70
N CYS B 44 14.75 22.82 -21.86
CA CYS B 44 14.86 24.21 -22.31
C CYS B 44 15.88 24.92 -21.42
N PRO B 45 17.16 24.87 -21.80
CA PRO B 45 18.22 25.30 -20.89
C PRO B 45 18.22 26.80 -20.61
N THR B 46 17.33 27.56 -21.24
CA THR B 46 17.27 29.00 -20.98
C THR B 46 16.43 29.29 -19.74
N GLY B 47 15.18 28.85 -19.75
CA GLY B 47 14.23 29.13 -18.69
C GLY B 47 13.01 29.91 -19.15
N ILE B 48 13.09 30.57 -20.30
CA ILE B 48 12.03 31.42 -20.82
C ILE B 48 11.29 30.66 -21.91
N PHE B 49 9.99 30.92 -22.04
CA PHE B 49 9.17 30.22 -23.03
C PHE B 49 8.40 31.23 -23.88
N GLY B 50 8.21 30.92 -25.15
CA GLY B 50 7.24 31.62 -25.97
C GLY B 50 5.91 30.89 -25.89
N VAL B 51 4.83 31.65 -25.75
CA VAL B 51 3.49 31.08 -25.64
C VAL B 51 2.67 31.47 -26.85
N ARG B 52 1.88 30.51 -27.37
CA ARG B 52 0.96 30.74 -28.47
C ARG B 52 -0.39 30.15 -28.12
N ILE B 53 -1.46 30.91 -28.36
CA ILE B 53 -2.81 30.46 -28.12
C ILE B 53 -3.51 30.34 -29.46
N LYS B 54 -3.88 29.12 -29.84
CA LYS B 54 -4.52 28.88 -31.13
C LYS B 54 -5.57 27.81 -30.97
N LYS B 55 -6.80 28.12 -31.41
CA LYS B 55 -7.98 27.27 -31.29
C LYS B 55 -8.09 26.59 -29.92
N GLY B 56 -7.82 27.35 -28.85
CA GLY B 56 -7.91 26.84 -27.51
C GLY B 56 -6.66 26.17 -26.99
N GLU B 57 -5.81 25.67 -27.87
CA GLU B 57 -4.56 25.06 -27.45
C GLU B 57 -3.58 26.13 -27.01
N LEU B 58 -3.02 25.96 -25.81
CA LEU B 58 -1.95 26.80 -25.28
C LEU B 58 -0.63 26.06 -25.42
N LYS B 59 0.16 26.43 -26.42
CA LYS B 59 1.39 25.71 -26.74
C LYS B 59 2.60 26.55 -26.37
N LEU B 60 3.55 25.92 -25.70
CA LEU B 60 4.76 26.57 -25.21
C LEU B 60 5.97 26.06 -25.99
N ARG B 61 6.73 26.99 -26.55
CA ARG B 61 7.97 26.71 -27.27
C ARG B 61 9.17 27.24 -26.50
N ALA B 62 10.31 26.62 -26.72
CA ALA B 62 11.53 26.93 -25.98
C ALA B 62 12.33 27.98 -26.72
N ILE B 63 12.41 29.17 -26.14
CA ILE B 63 13.21 30.26 -26.69
C ILE B 63 14.68 29.94 -26.42
N SER B 64 15.59 30.66 -27.06
CA SER B 64 17.01 30.44 -26.89
C SER B 64 17.72 31.78 -26.79
N PHE B 65 18.60 31.91 -25.80
CA PHE B 65 19.34 33.14 -25.62
C PHE B 65 20.35 33.34 -26.74
N SER B 66 20.91 34.54 -26.78
CA SER B 66 21.97 34.88 -27.71
C SER B 66 23.33 34.67 -27.04
N ASN B 67 24.39 34.89 -27.82
CA ASN B 67 25.73 34.56 -27.34
C ASN B 67 26.22 35.51 -26.26
N ASN B 68 25.81 36.77 -26.28
CA ASN B 68 26.34 37.74 -25.33
C ASN B 68 25.59 37.77 -24.01
N SER B 69 24.49 37.02 -23.89
CA SER B 69 23.60 37.15 -22.75
C SER B 69 24.11 36.36 -21.54
N SER B 70 23.97 36.96 -20.37
CA SER B 70 24.09 36.22 -19.11
C SER B 70 22.74 35.65 -18.74
N TYR B 71 22.76 34.49 -18.09
CA TYR B 71 21.54 33.69 -17.95
C TYR B 71 20.84 34.00 -16.64
N LEU B 72 19.54 33.74 -16.62
CA LEU B 72 18.63 34.17 -15.57
C LEU B 72 18.12 32.99 -14.76
N PRO B 73 18.10 33.10 -13.44
CA PRO B 73 17.41 32.10 -12.63
C PRO B 73 15.92 32.38 -12.61
N PRO B 74 15.10 31.37 -12.59
CA PRO B 74 13.66 31.60 -12.72
C PRO B 74 13.04 32.22 -11.47
N LEU B 75 13.15 33.55 -11.35
CA LEU B 75 12.54 34.27 -10.23
C LEU B 75 11.04 34.03 -10.19
N ARG B 76 10.49 34.00 -8.97
CA ARG B 76 9.07 33.68 -8.80
C ARG B 76 8.17 34.90 -8.98
N CYS B 77 8.36 35.93 -8.15
CA CYS B 77 7.55 37.15 -8.21
C CYS B 77 8.46 38.38 -8.21
N PRO B 78 9.11 38.69 -9.34
CA PRO B 78 9.97 39.86 -9.39
C PRO B 78 9.19 41.11 -9.76
N ALA B 79 9.90 42.22 -9.94
CA ALA B 79 9.30 43.48 -10.39
C ALA B 79 9.62 43.66 -11.86
N ILE B 80 8.60 43.60 -12.70
CA ILE B 80 8.73 43.78 -14.15
C ILE B 80 8.40 45.21 -14.49
N ALA B 81 9.26 45.85 -15.28
CA ALA B 81 9.02 47.21 -15.75
C ALA B 81 9.24 47.25 -17.25
N HIS B 82 8.20 47.59 -17.99
CA HIS B 82 8.27 47.63 -19.45
C HIS B 82 8.86 48.96 -19.88
N PHE B 83 10.11 48.95 -20.35
CA PHE B 83 10.74 50.14 -20.89
C PHE B 83 10.44 50.18 -22.38
N GLU B 84 9.68 51.19 -22.79
CA GLU B 84 9.07 51.24 -24.11
C GLU B 84 10.14 51.43 -25.18
N ALA B 85 9.71 51.33 -26.44
CA ALA B 85 10.61 51.33 -27.57
C ALA B 85 11.11 52.73 -27.87
N GLN B 86 12.41 52.94 -27.70
CA GLN B 86 13.08 54.21 -27.99
C GLN B 86 14.58 53.95 -27.95
N ASP B 87 15.36 55.02 -28.10
CA ASP B 87 16.81 54.90 -28.03
C ASP B 87 17.21 54.49 -26.61
N GLY B 88 18.18 53.57 -26.51
CA GLY B 88 18.88 53.02 -27.66
C GLY B 88 18.38 51.73 -28.26
N LYS B 89 18.25 50.69 -27.43
CA LYS B 89 17.96 49.33 -27.89
C LYS B 89 16.53 48.97 -27.50
N PRO B 90 15.56 49.19 -28.37
CA PRO B 90 14.17 48.87 -28.05
C PRO B 90 13.82 47.42 -28.37
N GLU B 91 12.92 46.86 -27.57
CA GLU B 91 12.38 47.53 -26.40
C GLU B 91 12.78 46.70 -25.19
N CYS B 92 12.95 47.33 -24.03
CA CYS B 92 13.56 46.65 -22.90
C CYS B 92 12.52 46.18 -21.90
N TYR B 93 12.86 45.12 -21.19
CA TYR B 93 12.11 44.70 -20.01
C TYR B 93 13.08 44.66 -18.84
N LEU B 94 12.78 45.41 -17.79
CA LEU B 94 13.61 45.44 -16.59
C LEU B 94 13.03 44.47 -15.58
N ILE B 95 13.80 43.42 -15.25
CA ILE B 95 13.41 42.42 -14.26
C ILE B 95 14.25 42.65 -13.02
N HIS B 96 13.58 42.89 -11.88
CA HIS B 96 14.27 43.07 -10.59
C HIS B 96 13.27 43.04 -9.43
N GLY B 97 13.53 42.25 -8.39
CA GLY B 97 14.65 41.33 -8.36
C GLY B 97 14.21 39.90 -8.10
N GLY B 98 13.09 39.75 -7.41
CA GLY B 98 12.46 38.46 -7.11
C GLY B 98 13.32 37.53 -6.26
N ARG B 99 12.97 36.24 -6.27
CA ARG B 99 13.69 35.24 -5.50
C ARG B 99 13.81 33.93 -6.26
N THR B 100 15.02 33.34 -6.24
CA THR B 100 15.38 32.16 -7.03
C THR B 100 14.61 30.93 -6.56
N PRO B 101 14.74 29.78 -7.23
CA PRO B 101 14.12 28.56 -6.71
C PRO B 101 14.70 28.06 -5.39
N ASN B 102 15.88 28.54 -4.98
CA ASN B 102 16.33 28.45 -3.60
C ASN B 102 15.92 29.73 -2.89
N ASN B 103 15.35 29.61 -1.69
CA ASN B 103 14.65 30.74 -1.10
C ASN B 103 15.69 31.76 -0.65
N GLU B 104 16.13 32.57 -1.60
CA GLU B 104 16.94 33.75 -1.34
C GLU B 104 16.60 34.79 -2.39
N LEU B 105 16.90 36.05 -2.09
CA LEU B 105 16.44 37.18 -2.87
C LEU B 105 17.57 37.69 -3.77
N SER B 106 17.24 37.93 -5.05
CA SER B 106 18.28 38.15 -6.05
C SER B 106 19.02 39.45 -5.84
N SER B 107 18.30 40.58 -5.85
CA SER B 107 18.90 41.91 -5.70
C SER B 107 19.84 42.24 -6.85
N SER B 108 19.45 41.91 -8.08
CA SER B 108 20.23 42.22 -9.28
C SER B 108 19.30 42.62 -10.41
N LEU B 109 19.55 43.77 -11.02
CA LEU B 109 18.70 44.26 -12.10
C LEU B 109 19.12 43.65 -13.44
N TYR B 110 18.17 43.03 -14.13
CA TYR B 110 18.39 42.44 -15.45
C TYR B 110 17.62 43.23 -16.51
N MET B 111 18.19 43.32 -17.70
CA MET B 111 17.55 44.01 -18.82
C MET B 111 17.46 43.04 -19.99
N LEU B 112 16.25 42.82 -20.49
CA LEU B 112 15.98 41.82 -21.53
C LEU B 112 15.56 42.52 -22.81
N SER B 113 16.13 42.11 -23.94
CA SER B 113 15.81 42.66 -25.25
C SER B 113 15.75 41.56 -26.30
N VAL B 114 15.31 41.93 -27.53
CA VAL B 114 15.22 41.01 -28.67
C VAL B 114 16.43 41.23 -29.58
N ASP B 115 16.86 40.17 -30.28
CA ASP B 115 18.06 40.25 -31.12
C ASP B 115 17.79 40.03 -32.60
N SER B 116 17.25 38.88 -33.01
CA SER B 116 17.17 38.58 -34.44
C SER B 116 16.15 37.48 -34.72
N ARG B 117 15.71 37.40 -35.97
CA ARG B 117 14.65 36.49 -36.41
C ARG B 117 14.73 36.32 -37.93
N GLY B 118 14.08 35.29 -38.45
CA GLY B 118 13.54 34.18 -37.68
C GLY B 118 14.52 33.09 -37.35
N CYS B 119 14.91 32.29 -38.33
CA CYS B 119 14.27 32.20 -39.65
C CYS B 119 12.82 31.69 -39.65
N ASN B 120 12.63 30.43 -39.28
CA ASN B 120 11.35 29.74 -39.40
C ASN B 120 10.63 29.81 -38.06
N ARG B 121 9.98 30.95 -37.81
CA ARG B 121 9.23 31.19 -36.57
C ARG B 121 10.12 31.05 -35.33
N LYS B 122 11.30 31.65 -35.38
CA LYS B 122 12.23 31.63 -34.26
C LYS B 122 12.62 33.04 -33.87
N VAL B 123 12.69 33.30 -32.56
CA VAL B 123 13.05 34.60 -32.02
C VAL B 123 14.15 34.40 -31.00
N THR B 124 15.20 35.19 -31.09
CA THR B 124 16.31 35.15 -30.15
C THR B 124 16.25 36.35 -29.21
N LEU B 125 16.49 36.13 -27.93
CA LEU B 125 16.49 37.17 -26.90
C LEU B 125 17.89 37.35 -26.37
N ARG B 126 18.05 38.35 -25.51
CA ARG B 126 19.32 38.56 -24.82
C ARG B 126 19.08 39.23 -23.48
N CYS B 127 19.70 38.69 -22.44
CA CYS B 127 19.62 39.21 -21.08
C CYS B 127 20.97 39.78 -20.68
N GLU B 128 20.99 41.06 -20.35
CA GLU B 128 22.19 41.73 -19.87
C GLU B 128 21.97 42.11 -18.41
N GLU B 129 22.78 41.54 -17.52
CA GLU B 129 22.79 42.00 -16.14
C GLU B 129 23.49 43.34 -16.09
N LYS B 130 22.88 44.30 -15.40
CA LYS B 130 23.40 45.66 -15.34
C LYS B 130 23.74 46.01 -13.90
N GLU B 131 24.96 46.48 -13.68
CA GLU B 131 25.43 46.77 -12.33
C GLU B 131 24.75 48.03 -11.81
N LEU B 132 24.50 48.03 -10.50
CA LEU B 132 23.95 49.20 -9.80
C LEU B 132 24.95 49.63 -8.74
N VAL B 133 25.44 50.86 -8.86
CA VAL B 133 26.36 51.45 -7.90
C VAL B 133 25.56 52.36 -6.97
N GLY B 134 25.89 52.33 -5.68
CA GLY B 134 25.12 53.05 -4.70
C GLY B 134 25.57 52.72 -3.28
N ASP B 135 24.67 52.65 -2.31
CA ASP B 135 23.21 52.91 -2.38
C ASP B 135 22.40 52.05 -3.36
N VAL B 136 22.61 50.74 -3.32
CA VAL B 136 21.76 49.81 -4.04
C VAL B 136 20.49 49.60 -3.21
N PRO B 137 19.36 49.27 -3.82
CA PRO B 137 18.19 48.90 -3.03
C PRO B 137 18.34 47.51 -2.44
N SER B 138 17.84 47.34 -1.22
CA SER B 138 17.91 46.06 -0.54
C SER B 138 17.12 45.00 -1.29
N ALA B 139 17.58 43.76 -1.20
CA ALA B 139 16.92 42.65 -1.85
C ALA B 139 15.48 42.53 -1.39
N ARG B 140 14.55 42.50 -2.34
CA ARG B 140 13.13 42.48 -2.01
C ARG B 140 12.37 41.76 -3.10
N TYR B 141 11.12 41.41 -2.80
CA TYR B 141 10.27 40.76 -3.77
C TYR B 141 8.84 41.24 -3.60
N GLY B 142 8.13 41.35 -4.71
CA GLY B 142 6.77 41.85 -4.72
C GLY B 142 6.64 43.34 -4.92
N HIS B 143 7.75 44.08 -4.94
CA HIS B 143 7.69 45.53 -5.09
C HIS B 143 7.30 45.89 -6.51
N THR B 144 7.35 47.19 -6.82
CA THR B 144 7.05 47.67 -8.15
C THR B 144 8.11 48.63 -8.65
N LEU B 145 8.41 48.50 -9.93
CA LEU B 145 9.33 49.37 -10.66
C LEU B 145 8.57 49.97 -11.83
N SER B 146 8.73 51.26 -12.05
CA SER B 146 8.01 51.94 -13.13
C SER B 146 8.93 52.88 -13.86
N VAL B 147 8.64 53.11 -15.14
CA VAL B 147 9.52 53.85 -16.04
C VAL B 147 8.92 55.22 -16.30
N ILE B 148 9.71 56.28 -16.06
CA ILE B 148 9.25 57.63 -16.31
C ILE B 148 10.22 58.31 -17.28
N ASN B 149 9.69 59.23 -18.08
CA ASN B 149 10.47 60.04 -19.02
C ASN B 149 10.28 61.50 -18.64
N SER B 150 11.32 62.13 -18.10
CA SER B 150 11.27 63.51 -17.64
C SER B 150 12.37 64.31 -18.32
N ARG B 151 11.99 65.06 -19.36
CA ARG B 151 12.75 66.17 -19.92
C ARG B 151 14.27 65.94 -19.97
N GLY B 152 14.72 64.98 -20.76
CA GLY B 152 13.88 64.02 -21.44
C GLY B 152 14.35 62.66 -20.96
N LYS B 153 15.19 62.71 -19.92
CA LYS B 153 15.89 61.52 -19.47
C LYS B 153 14.92 60.47 -18.95
N THR B 154 15.22 59.21 -19.22
CA THR B 154 14.45 58.10 -18.70
C THR B 154 15.02 57.68 -17.36
N ALA B 155 14.16 57.56 -16.37
CA ALA B 155 14.54 57.05 -15.06
C ALA B 155 13.54 55.97 -14.63
N CYS B 156 13.85 55.31 -13.52
CA CYS B 156 12.99 54.29 -12.97
C CYS B 156 12.75 54.58 -11.49
N VAL B 157 11.51 54.41 -11.07
CA VAL B 157 11.10 54.60 -9.68
C VAL B 157 10.79 53.24 -9.08
N LEU B 158 11.43 52.93 -7.96
CA LEU B 158 11.39 51.62 -7.32
C LEU B 158 10.80 51.80 -5.93
N PHE B 159 9.72 51.08 -5.64
CA PHE B 159 9.02 51.30 -4.38
C PHE B 159 8.27 50.05 -3.95
N GLY B 160 8.21 49.84 -2.64
CA GLY B 160 7.41 48.79 -2.04
C GLY B 160 8.19 47.52 -1.77
N GLY B 161 7.45 46.49 -1.42
CA GLY B 161 8.01 45.15 -1.36
C GLY B 161 8.42 44.63 -0.01
N ARG B 162 8.14 43.36 0.24
CA ARG B 162 8.57 42.70 1.46
C ARG B 162 10.05 42.35 1.37
N SER B 163 10.62 41.93 2.50
CA SER B 163 11.97 41.41 2.53
C SER B 163 12.10 40.47 3.73
N TYR B 164 13.15 39.65 3.71
CA TYR B 164 13.45 38.84 4.87
C TYR B 164 13.95 39.73 6.00
N MET B 165 13.81 39.24 7.23
CA MET B 165 14.17 40.03 8.40
C MET B 165 15.66 40.39 8.36
N PRO B 166 16.03 41.55 8.89
CA PRO B 166 17.44 41.97 8.87
C PRO B 166 18.31 40.96 9.61
N PRO B 167 19.63 40.92 9.30
CA PRO B 167 20.51 39.88 9.88
C PRO B 167 20.96 40.14 11.31
N THR B 168 20.04 40.62 12.14
CA THR B 168 20.22 40.72 13.58
C THR B 168 19.17 39.93 14.35
N GLU B 169 17.89 40.16 14.04
CA GLU B 169 16.79 39.37 14.61
C GLU B 169 16.52 38.09 13.84
N ARG B 170 17.17 37.90 12.69
CA ARG B 170 17.05 36.66 11.93
C ARG B 170 17.39 35.47 12.79
N THR B 171 16.42 34.57 12.97
CA THR B 171 16.55 33.44 13.87
C THR B 171 16.02 32.19 13.17
N THR B 172 16.70 31.06 13.35
CA THR B 172 16.31 29.85 12.62
C THR B 172 14.96 29.32 13.03
N GLN B 173 14.28 29.99 13.94
CA GLN B 173 12.86 29.76 14.18
C GLN B 173 11.98 30.80 13.49
N ASN B 174 12.49 32.00 13.24
CA ASN B 174 11.84 33.04 12.45
C ASN B 174 12.48 33.22 11.08
N TRP B 175 13.12 32.17 10.56
CA TRP B 175 13.83 32.27 9.29
C TRP B 175 12.89 32.61 8.16
N ASN B 176 11.84 31.80 7.97
CA ASN B 176 10.97 31.90 6.82
C ASN B 176 9.96 33.05 6.92
N SER B 177 10.05 33.90 7.95
CA SER B 177 9.12 35.02 8.10
C SER B 177 9.62 36.25 7.34
N VAL B 178 8.67 37.02 6.81
CA VAL B 178 8.96 38.20 6.00
C VAL B 178 8.32 39.43 6.65
N VAL B 179 8.95 40.59 6.44
CA VAL B 179 8.48 41.85 7.00
C VAL B 179 8.66 42.92 5.93
N ASP B 180 7.83 43.95 5.98
CA ASP B 180 7.81 44.94 4.92
C ASP B 180 9.06 45.81 4.96
N CYS B 181 9.67 46.00 3.79
CA CYS B 181 10.88 46.81 3.72
C CYS B 181 10.55 48.26 4.07
N PRO B 182 11.53 49.01 4.55
CA PRO B 182 11.26 50.40 4.93
C PRO B 182 10.80 51.21 3.73
N PRO B 183 9.88 52.16 3.94
CA PRO B 183 9.26 52.90 2.82
C PRO B 183 10.06 54.09 2.30
N GLN B 184 11.05 53.84 1.45
CA GLN B 184 11.83 54.89 0.82
C GLN B 184 11.92 54.60 -0.68
N VAL B 185 11.68 55.63 -1.51
CA VAL B 185 11.62 55.43 -2.95
C VAL B 185 13.03 55.53 -3.52
N TYR B 186 13.39 54.58 -4.39
CA TYR B 186 14.72 54.57 -5.00
C TYR B 186 14.59 54.97 -6.47
N LEU B 187 15.34 55.99 -6.87
CA LEU B 187 15.39 56.42 -8.27
C LEU B 187 16.65 55.84 -8.91
N ILE B 188 16.45 54.99 -9.91
CA ILE B 188 17.52 54.25 -10.57
C ILE B 188 17.62 54.74 -12.00
N ASP B 189 18.83 55.04 -12.44
CA ASP B 189 19.08 55.37 -13.84
C ASP B 189 19.26 54.08 -14.64
N LEU B 190 18.69 54.06 -15.85
CA LEU B 190 18.90 52.93 -16.74
C LEU B 190 20.38 52.77 -17.07
N GLU B 191 21.08 53.89 -17.28
CA GLU B 191 22.52 53.90 -17.53
C GLU B 191 23.04 55.27 -17.15
N PHE B 192 23.97 55.36 -16.21
CA PHE B 192 24.62 54.22 -15.55
C PHE B 192 23.80 53.65 -14.41
N GLY B 193 24.46 52.82 -13.58
CA GLY B 193 23.79 52.22 -12.44
C GLY B 193 23.81 53.06 -11.19
N CYS B 194 23.86 54.39 -11.34
CA CYS B 194 23.82 55.29 -10.18
C CYS B 194 22.40 55.39 -9.66
N CYS B 195 22.20 54.93 -8.43
CA CYS B 195 20.88 54.86 -7.81
C CYS B 195 20.86 55.74 -6.57
N THR B 196 19.89 56.63 -6.49
CA THR B 196 19.68 57.47 -5.32
C THR B 196 18.45 56.99 -4.55
N ALA B 197 18.44 57.29 -3.24
CA ALA B 197 17.36 56.89 -2.35
C ALA B 197 16.81 58.12 -1.66
N HIS B 198 15.49 58.32 -1.76
CA HIS B 198 14.83 59.46 -1.13
C HIS B 198 13.72 58.96 -0.21
N THR B 199 13.41 59.77 0.80
CA THR B 199 12.36 59.48 1.77
C THR B 199 11.37 60.64 1.81
N LEU B 200 10.10 60.31 2.03
CA LEU B 200 9.03 61.29 2.05
C LEU B 200 8.11 61.02 3.24
N PRO B 201 7.55 62.08 3.84
CA PRO B 201 6.75 61.88 5.06
C PRO B 201 5.41 61.20 4.82
N GLU B 202 4.77 61.48 3.69
CA GLU B 202 3.42 60.96 3.45
C GLU B 202 3.41 59.45 3.28
N LEU B 203 4.54 58.85 2.95
CA LEU B 203 4.67 57.41 2.80
C LEU B 203 5.12 56.85 4.14
N THR B 204 4.15 56.36 4.93
CA THR B 204 4.42 55.90 6.29
C THR B 204 5.02 54.51 6.32
N ASP B 205 4.41 53.56 5.60
CA ASP B 205 4.93 52.21 5.51
C ASP B 205 4.89 51.76 4.06
N GLY B 206 5.77 50.83 3.72
CA GLY B 206 5.77 50.26 2.39
C GLY B 206 4.60 49.33 2.19
N GLN B 207 4.38 48.99 0.93
CA GLN B 207 3.30 48.11 0.53
C GLN B 207 3.89 46.94 -0.26
N SER B 208 3.03 46.04 -0.71
CA SER B 208 3.44 44.95 -1.56
C SER B 208 2.28 44.57 -2.45
N PHE B 209 2.61 44.06 -3.63
CA PHE B 209 1.61 43.55 -4.58
C PHE B 209 0.66 44.64 -5.05
N HIS B 210 1.10 45.89 -5.03
CA HIS B 210 0.26 47.01 -5.43
C HIS B 210 0.56 47.38 -6.88
N VAL B 211 -0.47 47.32 -7.73
CA VAL B 211 -0.30 47.67 -9.14
C VAL B 211 0.09 49.14 -9.25
N ALA B 212 1.18 49.41 -9.96
CA ALA B 212 1.63 50.77 -10.20
C ALA B 212 1.47 51.11 -11.68
N LEU B 213 0.94 52.30 -11.96
CA LEU B 213 0.79 52.80 -13.32
C LEU B 213 1.62 54.06 -13.47
N ALA B 214 2.23 54.24 -14.63
CA ALA B 214 3.18 55.32 -14.83
C ALA B 214 2.95 55.96 -16.19
N ARG B 215 2.78 57.27 -16.20
CA ARG B 215 2.64 58.00 -17.46
C ARG B 215 3.04 59.44 -17.24
N GLN B 216 3.77 60.00 -18.22
CA GLN B 216 4.07 61.42 -18.31
C GLN B 216 4.57 61.96 -16.97
N ASP B 217 5.72 61.44 -16.56
CA ASP B 217 6.41 61.77 -15.32
C ASP B 217 5.47 61.85 -14.12
N CYS B 218 4.49 60.94 -14.06
CA CYS B 218 3.63 60.81 -12.90
C CYS B 218 3.38 59.32 -12.65
N VAL B 219 3.36 58.91 -11.39
CA VAL B 219 3.15 57.52 -11.03
C VAL B 219 1.98 57.42 -10.05
N TYR B 220 1.02 56.56 -10.35
CA TYR B 220 -0.15 56.32 -9.52
C TYR B 220 -0.06 54.93 -8.92
N PHE B 221 -0.07 54.86 -7.59
CA PHE B 221 -0.05 53.60 -6.86
C PHE B 221 -1.45 53.28 -6.37
N LEU B 222 -1.97 52.15 -6.79
CA LEU B 222 -3.23 51.65 -6.26
C LEU B 222 -3.01 50.95 -4.93
N GLY B 223 -4.09 50.49 -4.33
CA GLY B 223 -4.05 49.92 -3.00
C GLY B 223 -3.18 48.70 -2.85
N GLY B 224 -2.26 48.73 -1.90
CA GLY B 224 -1.43 47.60 -1.58
C GLY B 224 -1.95 46.84 -0.38
N HIS B 225 -1.10 45.99 0.18
CA HIS B 225 -1.43 45.22 1.37
C HIS B 225 -0.33 45.47 2.38
N ILE B 226 -0.64 46.23 3.42
CA ILE B 226 0.32 46.54 4.48
C ILE B 226 0.27 45.42 5.51
N LEU B 227 1.42 44.78 5.76
CA LEU B 227 1.47 43.65 6.67
C LEU B 227 1.56 44.07 8.14
N SER B 228 1.84 45.35 8.41
CA SER B 228 1.98 45.81 9.79
C SER B 228 0.62 45.94 10.49
N SER B 229 -0.32 46.64 9.87
CA SER B 229 -1.67 46.79 10.41
C SER B 229 -2.68 45.87 9.75
N ASP B 230 -2.25 45.02 8.82
CA ASP B 230 -3.10 44.07 8.10
C ASP B 230 -4.24 44.74 7.34
N CYS B 231 -4.08 46.03 7.01
CA CYS B 231 -5.10 46.75 6.28
C CYS B 231 -4.82 46.71 4.79
N ARG B 232 -5.89 46.76 4.00
CA ARG B 232 -5.80 46.91 2.55
C ARG B 232 -6.27 48.31 2.20
N PRO B 233 -5.39 49.31 2.31
CA PRO B 233 -5.84 50.69 2.25
C PRO B 233 -6.50 51.03 0.92
N SER B 234 -7.63 51.72 0.99
CA SER B 234 -8.36 52.22 -0.16
C SER B 234 -7.86 53.59 -0.61
N ARG B 235 -6.77 54.07 -0.04
CA ARG B 235 -6.14 55.32 -0.48
C ARG B 235 -5.44 55.11 -1.80
N LEU B 236 -5.56 56.08 -2.69
CA LEU B 236 -4.79 56.10 -3.93
C LEU B 236 -3.61 57.06 -3.76
N ILE B 237 -2.42 56.62 -4.14
CA ILE B 237 -1.20 57.40 -3.95
C ILE B 237 -0.78 57.96 -5.29
N ARG B 238 -0.19 59.14 -5.28
CA ARG B 238 0.38 59.72 -6.48
C ARG B 238 1.74 60.33 -6.14
N LEU B 239 2.71 60.14 -7.03
CA LEU B 239 3.98 60.84 -6.87
C LEU B 239 4.41 61.42 -8.21
N HIS B 240 5.11 62.54 -8.12
CA HIS B 240 5.48 63.36 -9.26
C HIS B 240 6.97 63.64 -9.14
N VAL B 241 7.74 63.16 -10.12
CA VAL B 241 9.19 63.28 -10.09
C VAL B 241 9.63 64.08 -11.30
N GLU B 242 10.78 64.74 -11.17
CA GLU B 242 11.43 65.34 -12.32
C GLU B 242 12.93 65.31 -12.11
N LEU B 243 13.65 64.86 -13.13
CA LEU B 243 15.10 64.78 -13.11
C LEU B 243 15.65 66.10 -13.64
N LEU B 244 16.04 66.99 -12.73
CA LEU B 244 16.60 68.28 -13.12
C LEU B 244 17.99 68.40 -12.50
N LEU B 245 19.00 68.56 -13.35
CA LEU B 245 20.39 68.49 -12.92
C LEU B 245 20.64 69.36 -11.70
N GLY B 246 21.19 68.75 -10.65
CA GLY B 246 21.58 67.36 -10.68
C GLY B 246 20.80 66.41 -9.76
N SER B 247 19.59 66.81 -9.36
CA SER B 247 18.81 65.94 -8.51
C SER B 247 17.56 65.44 -9.22
N PRO B 248 17.16 64.20 -8.97
CA PRO B 248 15.82 63.73 -9.36
C PRO B 248 14.79 64.06 -8.26
N VAL B 249 14.32 65.31 -8.28
CA VAL B 249 13.51 65.80 -7.16
C VAL B 249 12.11 65.22 -7.25
N LEU B 250 11.58 64.79 -6.11
CA LEU B 250 10.40 63.94 -6.02
C LEU B 250 9.44 64.50 -5.00
N THR B 251 8.14 64.48 -5.31
CA THR B 251 7.10 64.89 -4.37
C THR B 251 5.94 63.91 -4.47
N CYS B 252 4.98 64.04 -3.54
CA CYS B 252 3.91 63.05 -3.46
C CYS B 252 2.62 63.73 -2.98
N THR B 253 1.53 62.99 -3.11
CA THR B 253 0.21 63.43 -2.68
C THR B 253 -0.69 62.21 -2.49
N ILE B 254 -1.69 62.37 -1.61
CA ILE B 254 -2.69 61.34 -1.38
C ILE B 254 -3.96 61.74 -2.13
N LEU B 255 -4.69 60.73 -2.60
CA LEU B 255 -5.95 60.92 -3.31
C LEU B 255 -7.09 60.33 -2.50
N HIS B 256 -8.31 60.67 -2.90
CA HIS B 256 -9.49 60.22 -2.16
C HIS B 256 -9.69 58.72 -2.29
N GLU B 257 -9.95 58.25 -3.50
CA GLU B 257 -10.42 56.89 -3.72
C GLU B 257 -9.39 56.08 -4.51
N GLY B 258 -9.02 54.93 -3.98
CA GLY B 258 -8.19 53.98 -4.69
C GLY B 258 -8.68 52.58 -4.40
N LEU B 259 -8.65 51.72 -5.41
CA LEU B 259 -9.29 50.42 -5.28
C LEU B 259 -8.54 49.54 -4.29
N THR B 260 -9.29 48.68 -3.60
CA THR B 260 -8.78 47.87 -2.49
C THR B 260 -8.21 46.55 -2.94
N ILE B 261 -7.68 46.46 -4.16
CA ILE B 261 -7.21 45.19 -4.72
C ILE B 261 -5.70 45.11 -4.62
N THR B 262 -5.21 43.91 -4.29
CA THR B 262 -3.79 43.57 -4.28
C THR B 262 -3.54 42.46 -5.28
N SER B 263 -2.37 42.51 -5.93
CA SER B 263 -1.96 41.49 -6.92
C SER B 263 -2.94 41.44 -8.10
N ALA B 264 -3.19 42.59 -8.70
CA ALA B 264 -4.15 42.68 -9.79
C ALA B 264 -3.48 42.39 -11.13
N ILE B 265 -4.31 42.08 -12.13
CA ILE B 265 -3.88 41.82 -13.49
C ILE B 265 -4.21 43.06 -14.32
N ALA B 266 -3.23 43.90 -14.59
CA ALA B 266 -3.44 45.17 -15.31
C ALA B 266 -3.11 44.98 -16.78
N SER B 267 -4.15 44.90 -17.62
CA SER B 267 -3.95 44.69 -19.05
C SER B 267 -4.18 46.00 -19.80
N PRO B 268 -3.20 46.51 -20.53
CA PRO B 268 -3.46 47.69 -21.37
C PRO B 268 -4.29 47.32 -22.59
N ILE B 269 -5.28 48.16 -22.88
CA ILE B 269 -6.20 47.95 -23.99
C ILE B 269 -6.17 49.13 -24.96
N GLY B 270 -6.30 50.34 -24.44
CA GLY B 270 -6.23 51.54 -25.25
C GLY B 270 -4.84 52.11 -25.28
N TYR B 271 -4.76 53.41 -25.56
CA TYR B 271 -3.48 54.10 -25.53
C TYR B 271 -2.92 54.11 -24.11
N HIS B 272 -3.67 54.66 -23.16
CA HIS B 272 -3.30 54.61 -21.75
C HIS B 272 -4.40 54.01 -20.89
N GLU B 273 -5.48 53.51 -21.50
CA GLU B 273 -6.55 52.89 -20.74
C GLU B 273 -6.20 51.46 -20.38
N TYR B 274 -6.45 51.08 -19.13
CA TYR B 274 -6.18 49.73 -18.65
C TYR B 274 -7.46 49.08 -18.15
N ILE B 275 -7.50 47.76 -18.21
CA ILE B 275 -8.53 46.99 -17.56
C ILE B 275 -7.88 46.21 -16.42
N ILE B 276 -8.41 46.38 -15.21
CA ILE B 276 -7.91 45.72 -14.01
C ILE B 276 -8.82 44.54 -13.67
N PHE B 277 -8.22 43.35 -13.59
CA PHE B 277 -8.92 42.14 -13.21
C PHE B 277 -8.93 41.92 -11.71
N GLY B 278 -7.83 42.24 -11.05
CA GLY B 278 -7.83 42.20 -9.60
C GLY B 278 -7.51 40.83 -9.05
N GLY B 279 -6.82 40.81 -7.92
CA GLY B 279 -6.59 39.58 -7.21
C GLY B 279 -7.50 39.32 -6.03
N TYR B 280 -7.62 40.28 -5.12
CA TYR B 280 -8.28 40.02 -3.85
C TYR B 280 -8.81 41.32 -3.25
N GLN B 281 -10.05 41.28 -2.73
CA GLN B 281 -10.57 42.40 -1.95
C GLN B 281 -10.14 42.32 -0.49
N SER B 282 -10.17 41.11 0.08
CA SER B 282 -9.79 40.86 1.47
C SER B 282 -8.94 39.60 1.52
N GLU B 283 -8.45 39.28 2.72
CA GLU B 283 -7.62 38.10 2.90
C GLU B 283 -8.36 36.84 2.49
N THR B 284 -9.63 36.74 2.84
CA THR B 284 -10.39 35.53 2.57
C THR B 284 -11.11 35.58 1.23
N GLN B 285 -11.86 36.65 0.97
CA GLN B 285 -12.78 36.73 -0.15
C GLN B 285 -12.09 37.43 -1.33
N LYS B 286 -11.85 36.69 -2.41
CA LYS B 286 -11.23 37.26 -3.59
C LYS B 286 -12.18 38.20 -4.31
N ARG B 287 -11.62 39.02 -5.19
CA ARG B 287 -12.40 39.95 -5.99
C ARG B 287 -13.00 39.24 -7.21
N MET B 288 -14.26 39.51 -7.49
CA MET B 288 -14.93 38.97 -8.67
C MET B 288 -15.16 39.99 -9.76
N GLU B 289 -15.38 41.25 -9.39
CA GLU B 289 -15.69 42.29 -10.35
C GLU B 289 -14.45 42.65 -11.18
N CYS B 290 -14.68 43.05 -12.43
CA CYS B 290 -13.65 43.62 -13.29
C CYS B 290 -13.86 45.12 -13.38
N THR B 291 -12.76 45.87 -13.43
CA THR B 291 -12.84 47.33 -13.40
C THR B 291 -12.02 47.91 -14.55
N TYR B 292 -12.32 49.14 -14.91
CA TYR B 292 -11.59 49.86 -15.94
C TYR B 292 -10.98 51.10 -15.33
N VAL B 293 -9.71 51.34 -15.62
CA VAL B 293 -8.98 52.49 -15.11
C VAL B 293 -8.34 53.19 -16.31
N GLY B 294 -8.92 54.32 -16.70
CA GLY B 294 -8.23 55.21 -17.60
C GLY B 294 -7.41 56.20 -16.81
N LEU B 295 -6.40 56.78 -17.46
CA LEU B 295 -5.59 57.77 -16.75
C LEU B 295 -5.10 58.81 -17.73
N ASP B 296 -4.99 60.04 -17.24
CA ASP B 296 -4.60 61.19 -18.04
C ASP B 296 -3.86 62.16 -17.13
N ASP B 297 -3.58 63.36 -17.66
CA ASP B 297 -2.91 64.39 -16.88
C ASP B 297 -3.76 64.87 -15.72
N VAL B 298 -5.09 64.84 -15.86
CA VAL B 298 -5.97 65.24 -14.78
C VAL B 298 -5.86 64.28 -13.60
N GLY B 299 -6.13 63.00 -13.85
CA GLY B 299 -6.06 62.00 -12.81
C GLY B 299 -6.64 60.69 -13.27
N VAL B 300 -6.75 59.76 -12.33
CA VAL B 300 -7.27 58.44 -12.60
C VAL B 300 -8.79 58.51 -12.72
N HIS B 301 -9.34 57.85 -13.74
CA HIS B 301 -10.78 57.81 -13.98
C HIS B 301 -11.22 56.35 -13.90
N MET B 302 -12.18 56.07 -13.03
CA MET B 302 -12.60 54.72 -12.71
C MET B 302 -13.96 54.46 -13.33
N GLU B 303 -14.18 53.21 -13.77
CA GLU B 303 -15.47 52.83 -14.34
C GLU B 303 -15.68 51.33 -14.17
N SER B 304 -16.80 50.95 -13.58
CA SER B 304 -17.12 49.54 -13.43
C SER B 304 -17.72 49.02 -14.74
N ARG B 305 -17.03 48.09 -15.39
CA ARG B 305 -17.52 47.44 -16.60
C ARG B 305 -18.09 46.07 -16.26
N GLU B 306 -19.00 45.60 -17.11
CA GLU B 306 -19.67 44.33 -16.87
C GLU B 306 -18.68 43.17 -16.93
N PRO B 307 -18.48 42.43 -15.83
CA PRO B 307 -17.59 41.28 -15.88
C PRO B 307 -18.26 40.10 -16.58
N PRO B 308 -17.49 39.31 -17.33
CA PRO B 308 -18.09 38.15 -18.01
C PRO B 308 -18.66 37.16 -17.01
N GLN B 309 -19.63 36.37 -17.47
CA GLN B 309 -20.25 35.36 -16.63
C GLN B 309 -19.22 34.29 -16.29
N TRP B 310 -18.91 34.15 -15.01
CA TRP B 310 -17.90 33.21 -14.57
C TRP B 310 -18.51 31.82 -14.41
N THR B 311 -17.77 30.80 -14.85
CA THR B 311 -18.15 29.43 -14.53
C THR B 311 -18.16 29.26 -13.02
N SER B 312 -18.98 28.32 -12.54
CA SER B 312 -19.07 28.07 -11.10
C SER B 312 -17.70 27.78 -10.49
N GLU B 313 -16.78 27.19 -11.27
CA GLU B 313 -15.46 26.85 -10.76
C GLU B 313 -14.65 28.09 -10.41
N ILE B 314 -14.46 28.99 -11.39
CA ILE B 314 -13.67 30.19 -11.15
C ILE B 314 -14.38 31.15 -10.20
N SER B 315 -15.68 30.99 -10.00
CA SER B 315 -16.39 31.80 -9.01
C SER B 315 -16.22 31.26 -7.60
N HIS B 316 -16.09 29.94 -7.44
CA HIS B 316 -15.90 29.32 -6.13
C HIS B 316 -14.44 29.02 -5.83
N SER B 317 -13.50 29.52 -6.63
CA SER B 317 -12.08 29.27 -6.39
C SER B 317 -11.59 30.04 -5.19
N ARG B 318 -10.72 29.42 -4.39
CA ARG B 318 -10.12 30.10 -3.27
C ARG B 318 -9.11 31.14 -3.73
N THR B 319 -8.14 30.72 -4.55
CA THR B 319 -7.09 31.59 -5.06
C THR B 319 -7.07 31.53 -6.57
N TRP B 320 -6.52 32.58 -7.18
CA TRP B 320 -6.40 32.63 -8.63
C TRP B 320 -5.35 33.67 -8.99
N PHE B 321 -4.67 33.43 -10.11
CA PHE B 321 -3.53 34.23 -10.53
C PHE B 321 -3.52 34.29 -12.04
N GLY B 322 -2.55 35.02 -12.58
CA GLY B 322 -2.44 35.12 -14.02
C GLY B 322 -1.64 36.35 -14.41
N GLY B 323 -1.84 36.76 -15.65
CA GLY B 323 -1.14 37.90 -16.21
C GLY B 323 -1.82 38.34 -17.49
N SER B 324 -1.25 39.36 -18.10
CA SER B 324 -1.85 40.05 -19.23
C SER B 324 -1.13 39.68 -20.52
N LEU B 325 -1.82 38.97 -21.41
CA LEU B 325 -1.27 38.71 -22.74
C LEU B 325 -1.24 39.97 -23.59
N GLY B 326 -1.94 41.02 -23.19
CA GLY B 326 -1.95 42.27 -23.91
C GLY B 326 -3.07 42.35 -24.93
N LYS B 327 -3.25 43.56 -25.47
CA LYS B 327 -4.22 43.82 -26.52
C LYS B 327 -5.63 43.37 -26.13
N GLY B 328 -6.03 43.75 -24.92
CA GLY B 328 -7.34 43.36 -24.43
C GLY B 328 -7.50 41.89 -24.16
N THR B 329 -6.41 41.16 -24.00
CA THR B 329 -6.45 39.74 -23.68
C THR B 329 -5.63 39.48 -22.43
N ALA B 330 -6.14 38.60 -21.57
CA ALA B 330 -5.46 38.23 -20.35
C ALA B 330 -5.64 36.74 -20.11
N LEU B 331 -4.76 36.17 -19.30
CA LEU B 331 -4.73 34.74 -19.01
C LEU B 331 -4.86 34.54 -17.51
N VAL B 332 -5.83 33.72 -17.10
CA VAL B 332 -6.02 33.44 -15.69
C VAL B 332 -5.94 31.94 -15.47
N ALA B 333 -5.50 31.55 -14.27
CA ALA B 333 -5.29 30.15 -13.92
C ALA B 333 -5.99 29.83 -12.62
N ILE B 334 -6.54 28.63 -12.53
CA ILE B 334 -7.21 28.14 -11.33
C ILE B 334 -6.56 26.83 -10.91
N PRO B 335 -6.02 26.71 -9.71
CA PRO B 335 -5.56 25.40 -9.24
C PRO B 335 -6.72 24.43 -9.16
N SER B 336 -6.45 23.19 -9.56
CA SER B 336 -7.49 22.18 -9.73
C SER B 336 -7.26 21.03 -8.77
N GLU B 337 -8.33 20.60 -8.10
CA GLU B 337 -8.26 19.52 -7.13
C GLU B 337 -8.91 18.27 -7.72
N GLY B 338 -8.20 17.14 -7.63
CA GLY B 338 -8.74 15.88 -8.09
C GLY B 338 -7.85 14.73 -7.65
N ASN B 339 -8.45 13.55 -7.60
CA ASN B 339 -7.72 12.32 -7.30
C ASN B 339 -8.27 11.25 -8.23
N PRO B 340 -7.41 10.56 -9.01
CA PRO B 340 -5.94 10.66 -9.05
C PRO B 340 -5.43 12.00 -9.57
N THR B 341 -4.15 12.28 -9.35
CA THR B 341 -3.57 13.53 -9.78
C THR B 341 -3.82 13.72 -11.28
N PRO B 342 -4.26 14.90 -11.71
CA PRO B 342 -4.76 15.09 -13.09
C PRO B 342 -3.81 14.59 -14.16
N PRO B 343 -2.49 14.86 -14.07
CA PRO B 343 -1.59 15.58 -13.15
C PRO B 343 -1.57 17.09 -13.37
N GLU B 344 -2.12 17.54 -14.50
CA GLU B 344 -2.14 18.97 -14.81
C GLU B 344 -2.82 19.75 -13.71
N ALA B 345 -2.05 20.57 -12.99
CA ALA B 345 -2.54 21.19 -11.77
C ALA B 345 -3.42 22.39 -12.03
N TYR B 346 -3.24 23.09 -13.15
CA TYR B 346 -3.82 24.41 -13.30
C TYR B 346 -4.81 24.50 -14.43
N HIS B 347 -6.09 24.96 -14.20
CA HIS B 347 -6.88 24.66 -15.37
C HIS B 347 -6.67 26.21 -15.87
N PHE B 348 -6.83 26.52 -17.16
CA PHE B 348 -6.54 27.82 -17.78
C PHE B 348 -7.76 28.45 -18.47
N TYR B 349 -7.94 29.76 -18.30
CA TYR B 349 -8.92 30.53 -19.03
C TYR B 349 -8.20 31.72 -19.68
N GLN B 350 -8.57 32.04 -20.85
CA GLN B 350 -8.50 33.26 -21.69
C GLN B 350 -9.65 34.19 -21.73
N VAL B 351 -9.40 35.39 -21.15
CA VAL B 351 -10.40 36.44 -21.09
C VAL B 351 -10.04 37.52 -22.10
N SER B 352 -11.06 38.06 -22.77
CA SER B 352 -10.89 39.02 -23.84
C SER B 352 -11.83 40.19 -23.62
N PHE B 353 -11.32 41.40 -23.84
CA PHE B 353 -12.09 42.62 -23.74
C PHE B 353 -12.50 43.05 -25.15
N GLN B 354 -13.78 43.34 -25.32
CA GLN B 354 -14.38 43.68 -26.63
C GLN B 354 -14.04 42.65 -27.70
N GLY C 536 29.55 18.96 73.04
CA GLY C 536 29.17 19.62 71.81
C GLY C 536 28.19 18.81 70.97
N GLY C 537 28.70 17.77 70.33
CA GLY C 537 27.87 16.90 69.53
C GLY C 537 28.36 16.65 68.13
N ARG C 538 28.37 15.38 67.72
CA ARG C 538 28.78 15.01 66.37
C ARG C 538 27.72 15.44 65.37
N PRO C 539 28.08 15.57 64.08
CA PRO C 539 27.06 15.83 63.05
C PRO C 539 25.99 14.75 63.06
N ARG C 540 24.76 15.15 63.38
CA ARG C 540 23.70 14.18 63.61
C ARG C 540 23.38 13.41 62.34
N GLN C 541 23.03 12.13 62.52
CA GLN C 541 22.94 11.20 61.42
C GLN C 541 21.87 11.61 60.41
N HIS C 542 22.19 11.37 59.15
CA HIS C 542 21.24 11.55 58.07
C HIS C 542 20.82 10.08 57.96
N LEU C 543 19.53 9.80 58.06
CA LEU C 543 19.09 8.41 58.07
C LEU C 543 18.94 7.77 56.70
N LEU C 544 20.08 7.38 56.13
CA LEU C 544 20.09 6.73 54.82
C LEU C 544 20.61 5.29 54.83
N SER C 545 21.86 5.11 55.28
CA SER C 545 22.47 3.78 55.24
C SER C 545 23.16 3.17 56.48
N LEU C 546 22.90 3.60 57.71
CA LEU C 546 23.66 2.97 58.77
C LEU C 546 23.13 1.58 59.14
N THR C 547 23.95 0.86 59.89
CA THR C 547 23.74 -0.54 60.23
C THR C 547 22.70 -0.65 61.35
N ARG C 548 22.49 -1.89 61.81
CA ARG C 548 21.42 -2.17 62.77
C ARG C 548 21.66 -1.50 64.12
N ARG C 549 22.89 -1.63 64.64
CA ARG C 549 23.15 -1.33 66.05
C ARG C 549 23.39 0.15 66.32
N ALA C 550 22.83 1.01 65.47
CA ALA C 550 22.64 2.43 65.78
C ALA C 550 21.16 2.80 65.79
N GLN C 551 20.42 2.40 64.75
CA GLN C 551 18.96 2.48 64.80
C GLN C 551 18.41 1.73 66.00
N LYS C 552 19.15 0.74 66.51
CA LYS C 552 18.75 0.02 67.72
C LYS C 552 18.44 0.99 68.84
N HIS C 553 19.42 1.80 69.24
CA HIS C 553 19.19 2.77 70.30
C HIS C 553 18.55 4.05 69.80
N ARG C 554 18.47 4.25 68.49
CA ARG C 554 17.62 5.33 67.99
C ARG C 554 16.14 5.04 68.22
N LEU C 555 15.74 3.77 68.22
CA LEU C 555 14.33 3.42 68.36
C LEU C 555 14.05 2.46 69.51
N ARG C 556 14.99 2.31 70.45
CA ARG C 556 14.73 1.50 71.64
C ARG C 556 13.45 1.93 72.35
N ASP C 557 13.31 3.23 72.61
CA ASP C 557 12.13 3.69 73.34
C ASP C 557 10.87 3.52 72.51
N LEU C 558 10.97 3.73 71.19
CA LEU C 558 9.80 3.52 70.32
C LEU C 558 9.34 2.09 70.36
N LYS C 559 10.27 1.13 70.25
CA LYS C 559 9.87 -0.28 70.25
C LYS C 559 9.43 -0.73 71.64
N ASN C 560 9.99 -0.15 72.71
CA ASN C 560 9.50 -0.46 74.05
C ASN C 560 8.06 0.01 74.22
N GLN C 561 7.75 1.22 73.76
CA GLN C 561 6.37 1.72 73.84
C GLN C 561 5.43 0.89 72.96
N VAL C 562 5.89 0.47 71.79
CA VAL C 562 5.06 -0.36 70.91
C VAL C 562 4.76 -1.70 71.57
N LYS C 563 5.79 -2.33 72.15
CA LYS C 563 5.58 -3.59 72.86
C LYS C 563 4.65 -3.39 74.06
N THR C 564 4.78 -2.27 74.76
CA THR C 564 3.88 -1.99 75.89
C THR C 564 2.44 -1.90 75.42
N PHE C 565 2.20 -1.18 74.31
CA PHE C 565 0.84 -1.06 73.78
C PHE C 565 0.31 -2.42 73.33
N ALA C 566 1.16 -3.22 72.69
CA ALA C 566 0.74 -4.56 72.26
C ALA C 566 0.37 -5.43 73.45
N GLU C 567 1.16 -5.37 74.52
CA GLU C 567 0.84 -6.13 75.73
C GLU C 567 -0.44 -5.61 76.39
N LYS C 568 -0.67 -4.30 76.33
CA LYS C 568 -1.84 -3.74 77.00
C LYS C 568 -3.13 -4.09 76.27
N GLU C 569 -3.12 -4.04 74.93
CA GLU C 569 -4.37 -4.14 74.19
C GLU C 569 -4.46 -5.32 73.23
N GLU C 570 -3.35 -5.77 72.63
CA GLU C 570 -3.37 -6.80 71.61
C GLU C 570 -2.50 -8.00 71.96
N GLY C 571 -2.13 -8.14 73.24
CA GLY C 571 -1.42 -9.32 73.69
C GLY C 571 0.09 -9.30 73.52
N GLY C 572 0.58 -8.68 72.46
CA GLY C 572 2.03 -8.56 72.28
C GLY C 572 2.59 -9.12 70.98
N ASP C 573 1.74 -9.32 69.98
CA ASP C 573 2.18 -9.89 68.70
C ASP C 573 2.87 -8.80 67.90
N VAL C 574 4.21 -8.84 67.88
CA VAL C 574 5.00 -7.78 67.26
C VAL C 574 4.67 -7.66 65.77
N LYS C 575 4.54 -8.80 65.08
CA LYS C 575 4.38 -8.78 63.63
C LYS C 575 3.09 -8.06 63.22
N SER C 576 1.97 -8.42 63.83
CA SER C 576 0.69 -7.84 63.44
C SER C 576 0.65 -6.34 63.70
N VAL C 577 1.27 -5.89 64.79
CA VAL C 577 1.32 -4.46 65.07
C VAL C 577 2.19 -3.74 64.06
N CYS C 578 3.44 -4.21 63.88
CA CYS C 578 4.39 -3.50 63.03
C CYS C 578 3.99 -3.55 61.56
N LEU C 579 3.22 -4.54 61.14
CA LEU C 579 2.76 -4.55 59.75
C LEU C 579 1.68 -3.51 59.52
N THR C 580 0.81 -3.29 60.51
CA THR C 580 -0.27 -2.33 60.36
C THR C 580 0.18 -0.91 60.62
N LEU C 581 1.30 -0.73 61.32
CA LEU C 581 1.82 0.62 61.57
C LEU C 581 1.97 1.40 60.27
N PHE C 582 2.38 0.73 59.20
CA PHE C 582 2.61 1.43 57.93
C PHE C 582 1.33 1.95 57.30
N LEU C 583 0.22 1.24 57.48
CA LEU C 583 -1.02 1.57 56.78
C LEU C 583 -1.42 3.04 56.98
N LEU C 584 -1.63 3.43 58.24
CA LEU C 584 -2.13 4.77 58.50
C LEU C 584 -1.04 5.83 58.39
N ALA C 585 0.20 5.49 58.72
CA ALA C 585 1.28 6.46 58.61
C ALA C 585 1.53 6.85 57.16
N LEU C 586 1.46 5.89 56.24
CA LEU C 586 1.62 6.20 54.83
C LEU C 586 0.34 6.79 54.25
N ARG C 587 -0.82 6.25 54.64
CA ARG C 587 -2.09 6.58 54.00
C ARG C 587 -2.54 8.01 54.30
N ALA C 588 -1.83 8.75 55.14
CA ALA C 588 -2.23 10.12 55.33
C ALA C 588 -2.08 10.80 53.97
N GLY C 589 -0.98 10.53 53.27
CA GLY C 589 -0.70 11.11 51.97
C GLY C 589 -0.22 10.24 50.79
N ASN C 590 -0.35 8.93 50.88
CA ASN C 590 0.15 8.03 49.82
C ASN C 590 -0.48 8.15 48.43
N GLU C 591 0.33 8.03 47.37
CA GLU C 591 -0.25 8.13 45.98
C GLU C 591 -1.22 7.01 45.57
N HIS C 592 -0.72 5.81 45.25
CA HIS C 592 -1.53 4.60 45.29
C HIS C 592 -0.65 3.41 45.67
N LYS C 593 0.65 3.54 45.41
CA LYS C 593 1.58 2.43 45.53
C LYS C 593 1.75 1.98 46.97
N GLN C 594 1.42 2.86 47.94
CA GLN C 594 1.37 2.45 49.33
C GLN C 594 0.53 1.18 49.49
N ALA C 595 -0.69 1.19 48.93
CA ALA C 595 -1.59 0.05 49.10
C ALA C 595 -1.04 -1.19 48.41
N ASP C 596 -0.44 -1.02 47.23
CA ASP C 596 0.13 -2.18 46.53
C ASP C 596 1.26 -2.81 47.33
N GLU C 597 2.25 -1.99 47.72
CA GLU C 597 3.41 -2.55 48.41
C GLU C 597 3.04 -3.06 49.80
N LEU C 598 1.93 -2.56 50.37
CA LEU C 598 1.49 -3.09 51.66
C LEU C 598 0.73 -4.40 51.49
N GLU C 599 -0.13 -4.51 50.46
CA GLU C 599 -0.79 -5.77 50.16
C GLU C 599 0.17 -6.80 49.58
N ALA C 600 1.40 -6.40 49.26
CA ALA C 600 2.48 -7.28 48.82
C ALA C 600 2.96 -8.21 49.93
N MET C 601 2.22 -8.22 51.05
CA MET C 601 2.51 -9.11 52.17
C MET C 601 2.41 -10.58 51.79
N MET C 602 2.71 -11.46 52.77
CA MET C 602 2.67 -12.90 52.57
C MET C 602 1.42 -13.41 51.86
N GLN C 603 0.30 -12.68 51.92
CA GLN C 603 -0.92 -13.13 51.28
C GLN C 603 -0.86 -12.87 49.77
N GLY C 604 -1.97 -13.18 49.08
CA GLY C 604 -2.05 -13.05 47.64
C GLY C 604 -1.99 -14.37 46.89
N ARG C 605 -0.86 -14.64 46.26
CA ARG C 605 0.25 -13.70 46.28
C ARG C 605 0.76 -13.25 44.89
N GLY C 606 1.15 -14.21 44.06
CA GLY C 606 2.00 -13.98 42.90
C GLY C 606 3.39 -14.43 43.29
N PHE C 607 3.79 -15.69 43.02
CA PHE C 607 3.85 -16.38 41.72
C PHE C 607 2.73 -16.09 40.72
N GLY C 608 3.14 -16.04 39.46
CA GLY C 608 2.47 -15.25 38.45
C GLY C 608 1.10 -15.77 38.08
N LEU C 609 0.44 -14.93 37.27
CA LEU C 609 -0.90 -15.19 36.76
C LEU C 609 -0.99 -16.61 36.20
N HIS C 610 -2.18 -17.19 36.28
CA HIS C 610 -2.44 -18.44 35.57
C HIS C 610 -2.02 -18.31 34.11
N PRO C 611 -1.47 -19.36 33.49
CA PRO C 611 -1.05 -19.23 32.08
C PRO C 611 -2.16 -18.86 31.12
N ALA C 612 -3.43 -19.14 31.45
CA ALA C 612 -4.52 -18.73 30.58
C ALA C 612 -4.62 -17.21 30.48
N VAL C 613 -4.48 -16.50 31.60
CA VAL C 613 -4.54 -15.04 31.59
C VAL C 613 -3.38 -14.46 30.77
N CYS C 614 -2.19 -15.05 30.92
CA CYS C 614 -1.06 -14.64 30.10
C CYS C 614 -1.34 -14.85 28.61
N LEU C 615 -1.91 -16.01 28.26
CA LEU C 615 -2.25 -16.28 26.87
C LEU C 615 -3.24 -15.26 26.34
N ALA C 616 -4.21 -14.88 27.16
CA ALA C 616 -5.20 -13.89 26.74
C ALA C 616 -4.57 -12.53 26.54
N ILE C 617 -3.67 -12.12 27.45
CA ILE C 617 -2.95 -10.87 27.26
C ILE C 617 -2.19 -10.88 25.95
N ARG C 618 -1.53 -12.01 25.64
CA ARG C 618 -0.71 -12.06 24.44
C ARG C 618 -1.54 -12.05 23.16
N VAL C 619 -2.65 -12.77 23.12
CA VAL C 619 -3.43 -12.76 21.89
C VAL C 619 -4.30 -11.52 21.75
N ASN C 620 -4.56 -10.77 22.83
CA ASN C 620 -5.39 -9.58 22.73
C ASN C 620 -4.62 -8.27 22.71
N THR C 621 -3.31 -8.28 22.90
CA THR C 621 -2.52 -7.06 22.71
C THR C 621 -1.67 -7.11 21.45
N PHE C 622 -1.92 -8.07 20.57
CA PHE C 622 -1.20 -8.22 19.30
C PHE C 622 0.31 -8.29 19.49
N LEU C 623 0.74 -8.91 20.58
CA LEU C 623 2.16 -9.09 20.86
C LEU C 623 2.67 -10.33 20.15
N SER C 624 3.73 -10.18 19.37
CA SER C 624 4.36 -11.32 18.72
C SER C 624 5.03 -12.22 19.75
N CYS C 625 5.16 -13.50 19.40
CA CYS C 625 5.75 -14.46 20.34
C CYS C 625 7.16 -14.06 20.74
N SER C 626 7.98 -13.64 19.78
CA SER C 626 9.34 -13.26 20.10
C SER C 626 9.38 -11.97 20.92
N GLN C 627 8.48 -11.02 20.61
CA GLN C 627 8.40 -9.82 21.43
C GLN C 627 7.93 -10.15 22.85
N TYR C 628 7.01 -11.11 22.99
CA TYR C 628 6.55 -11.50 24.31
C TYR C 628 7.66 -12.18 25.10
N HIS C 629 8.45 -13.03 24.45
CA HIS C 629 9.59 -13.64 25.13
C HIS C 629 10.60 -12.59 25.56
N LYS C 630 10.79 -11.55 24.73
CA LYS C 630 11.64 -10.43 25.12
C LYS C 630 11.10 -9.76 26.38
N MET C 631 9.79 -9.49 26.41
CA MET C 631 9.19 -8.90 27.60
C MET C 631 9.37 -9.79 28.83
N TYR C 632 9.21 -11.10 28.66
CA TYR C 632 9.34 -12.05 29.76
C TYR C 632 10.75 -12.05 30.32
N ARG C 633 11.75 -12.14 29.45
CA ARG C 633 13.13 -12.12 29.89
C ARG C 633 13.45 -10.82 30.61
N THR C 634 13.00 -9.68 30.08
CA THR C 634 13.33 -8.41 30.71
C THR C 634 12.63 -8.25 32.06
N VAL C 635 11.40 -8.72 32.18
CA VAL C 635 10.70 -8.58 33.46
C VAL C 635 11.19 -9.58 34.49
N LYS C 636 11.79 -10.69 34.08
CA LYS C 636 12.33 -11.62 35.05
C LYS C 636 13.76 -11.27 35.48
N ALA C 637 14.58 -10.77 34.56
CA ALA C 637 15.97 -10.49 34.89
C ALA C 637 16.11 -9.33 35.87
N THR C 638 15.23 -8.33 35.79
CA THR C 638 15.24 -7.19 36.69
C THR C 638 14.22 -7.44 37.80
N SER C 639 14.71 -7.62 39.03
CA SER C 639 13.93 -7.73 40.26
C SER C 639 13.03 -8.95 40.31
N GLY C 640 13.13 -9.88 39.37
CA GLY C 640 12.26 -11.04 39.38
C GLY C 640 12.78 -12.15 40.28
N ARG C 641 11.87 -12.84 40.99
CA ARG C 641 10.42 -12.57 41.13
C ARG C 641 9.66 -12.55 39.79
N GLN C 642 9.72 -13.66 39.06
CA GLN C 642 9.15 -13.69 37.71
C GLN C 642 7.63 -13.79 37.79
N ILE C 643 6.96 -13.02 36.93
CA ILE C 643 5.50 -12.98 36.91
C ILE C 643 4.99 -13.78 35.71
N PHE C 644 5.35 -13.36 34.51
CA PHE C 644 4.83 -13.98 33.31
C PHE C 644 5.34 -15.41 33.16
N GLN C 645 4.56 -16.23 32.48
CA GLN C 645 4.92 -17.61 32.22
C GLN C 645 5.82 -17.71 30.99
N PRO C 646 6.67 -18.73 30.91
CA PRO C 646 7.49 -18.92 29.72
C PRO C 646 6.66 -19.38 28.53
N LEU C 647 7.29 -19.42 27.36
CA LEU C 647 6.57 -19.73 26.13
C LEU C 647 6.10 -21.17 26.10
N HIS C 648 6.95 -22.11 26.53
CA HIS C 648 6.64 -23.53 26.37
C HIS C 648 5.47 -23.97 27.24
N THR C 649 5.10 -23.20 28.25
CA THR C 649 3.89 -23.50 29.00
C THR C 649 2.66 -22.84 28.40
N LEU C 650 2.83 -21.78 27.61
CA LEU C 650 1.72 -21.26 26.82
C LEU C 650 1.37 -22.21 25.68
N ARG C 651 2.38 -22.76 25.01
CA ARG C 651 2.15 -23.59 23.83
C ARG C 651 1.23 -24.80 24.12
N ASN C 652 1.51 -25.66 25.08
CA ASN C 652 0.39 -26.36 25.85
C ASN C 652 -0.71 -25.71 26.63
N ALA C 653 -0.90 -24.42 26.70
CA ALA C 653 -2.02 -23.93 27.43
C ALA C 653 -3.25 -23.82 26.56
N GLU C 654 -3.09 -23.65 25.25
CA GLU C 654 -4.23 -23.40 24.37
C GLU C 654 -4.73 -24.67 23.69
N LYS C 655 -4.12 -25.83 23.96
CA LYS C 655 -4.55 -27.07 23.34
C LYS C 655 -6.01 -27.39 23.62
N GLU C 656 -6.66 -26.69 24.55
CA GLU C 656 -8.10 -26.82 24.74
C GLU C 656 -8.88 -25.87 23.85
N LEU C 657 -8.36 -24.67 23.61
CA LEU C 657 -9.11 -23.65 22.87
C LEU C 657 -9.22 -23.98 21.39
N LEU C 658 -8.17 -24.56 20.80
CA LEU C 658 -8.17 -24.93 19.39
C LEU C 658 -9.12 -26.09 19.14
N PRO C 659 -9.49 -26.34 17.89
CA PRO C 659 -10.38 -27.46 17.58
C PRO C 659 -9.68 -28.81 17.75
N GLY C 660 -10.48 -29.86 17.72
CA GLY C 660 -9.96 -31.20 17.81
C GLY C 660 -9.54 -31.59 19.21
N PHE C 661 -10.23 -31.12 20.23
CA PHE C 661 -9.94 -31.49 21.60
C PHE C 661 -11.13 -32.17 22.28
N HIS C 662 -12.29 -31.52 22.29
CA HIS C 662 -13.45 -32.07 22.99
C HIS C 662 -14.00 -33.27 22.24
N GLN C 663 -14.61 -34.19 22.98
CA GLN C 663 -15.32 -35.31 22.38
C GLN C 663 -16.71 -34.87 21.98
N PHE C 664 -17.18 -35.36 20.83
CA PHE C 664 -18.50 -35.03 20.32
C PHE C 664 -18.98 -36.16 19.43
N GLU C 665 -20.30 -36.21 19.18
CA GLU C 665 -20.76 -37.20 18.21
C GLU C 665 -22.12 -36.83 17.63
N TRP C 666 -22.29 -37.07 16.35
CA TRP C 666 -23.55 -36.81 15.68
C TRP C 666 -24.44 -38.05 15.75
N GLN C 667 -25.74 -37.85 15.50
CA GLN C 667 -26.62 -38.96 15.22
C GLN C 667 -27.74 -38.43 14.34
N PRO C 668 -28.12 -39.16 13.28
CA PRO C 668 -27.39 -40.33 12.80
C PRO C 668 -26.03 -39.96 12.24
N ALA C 669 -25.14 -40.92 12.03
CA ALA C 669 -23.78 -40.59 11.61
C ALA C 669 -23.80 -39.83 10.29
N LEU C 670 -22.97 -38.81 10.21
CA LEU C 670 -22.95 -37.92 9.04
C LEU C 670 -22.59 -38.70 7.78
N LYS C 671 -23.00 -38.14 6.65
CA LYS C 671 -22.75 -38.75 5.35
C LYS C 671 -21.45 -38.21 4.77
N ASN C 672 -20.60 -39.11 4.30
CA ASN C 672 -19.37 -38.76 3.59
C ASN C 672 -18.40 -37.96 4.46
N VAL C 673 -18.54 -38.02 5.79
CA VAL C 673 -17.61 -37.38 6.71
C VAL C 673 -17.10 -38.42 7.71
N SER C 674 -15.79 -38.47 7.89
CA SER C 674 -15.18 -39.39 8.84
C SER C 674 -15.56 -39.02 10.26
N THR C 675 -15.47 -40.00 11.15
CA THR C 675 -15.93 -39.85 12.53
C THR C 675 -14.82 -39.45 13.49
N SER C 676 -13.58 -39.37 13.02
CA SER C 676 -12.48 -38.97 13.88
C SER C 676 -12.71 -37.55 14.37
N TRP C 677 -12.63 -37.35 15.68
CA TRP C 677 -12.97 -36.07 16.29
C TRP C 677 -11.75 -35.27 16.71
N ASP C 678 -10.55 -35.67 16.30
CA ASP C 678 -9.32 -35.00 16.70
C ASP C 678 -8.57 -34.39 15.52
N VAL C 679 -9.21 -34.25 14.36
CA VAL C 679 -8.53 -33.68 13.20
C VAL C 679 -8.31 -32.20 13.41
N GLY C 680 -7.05 -31.78 13.41
CA GLY C 680 -6.71 -30.38 13.57
C GLY C 680 -6.69 -29.63 12.25
N ILE C 681 -5.63 -28.87 12.01
CA ILE C 681 -5.51 -28.14 10.76
C ILE C 681 -5.22 -29.11 9.62
N ILE C 682 -6.14 -29.21 8.68
CA ILE C 682 -6.04 -30.09 7.52
C ILE C 682 -5.75 -29.24 6.29
N ASP C 683 -4.91 -29.74 5.40
CA ASP C 683 -4.62 -29.03 4.15
C ASP C 683 -5.84 -29.10 3.24
N GLY C 684 -6.21 -27.95 2.66
CA GLY C 684 -7.46 -27.87 1.93
C GLY C 684 -7.45 -28.59 0.60
N LEU C 685 -6.28 -28.85 0.04
CA LEU C 685 -6.22 -29.56 -1.24
C LEU C 685 -7.01 -30.86 -1.21
N SER C 686 -7.05 -31.52 -0.05
CA SER C 686 -7.96 -32.64 0.18
C SER C 686 -7.61 -33.85 -0.68
N GLY C 687 -6.31 -34.11 -0.84
CA GLY C 687 -5.87 -35.31 -1.53
C GLY C 687 -5.72 -35.16 -3.04
N TRP C 688 -5.20 -34.04 -3.51
CA TRP C 688 -5.04 -33.86 -4.96
C TRP C 688 -3.85 -34.68 -5.45
N THR C 689 -4.08 -35.41 -6.53
CA THR C 689 -3.08 -36.31 -7.12
C THR C 689 -2.09 -35.51 -7.97
N VAL C 690 -1.20 -34.79 -7.27
CA VAL C 690 -0.37 -33.70 -7.81
C VAL C 690 0.34 -34.07 -9.10
N SER C 691 0.31 -35.35 -9.48
CA SER C 691 0.97 -35.84 -10.68
C SER C 691 0.75 -34.92 -11.87
N VAL C 692 1.76 -34.87 -12.75
CA VAL C 692 1.93 -33.74 -13.67
C VAL C 692 0.81 -33.66 -14.69
N ASP C 693 0.34 -34.80 -15.19
CA ASP C 693 -0.48 -34.80 -16.40
C ASP C 693 -1.87 -34.23 -16.19
N ASP C 694 -2.38 -34.27 -14.95
CA ASP C 694 -3.71 -33.75 -14.64
C ASP C 694 -3.68 -32.22 -14.55
N VAL C 695 -4.81 -31.65 -14.14
CA VAL C 695 -4.87 -30.25 -13.77
C VAL C 695 -4.01 -30.09 -12.52
N PRO C 696 -3.02 -29.19 -12.53
CA PRO C 696 -2.06 -29.13 -11.42
C PRO C 696 -2.67 -28.49 -10.17
N ALA C 697 -2.04 -28.80 -9.04
CA ALA C 697 -2.41 -28.24 -7.74
C ALA C 697 -1.50 -27.05 -7.44
N ASP C 698 -1.91 -25.87 -7.89
CA ASP C 698 -1.17 -24.62 -7.68
C ASP C 698 -1.61 -23.89 -6.43
N THR C 699 -2.38 -24.55 -5.56
CA THR C 699 -3.08 -23.88 -4.47
C THR C 699 -2.51 -24.32 -3.13
N ILE C 700 -2.11 -23.36 -2.32
CA ILE C 700 -1.79 -23.56 -0.93
C ILE C 700 -2.99 -23.11 -0.11
N SER C 701 -3.57 -24.01 0.67
CA SER C 701 -4.76 -23.67 1.44
C SER C 701 -4.77 -24.47 2.73
N ARG C 702 -5.51 -23.97 3.71
CA ARG C 702 -5.65 -24.67 4.99
C ARG C 702 -7.07 -24.50 5.52
N ARG C 703 -7.57 -25.52 6.21
CA ARG C 703 -8.92 -25.39 6.73
C ARG C 703 -9.14 -26.38 7.86
N PHE C 704 -9.89 -25.94 8.87
CA PHE C 704 -10.48 -26.85 9.83
C PHE C 704 -11.69 -27.54 9.21
N ARG C 705 -11.89 -28.80 9.57
CA ARG C 705 -13.14 -29.45 9.21
C ARG C 705 -14.30 -28.72 9.86
N TYR C 706 -15.44 -28.70 9.18
CA TYR C 706 -16.56 -27.89 9.63
C TYR C 706 -17.07 -28.34 11.00
N ASP C 707 -17.39 -29.62 11.14
CA ASP C 707 -17.98 -30.12 12.38
C ASP C 707 -17.08 -29.87 13.58
N VAL C 708 -15.77 -30.04 13.42
CA VAL C 708 -14.85 -29.90 14.55
C VAL C 708 -14.73 -28.45 14.98
N ALA C 709 -14.60 -27.52 14.03
CA ALA C 709 -14.56 -26.11 14.39
C ALA C 709 -15.88 -25.65 14.99
N LEU C 710 -16.99 -26.22 14.53
CA LEU C 710 -18.30 -25.85 15.10
C LEU C 710 -18.43 -26.33 16.54
N VAL C 711 -18.07 -27.58 16.83
CA VAL C 711 -18.22 -28.03 18.21
C VAL C 711 -17.24 -27.32 19.12
N SER C 712 -16.09 -26.87 18.62
CA SER C 712 -15.24 -26.10 19.53
C SER C 712 -15.76 -24.69 19.76
N ALA C 713 -16.33 -24.04 18.73
CA ALA C 713 -16.90 -22.71 18.95
C ALA C 713 -18.16 -22.76 19.79
N LEU C 714 -18.86 -23.90 19.80
CA LEU C 714 -20.05 -24.03 20.63
C LEU C 714 -19.68 -24.43 22.05
N LYS C 715 -18.67 -25.29 22.22
CA LYS C 715 -18.18 -25.64 23.54
C LYS C 715 -17.46 -24.48 24.21
N ASP C 716 -17.03 -23.47 23.45
CA ASP C 716 -16.43 -22.29 24.07
C ASP C 716 -17.48 -21.36 24.66
N LEU C 717 -18.61 -21.20 23.99
CA LEU C 717 -19.69 -20.34 24.45
C LEU C 717 -20.51 -20.94 25.58
N GLU C 718 -20.06 -22.06 26.15
CA GLU C 718 -20.84 -22.76 27.17
C GLU C 718 -21.11 -21.89 28.40
N GLU C 719 -20.14 -21.07 28.80
CA GLU C 719 -20.34 -20.13 29.88
C GLU C 719 -21.61 -19.30 29.68
N ASP C 720 -21.77 -18.71 28.48
CA ASP C 720 -22.88 -17.81 28.26
C ASP C 720 -24.21 -18.54 28.14
N ILE C 721 -24.23 -19.76 27.60
CA ILE C 721 -25.51 -20.46 27.51
C ILE C 721 -25.94 -20.93 28.89
N MET C 722 -24.98 -21.32 29.75
CA MET C 722 -25.35 -21.66 31.12
C MET C 722 -25.84 -20.44 31.88
N GLU C 723 -25.17 -19.30 31.72
CA GLU C 723 -25.60 -18.09 32.40
C GLU C 723 -26.97 -17.61 31.90
N GLY C 724 -27.25 -17.81 30.62
CA GLY C 724 -28.59 -17.49 30.12
C GLY C 724 -29.65 -18.40 30.67
N LEU C 725 -29.34 -19.70 30.81
CA LEU C 725 -30.29 -20.58 31.49
C LEU C 725 -30.51 -20.18 32.93
N ARG C 726 -29.47 -19.70 33.60
CA ARG C 726 -29.62 -19.26 34.99
C ARG C 726 -30.50 -18.02 35.10
N GLU C 727 -30.16 -16.98 34.33
CA GLU C 727 -30.93 -15.73 34.39
C GLU C 727 -32.38 -15.96 33.96
N ARG C 728 -32.59 -16.70 32.88
CA ARG C 728 -33.94 -17.05 32.45
C ARG C 728 -34.68 -17.88 33.48
N ALA C 729 -33.99 -18.36 34.51
CA ALA C 729 -34.55 -19.18 35.58
C ALA C 729 -35.13 -20.49 35.08
N LEU C 730 -34.72 -20.93 33.89
CA LEU C 730 -35.13 -22.24 33.40
C LEU C 730 -34.23 -23.32 34.01
N ASP C 731 -34.81 -24.50 34.21
CA ASP C 731 -34.07 -25.60 34.80
C ASP C 731 -32.89 -25.98 33.92
N ASP C 732 -31.71 -26.16 34.55
CA ASP C 732 -30.50 -26.44 33.80
C ASP C 732 -30.50 -27.87 33.26
N SER C 733 -30.86 -28.84 34.12
CA SER C 733 -30.77 -30.24 33.73
C SER C 733 -31.82 -30.63 32.70
N MET C 734 -33.03 -30.09 32.83
CA MET C 734 -34.15 -30.55 32.02
C MET C 734 -34.26 -29.78 30.71
N CYS C 735 -35.08 -30.32 29.81
CA CYS C 735 -35.35 -29.77 28.48
C CYS C 735 -34.07 -29.29 27.79
N THR C 736 -33.10 -30.19 27.71
CA THR C 736 -31.80 -29.91 27.12
C THR C 736 -31.63 -30.51 25.72
N SER C 737 -32.71 -30.99 25.10
CA SER C 737 -32.59 -31.67 23.82
C SER C 737 -33.03 -30.84 22.62
N GLY C 738 -33.66 -29.69 22.84
CA GLY C 738 -34.21 -28.96 21.71
C GLY C 738 -33.51 -27.67 21.33
N PHE C 739 -32.20 -27.57 21.54
CA PHE C 739 -31.49 -26.34 21.20
C PHE C 739 -31.52 -26.08 19.69
N THR C 740 -31.25 -24.83 19.33
CA THR C 740 -31.20 -24.40 17.93
C THR C 740 -30.18 -23.29 17.79
N VAL C 741 -29.24 -23.45 16.87
CA VAL C 741 -28.14 -22.52 16.69
C VAL C 741 -28.22 -21.96 15.28
N VAL C 742 -28.36 -20.65 15.15
CA VAL C 742 -28.44 -19.96 13.87
C VAL C 742 -27.09 -19.31 13.62
N VAL C 743 -26.48 -19.66 12.48
CA VAL C 743 -25.08 -19.38 12.18
C VAL C 743 -24.99 -18.60 10.87
N LYS C 744 -24.39 -17.42 10.93
CA LYS C 744 -24.16 -16.59 9.75
C LYS C 744 -22.80 -16.94 9.17
N GLU C 745 -22.75 -17.27 7.88
CA GLU C 745 -21.50 -17.60 7.22
C GLU C 745 -21.20 -16.55 6.16
N SER C 746 -19.91 -16.34 5.88
CA SER C 746 -19.52 -15.31 4.94
C SER C 746 -18.24 -15.73 4.22
N CYS C 747 -18.13 -15.34 2.96
CA CYS C 747 -16.99 -15.65 2.10
C CYS C 747 -16.55 -14.39 1.37
N ASP C 748 -15.25 -14.15 1.31
CA ASP C 748 -14.79 -12.93 0.66
C ASP C 748 -13.38 -13.10 0.11
N GLY C 749 -13.09 -12.36 -0.96
CA GLY C 749 -11.75 -12.29 -1.52
C GLY C 749 -10.99 -11.07 -1.04
N MET C 750 -9.72 -11.02 -1.39
CA MET C 750 -8.86 -9.90 -0.97
C MET C 750 -7.72 -9.74 -1.97
N GLY C 751 -7.60 -8.56 -2.54
CA GLY C 751 -6.62 -8.34 -3.60
C GLY C 751 -5.22 -8.01 -3.09
N ASP C 752 -4.26 -8.11 -4.01
CA ASP C 752 -2.85 -7.77 -3.82
C ASP C 752 -2.30 -8.25 -2.47
N VAL C 753 -2.35 -9.56 -2.25
CA VAL C 753 -1.59 -10.21 -1.19
C VAL C 753 -0.25 -10.59 -1.79
N SER C 754 0.82 -9.91 -1.39
CA SER C 754 2.10 -10.08 -2.06
C SER C 754 2.62 -11.51 -1.90
N GLU C 755 3.23 -12.03 -2.95
CA GLU C 755 3.78 -13.38 -2.95
C GLU C 755 5.15 -13.41 -2.29
N LYS C 756 5.56 -14.61 -1.87
CA LYS C 756 6.88 -14.83 -1.28
C LYS C 756 7.78 -15.59 -2.24
N HIS C 757 9.09 -15.44 -2.04
CA HIS C 757 10.06 -16.11 -2.89
C HIS C 757 9.90 -17.61 -2.78
N GLY C 758 10.14 -18.16 -1.60
CA GLY C 758 9.82 -19.54 -1.30
C GLY C 758 10.36 -20.57 -2.27
N SER C 759 9.84 -21.80 -2.19
CA SER C 759 10.28 -22.88 -3.06
C SER C 759 9.32 -23.12 -4.22
N GLY C 760 8.06 -23.42 -3.92
CA GLY C 760 7.09 -23.73 -4.96
C GLY C 760 5.78 -24.21 -4.36
N PRO C 761 4.74 -24.30 -5.20
CA PRO C 761 4.73 -23.89 -6.60
C PRO C 761 4.32 -22.43 -6.78
N ALA C 762 4.20 -21.97 -8.03
CA ALA C 762 3.73 -20.62 -8.27
C ALA C 762 2.28 -20.48 -7.84
N VAL C 763 1.95 -19.32 -7.25
CA VAL C 763 0.61 -19.08 -6.73
C VAL C 763 0.16 -17.67 -7.10
N PRO C 764 -1.11 -17.49 -7.44
CA PRO C 764 -1.63 -16.14 -7.63
C PRO C 764 -1.56 -15.34 -6.35
N GLU C 765 -1.75 -14.03 -6.48
CA GLU C 765 -1.62 -13.11 -5.36
C GLU C 765 -2.90 -12.94 -4.56
N LYS C 766 -4.05 -12.94 -5.22
CA LYS C 766 -5.31 -12.75 -4.53
C LYS C 766 -5.61 -13.92 -3.59
N ALA C 767 -6.17 -13.62 -2.42
CA ALA C 767 -6.51 -14.65 -1.44
C ALA C 767 -8.02 -14.64 -1.16
N VAL C 768 -8.54 -15.79 -0.73
CA VAL C 768 -9.96 -15.94 -0.40
C VAL C 768 -10.06 -16.51 1.01
N ARG C 769 -10.95 -15.92 1.82
CA ARG C 769 -11.01 -16.19 3.25
C ARG C 769 -12.44 -16.53 3.64
N PHE C 770 -12.73 -17.80 3.88
CA PHE C 770 -14.06 -18.23 4.26
C PHE C 770 -14.17 -18.29 5.77
N SER C 771 -15.16 -17.61 6.33
CA SER C 771 -15.32 -17.52 7.78
C SER C 771 -16.80 -17.63 8.15
N PHE C 772 -17.06 -17.91 9.42
CA PHE C 772 -18.42 -18.05 9.92
C PHE C 772 -18.50 -17.48 11.34
N THR C 773 -19.73 -17.28 11.82
CA THR C 773 -20.00 -16.67 13.11
C THR C 773 -21.32 -17.19 13.65
N ILE C 774 -21.34 -17.53 14.94
CA ILE C 774 -22.55 -18.02 15.60
C ILE C 774 -23.37 -16.80 15.98
N MET C 775 -24.52 -16.62 15.32
CA MET C 775 -25.38 -15.47 15.58
C MET C 775 -26.18 -15.65 16.85
N SER C 776 -27.00 -16.69 16.93
CA SER C 776 -27.83 -16.83 18.12
C SER C 776 -28.05 -18.30 18.44
N ILE C 777 -28.34 -18.57 19.71
CA ILE C 777 -28.66 -19.92 20.18
C ILE C 777 -29.85 -19.84 21.11
N SER C 778 -30.89 -20.64 20.83
CA SER C 778 -32.16 -20.61 21.52
C SER C 778 -32.57 -22.01 21.93
N ILE C 779 -33.61 -22.08 22.75
CA ILE C 779 -34.20 -23.34 23.22
C ILE C 779 -35.67 -23.33 22.86
N ARG C 780 -36.20 -24.50 22.55
CA ARG C 780 -37.61 -24.69 22.22
C ARG C 780 -38.30 -25.67 23.16
N LEU C 781 -37.62 -26.74 23.55
CA LEU C 781 -38.23 -27.81 24.34
C LEU C 781 -38.84 -27.26 25.62
N GLU C 782 -39.94 -27.88 26.07
CA GLU C 782 -40.51 -29.04 25.39
C GLU C 782 -41.37 -28.69 24.18
N GLY C 783 -41.79 -27.44 24.09
CA GLY C 783 -42.59 -27.00 22.97
C GLY C 783 -43.41 -25.77 23.31
N GLU C 784 -44.43 -25.54 22.50
CA GLU C 784 -45.43 -24.49 22.68
C GLU C 784 -44.86 -23.12 22.36
N ASP C 785 -43.55 -23.05 22.13
CA ASP C 785 -42.85 -21.82 21.79
C ASP C 785 -42.06 -22.06 20.51
N ASP C 786 -42.27 -21.18 19.52
CA ASP C 786 -41.38 -21.16 18.36
C ASP C 786 -39.93 -21.13 18.82
N GLY C 787 -39.61 -20.27 19.78
CA GLY C 787 -38.30 -20.27 20.40
C GLY C 787 -38.32 -19.54 21.73
N ILE C 788 -37.29 -19.81 22.54
CA ILE C 788 -36.98 -19.05 23.75
C ILE C 788 -35.49 -18.78 23.68
N THR C 789 -35.11 -17.57 23.29
CA THR C 789 -33.70 -17.28 23.03
C THR C 789 -32.91 -17.22 24.32
N ILE C 790 -31.66 -17.64 24.24
CA ILE C 790 -30.75 -17.64 25.38
C ILE C 790 -29.57 -16.72 25.13
N PHE C 791 -28.87 -16.92 24.03
CA PHE C 791 -27.69 -16.12 23.71
C PHE C 791 -27.82 -15.49 22.34
N GLN C 792 -27.68 -14.18 22.29
CA GLN C 792 -27.78 -13.42 21.04
C GLN C 792 -26.57 -12.50 20.95
N GLU C 793 -25.80 -12.64 19.87
CA GLU C 793 -24.58 -11.85 19.72
C GLU C 793 -24.91 -10.37 19.68
N GLN C 794 -24.45 -9.63 20.69
CA GLN C 794 -24.82 -8.23 20.81
C GLN C 794 -24.09 -7.36 19.81
N LYS C 795 -23.00 -7.85 19.23
CA LYS C 795 -22.20 -7.08 18.27
C LYS C 795 -21.84 -7.96 17.09
N PRO C 796 -22.80 -8.22 16.20
CA PRO C 796 -22.55 -9.21 15.13
C PRO C 796 -21.48 -8.79 14.14
N ASN C 797 -21.44 -7.52 13.74
CA ASN C 797 -20.46 -7.06 12.77
C ASN C 797 -19.06 -6.91 13.32
N SER C 798 -18.84 -7.08 14.62
CA SER C 798 -17.53 -6.86 15.20
C SER C 798 -16.51 -7.83 14.61
N GLU C 799 -15.25 -7.40 14.57
CA GLU C 799 -14.15 -8.27 14.16
C GLU C 799 -13.76 -9.27 15.23
N LEU C 800 -14.23 -9.10 16.47
CA LEU C 800 -13.96 -10.04 17.53
C LEU C 800 -14.80 -11.30 17.43
N SER C 801 -15.93 -11.24 16.76
CA SER C 801 -16.77 -12.42 16.55
C SER C 801 -16.86 -12.68 15.05
N CYS C 802 -15.84 -13.35 14.52
CA CYS C 802 -15.87 -13.84 13.15
C CYS C 802 -14.81 -14.93 13.07
N ARG C 803 -15.26 -16.19 13.04
CA ARG C 803 -14.38 -17.34 13.22
C ARG C 803 -13.89 -17.82 11.87
N PRO C 804 -12.60 -17.73 11.55
CA PRO C 804 -12.14 -18.18 10.25
C PRO C 804 -12.23 -19.70 10.14
N LEU C 805 -12.56 -20.17 8.94
CA LEU C 805 -12.69 -21.59 8.68
C LEU C 805 -11.72 -22.07 7.63
N CYS C 806 -11.61 -21.37 6.50
CA CYS C 806 -10.73 -21.79 5.42
C CYS C 806 -9.97 -20.60 4.86
N LEU C 807 -8.67 -20.77 4.62
CA LEU C 807 -7.88 -19.76 3.93
C LEU C 807 -7.30 -20.35 2.66
N MET C 808 -7.36 -19.59 1.56
CA MET C 808 -6.83 -20.05 0.29
C MET C 808 -6.09 -18.93 -0.42
N PHE C 809 -5.13 -19.32 -1.25
CA PHE C 809 -4.47 -18.41 -2.18
C PHE C 809 -5.01 -18.75 -3.57
N VAL C 810 -6.19 -18.21 -3.86
CA VAL C 810 -6.92 -18.51 -5.08
C VAL C 810 -7.56 -17.22 -5.55
N ASP C 811 -7.71 -17.07 -6.85
CA ASP C 811 -8.38 -15.92 -7.40
C ASP C 811 -9.89 -16.14 -7.32
N GLU C 812 -10.66 -15.04 -7.31
CA GLU C 812 -12.11 -15.16 -7.32
C GLU C 812 -12.69 -15.37 -8.71
N SER C 813 -12.02 -14.89 -9.75
CA SER C 813 -12.59 -14.96 -11.10
C SER C 813 -12.70 -16.41 -11.58
N ASP C 814 -11.61 -17.18 -11.50
CA ASP C 814 -11.64 -18.55 -11.95
C ASP C 814 -12.58 -19.39 -11.09
N HIS C 815 -13.25 -20.34 -11.72
CA HIS C 815 -14.27 -21.12 -11.03
C HIS C 815 -13.77 -22.50 -10.64
N GLU C 816 -12.85 -23.08 -11.41
CA GLU C 816 -12.48 -24.48 -11.22
C GLU C 816 -11.71 -24.69 -9.93
N THR C 817 -10.75 -23.81 -9.64
CA THR C 817 -9.96 -23.93 -8.42
C THR C 817 -10.81 -23.65 -7.19
N LEU C 818 -11.61 -22.59 -7.23
CA LEU C 818 -12.48 -22.26 -6.11
C LEU C 818 -13.41 -23.43 -5.80
N THR C 819 -14.07 -23.99 -6.81
CA THR C 819 -15.01 -25.07 -6.53
C THR C 819 -14.32 -26.37 -6.13
N ALA C 820 -13.12 -26.63 -6.66
CA ALA C 820 -12.41 -27.84 -6.26
C ALA C 820 -11.93 -27.77 -4.82
N ILE C 821 -11.58 -26.59 -4.33
CA ILE C 821 -11.19 -26.51 -2.92
C ILE C 821 -12.42 -26.50 -2.02
N LEU C 822 -13.45 -25.72 -2.38
CA LEU C 822 -14.60 -25.53 -1.51
C LEU C 822 -15.69 -26.59 -1.67
N GLY C 823 -15.46 -27.61 -2.49
CA GLY C 823 -16.38 -28.74 -2.58
C GLY C 823 -16.67 -29.40 -1.26
N PRO C 824 -15.64 -29.86 -0.55
CA PRO C 824 -15.86 -30.52 0.73
C PRO C 824 -16.61 -29.69 1.77
N VAL C 825 -16.30 -28.41 1.89
CA VAL C 825 -16.96 -27.58 2.90
C VAL C 825 -18.46 -27.52 2.64
N VAL C 826 -18.85 -27.20 1.40
CA VAL C 826 -20.27 -27.17 1.05
C VAL C 826 -20.88 -28.56 1.18
N ALA C 827 -20.12 -29.61 0.93
CA ALA C 827 -20.66 -30.97 1.01
C ALA C 827 -21.02 -31.33 2.44
N GLU C 828 -20.09 -31.17 3.37
CA GLU C 828 -20.39 -31.50 4.76
C GLU C 828 -21.34 -30.49 5.40
N ARG C 829 -21.42 -29.27 4.88
CA ARG C 829 -22.45 -28.35 5.34
C ARG C 829 -23.83 -28.81 4.92
N LYS C 830 -23.98 -29.19 3.65
CA LYS C 830 -25.25 -29.73 3.16
C LYS C 830 -25.61 -31.05 3.81
N ALA C 831 -24.62 -31.80 4.29
CA ALA C 831 -24.89 -33.05 5.00
C ALA C 831 -25.11 -32.86 6.50
N MET C 832 -24.78 -31.68 7.03
CA MET C 832 -24.90 -31.41 8.45
C MET C 832 -26.29 -30.89 8.85
N MET C 833 -27.00 -30.21 7.94
CA MET C 833 -28.33 -29.70 8.23
C MET C 833 -29.29 -30.77 8.70
N GLU C 834 -29.01 -32.04 8.45
CA GLU C 834 -29.99 -33.09 8.71
C GLU C 834 -29.92 -33.61 10.14
N SER C 835 -28.75 -34.11 10.55
CA SER C 835 -28.60 -34.81 11.81
C SER C 835 -28.46 -33.84 12.98
N ARG C 836 -28.42 -34.40 14.19
CA ARG C 836 -28.31 -33.61 15.40
C ARG C 836 -27.04 -33.97 16.15
N LEU C 837 -26.39 -32.95 16.71
CA LEU C 837 -25.11 -33.07 17.39
C LEU C 837 -25.33 -33.37 18.86
N ILE C 838 -24.38 -34.09 19.48
CA ILE C 838 -24.42 -34.40 20.90
C ILE C 838 -23.09 -33.98 21.52
N ILE C 839 -23.16 -33.09 22.52
CA ILE C 839 -21.99 -32.51 23.19
C ILE C 839 -22.17 -32.68 24.69
N SER C 840 -21.04 -32.82 25.40
CA SER C 840 -21.04 -32.85 26.86
C SER C 840 -20.76 -31.44 27.36
N VAL C 841 -21.80 -30.76 27.80
CA VAL C 841 -21.76 -29.34 28.15
C VAL C 841 -22.43 -29.14 29.50
N GLY C 842 -21.87 -28.25 30.32
CA GLY C 842 -22.40 -27.98 31.65
C GLY C 842 -22.57 -29.17 32.56
N GLY C 843 -21.88 -30.28 32.27
CA GLY C 843 -21.98 -31.49 33.04
C GLY C 843 -22.86 -32.59 32.44
N LEU C 844 -23.69 -32.26 31.46
CA LEU C 844 -24.65 -33.21 30.91
C LEU C 844 -24.49 -33.33 29.40
N LEU C 845 -25.08 -34.39 28.85
CA LEU C 845 -25.09 -34.62 27.41
C LEU C 845 -26.33 -33.96 26.80
N ARG C 846 -26.11 -33.05 25.85
CA ARG C 846 -27.20 -32.27 25.26
C ARG C 846 -27.11 -32.30 23.73
N SER C 847 -28.26 -32.03 23.11
CA SER C 847 -28.44 -32.19 21.66
C SER C 847 -28.65 -30.83 21.00
N PHE C 848 -28.12 -30.70 19.79
CA PHE C 848 -28.11 -29.43 19.05
C PHE C 848 -28.55 -29.64 17.61
N ARG C 849 -29.29 -28.66 17.08
CA ARG C 849 -29.59 -28.53 15.66
C ARG C 849 -28.93 -27.27 15.11
N PHE C 850 -28.75 -27.22 13.79
CA PHE C 850 -28.06 -26.11 13.15
C PHE C 850 -28.85 -25.57 11.96
N PHE C 851 -28.97 -24.25 11.89
CA PHE C 851 -29.51 -23.55 10.74
C PHE C 851 -28.45 -22.60 10.19
N PHE C 852 -28.16 -22.72 8.89
CA PHE C 852 -27.11 -21.96 8.25
C PHE C 852 -27.75 -20.89 7.35
N ARG C 853 -27.22 -19.68 7.44
CA ARG C 853 -27.72 -18.54 6.67
C ARG C 853 -26.52 -17.88 5.99
N GLY C 854 -26.41 -18.05 4.68
CA GLY C 854 -25.36 -17.39 3.94
C GLY C 854 -25.75 -16.00 3.49
N THR C 855 -25.21 -14.97 4.14
CA THR C 855 -25.58 -13.60 3.85
C THR C 855 -24.41 -12.65 3.68
N GLY C 856 -23.19 -13.07 3.97
CA GLY C 856 -22.05 -12.18 3.93
C GLY C 856 -21.41 -11.93 2.58
N TYR C 857 -21.90 -12.55 1.52
CA TYR C 857 -21.32 -12.32 0.20
C TYR C 857 -21.86 -11.04 -0.42
N ASP C 858 -21.00 -10.35 -1.16
CA ASP C 858 -21.42 -9.22 -1.98
C ASP C 858 -22.15 -9.73 -3.23
N GLU C 859 -22.50 -8.82 -4.14
CA GLU C 859 -23.29 -9.24 -5.28
C GLU C 859 -22.47 -9.99 -6.32
N LYS C 860 -21.22 -9.59 -6.52
CA LYS C 860 -20.37 -10.25 -7.50
C LYS C 860 -20.28 -11.75 -7.23
N MET C 861 -20.01 -12.11 -5.98
CA MET C 861 -19.84 -13.50 -5.62
C MET C 861 -21.17 -14.24 -5.58
N VAL C 862 -22.25 -13.60 -5.15
CA VAL C 862 -23.56 -14.26 -5.15
C VAL C 862 -24.01 -14.56 -6.59
N ARG C 863 -23.75 -13.62 -7.50
CA ARG C 863 -24.10 -13.84 -8.90
C ARG C 863 -23.28 -14.98 -9.50
N GLU C 864 -21.97 -14.99 -9.26
CA GLU C 864 -21.15 -16.00 -9.92
C GLU C 864 -21.24 -17.37 -9.25
N MET C 865 -21.75 -17.45 -8.03
CA MET C 865 -21.91 -18.75 -7.36
C MET C 865 -23.37 -19.20 -7.31
N GLU C 866 -24.23 -18.59 -8.12
CA GLU C 866 -25.60 -19.05 -8.29
C GLU C 866 -26.01 -19.16 -9.75
N GLY C 867 -25.10 -18.92 -10.70
CA GLY C 867 -25.36 -19.14 -12.10
C GLY C 867 -25.87 -17.94 -12.87
N LEU C 868 -25.98 -16.79 -12.23
CA LEU C 868 -26.48 -15.58 -12.89
C LEU C 868 -25.35 -15.00 -13.76
N GLU C 869 -25.59 -13.83 -14.36
CA GLU C 869 -24.59 -13.15 -15.18
C GLU C 869 -24.22 -11.84 -14.52
N ALA C 870 -22.93 -11.65 -14.26
CA ALA C 870 -22.44 -10.49 -13.54
C ALA C 870 -21.86 -9.47 -14.52
N SER C 871 -22.09 -8.20 -14.23
CA SER C 871 -23.00 -7.77 -13.17
C SER C 871 -23.92 -6.70 -13.72
N GLY C 872 -23.68 -6.32 -14.97
CA GLY C 872 -24.45 -5.31 -15.64
C GLY C 872 -25.40 -5.92 -16.64
N SER C 873 -25.98 -7.05 -16.26
CA SER C 873 -26.84 -7.79 -17.18
C SER C 873 -28.14 -7.04 -17.42
N THR C 874 -29.00 -7.63 -18.24
CA THR C 874 -30.37 -7.14 -18.37
C THR C 874 -31.21 -7.53 -17.17
N TYR C 875 -30.94 -8.69 -16.55
CA TYR C 875 -31.73 -9.18 -15.42
C TYR C 875 -31.08 -8.72 -14.12
N ILE C 876 -31.61 -7.66 -13.51
CA ILE C 876 -30.88 -6.94 -12.48
C ILE C 876 -30.99 -7.63 -11.13
N CYS C 877 -32.19 -8.06 -10.75
CA CYS C 877 -32.43 -8.47 -9.38
C CYS C 877 -31.96 -9.91 -9.17
N THR C 878 -31.27 -10.13 -8.05
CA THR C 878 -30.95 -11.48 -7.60
C THR C 878 -32.15 -12.16 -6.96
N LEU C 879 -33.10 -11.38 -6.45
CA LEU C 879 -34.29 -11.89 -5.79
C LEU C 879 -35.51 -11.96 -6.69
N CYS C 880 -35.52 -11.22 -7.80
CA CYS C 880 -36.68 -11.13 -8.67
C CYS C 880 -36.27 -11.37 -10.11
N ASP C 881 -37.25 -11.42 -11.01
CA ASP C 881 -36.99 -11.71 -12.41
C ASP C 881 -37.13 -10.49 -13.32
N SER C 882 -37.21 -9.29 -12.75
CA SER C 882 -37.44 -8.10 -13.57
C SER C 882 -36.20 -7.71 -14.34
N THR C 883 -36.39 -7.24 -15.56
CA THR C 883 -35.27 -6.84 -16.39
C THR C 883 -34.87 -5.40 -16.09
N ARG C 884 -33.81 -4.95 -16.76
CA ARG C 884 -33.28 -3.62 -16.49
C ARG C 884 -34.24 -2.54 -16.94
N ALA C 885 -34.82 -2.68 -18.13
CA ALA C 885 -35.75 -1.69 -18.62
C ALA C 885 -37.11 -1.81 -17.96
N GLU C 886 -37.49 -3.01 -17.52
CA GLU C 886 -38.80 -3.23 -16.94
C GLU C 886 -38.90 -2.58 -15.56
N ALA C 887 -37.84 -2.64 -14.76
CA ALA C 887 -37.83 -2.02 -13.45
C ALA C 887 -37.46 -0.54 -13.51
N SER C 888 -37.49 0.06 -14.70
CA SER C 888 -37.35 1.51 -14.86
C SER C 888 -38.72 2.17 -14.91
N GLN C 889 -39.64 1.64 -15.72
CA GLN C 889 -41.02 2.08 -15.70
C GLN C 889 -41.68 1.91 -14.31
N ASN C 890 -41.87 0.67 -13.88
CA ASN C 890 -42.53 0.13 -12.70
C ASN C 890 -41.30 0.18 -11.69
N MET C 891 -41.23 0.88 -10.52
CA MET C 891 -40.04 0.75 -9.57
C MET C 891 -40.35 0.03 -8.25
N VAL C 892 -41.51 0.28 -7.65
CA VAL C 892 -41.74 -0.06 -6.25
C VAL C 892 -42.53 -1.36 -6.05
N LEU C 893 -43.00 -2.01 -7.10
CA LEU C 893 -43.84 -3.20 -6.95
C LEU C 893 -43.10 -4.43 -7.51
N HIS C 894 -42.63 -5.29 -6.61
CA HIS C 894 -41.97 -6.53 -6.97
C HIS C 894 -42.10 -7.51 -5.80
N SER C 895 -42.09 -8.82 -6.13
CA SER C 895 -42.22 -9.89 -5.14
C SER C 895 -41.09 -10.89 -5.31
N ILE C 896 -40.49 -11.31 -4.18
CA ILE C 896 -39.31 -12.17 -4.19
C ILE C 896 -39.69 -13.55 -4.71
N THR C 897 -39.01 -14.00 -5.77
CA THR C 897 -39.26 -15.29 -6.40
C THR C 897 -38.06 -16.21 -6.36
N ARG C 898 -36.87 -15.71 -6.68
CA ARG C 898 -35.69 -16.55 -6.86
C ARG C 898 -35.37 -17.35 -5.61
N SER C 899 -34.90 -18.59 -5.82
CA SER C 899 -34.43 -19.45 -4.74
C SER C 899 -33.45 -20.45 -5.34
N HIS C 900 -32.82 -21.24 -4.47
CA HIS C 900 -31.78 -22.17 -4.92
C HIS C 900 -32.35 -23.27 -5.82
N ASP C 901 -33.33 -24.01 -5.31
CA ASP C 901 -33.85 -25.16 -6.04
C ASP C 901 -34.45 -24.75 -7.38
N GLU C 902 -35.11 -23.59 -7.42
CA GLU C 902 -35.67 -23.12 -8.67
C GLU C 902 -34.57 -22.83 -9.69
N ASN C 903 -33.41 -22.35 -9.25
CA ASN C 903 -32.30 -22.10 -10.16
C ASN C 903 -31.64 -23.39 -10.63
N LEU C 904 -31.58 -24.41 -9.77
CA LEU C 904 -31.13 -25.72 -10.22
C LEU C 904 -32.05 -26.26 -11.32
N GLU C 905 -33.35 -26.22 -11.09
CA GLU C 905 -34.30 -26.68 -12.09
C GLU C 905 -34.20 -25.85 -13.38
N ARG C 906 -33.92 -24.56 -13.26
CA ARG C 906 -33.86 -23.73 -14.46
C ARG C 906 -32.58 -23.96 -15.26
N TYR C 907 -31.46 -24.22 -14.59
CA TYR C 907 -30.28 -24.67 -15.32
C TYR C 907 -30.55 -25.98 -16.03
N GLU C 908 -31.32 -26.87 -15.40
CA GLU C 908 -31.69 -28.10 -16.08
C GLU C 908 -32.52 -27.82 -17.33
N ILE C 909 -33.44 -26.86 -17.27
CA ILE C 909 -34.20 -26.52 -18.47
C ILE C 909 -33.29 -25.95 -19.55
N TRP C 910 -32.34 -25.10 -19.16
CA TRP C 910 -31.45 -24.47 -20.14
C TRP C 910 -30.52 -25.46 -20.81
N ARG C 911 -30.11 -26.50 -20.10
CA ARG C 911 -29.20 -27.48 -20.70
C ARG C 911 -29.92 -28.55 -21.49
N LYS C 912 -31.07 -29.02 -20.99
CA LYS C 912 -31.84 -30.03 -21.72
C LYS C 912 -32.52 -29.42 -22.94
N ASN C 913 -33.05 -28.20 -22.80
CA ASN C 913 -33.69 -27.42 -23.87
C ASN C 913 -34.79 -28.23 -24.53
N PRO C 914 -35.92 -28.46 -23.86
CA PRO C 914 -36.94 -29.35 -24.42
C PRO C 914 -37.79 -28.75 -25.52
N PHE C 915 -37.96 -27.42 -25.55
CA PHE C 915 -38.82 -26.77 -26.54
C PHE C 915 -38.05 -26.28 -27.77
N SER C 916 -36.73 -26.36 -27.76
CA SER C 916 -35.89 -26.02 -28.91
C SER C 916 -36.08 -24.57 -29.34
N GLU C 917 -35.72 -23.67 -28.45
CA GLU C 917 -35.72 -22.24 -28.75
C GLU C 917 -34.32 -21.77 -29.11
N SER C 918 -34.27 -20.63 -29.80
CA SER C 918 -33.00 -20.00 -30.10
C SER C 918 -32.34 -19.52 -28.81
N ALA C 919 -31.10 -19.04 -28.94
CA ALA C 919 -30.33 -18.64 -27.78
C ALA C 919 -31.06 -17.57 -26.96
N ASP C 920 -31.59 -16.54 -27.62
CA ASP C 920 -32.19 -15.43 -26.89
C ASP C 920 -33.49 -15.82 -26.21
N GLU C 921 -34.37 -16.53 -26.92
CA GLU C 921 -35.62 -16.96 -26.32
C GLU C 921 -35.39 -17.87 -25.12
N LEU C 922 -34.47 -18.84 -25.25
CA LEU C 922 -34.21 -19.75 -24.14
C LEU C 922 -33.60 -19.01 -22.96
N ARG C 923 -32.70 -18.08 -23.23
CA ARG C 923 -32.19 -17.23 -22.16
C ARG C 923 -33.33 -16.46 -21.50
N ASP C 924 -34.36 -16.09 -22.26
CA ASP C 924 -35.49 -15.38 -21.67
C ASP C 924 -36.36 -16.30 -20.83
N ARG C 925 -36.46 -17.58 -21.18
CA ARG C 925 -37.34 -18.48 -20.45
C ARG C 925 -36.82 -18.76 -19.04
N VAL C 926 -35.52 -18.94 -18.90
CA VAL C 926 -34.92 -19.23 -17.59
C VAL C 926 -34.46 -17.96 -16.90
N LYS C 927 -34.88 -16.79 -17.40
CA LYS C 927 -34.61 -15.50 -16.81
C LYS C 927 -33.13 -15.32 -16.48
N GLY C 928 -32.27 -15.95 -17.27
CA GLY C 928 -30.84 -15.79 -17.15
C GLY C 928 -30.15 -16.71 -16.18
N VAL C 929 -30.41 -18.01 -16.27
CA VAL C 929 -29.67 -19.03 -15.51
C VAL C 929 -28.97 -19.90 -16.54
N SER C 930 -27.68 -19.67 -16.76
CA SER C 930 -26.91 -20.41 -17.75
C SER C 930 -25.81 -21.27 -17.14
N ALA C 931 -25.65 -21.27 -15.83
CA ALA C 931 -24.63 -22.06 -15.16
C ALA C 931 -25.24 -22.75 -13.94
N LYS C 932 -24.77 -23.96 -13.67
CA LYS C 932 -25.30 -24.72 -12.54
C LYS C 932 -24.85 -24.09 -11.23
N PRO C 933 -25.76 -23.77 -10.31
CA PRO C 933 -25.34 -23.24 -9.02
C PRO C 933 -24.80 -24.35 -8.15
N PHE C 934 -23.72 -24.08 -7.42
CA PHE C 934 -23.15 -25.08 -6.52
C PHE C 934 -23.28 -24.70 -5.05
N MET C 935 -23.01 -23.46 -4.67
CA MET C 935 -23.28 -23.02 -3.30
C MET C 935 -24.69 -22.46 -3.18
N GLU C 936 -25.28 -22.64 -2.02
CA GLU C 936 -26.60 -22.11 -1.70
C GLU C 936 -26.46 -20.80 -0.93
N THR C 937 -27.24 -19.80 -1.32
CA THR C 937 -27.16 -18.46 -0.76
C THR C 937 -28.55 -17.98 -0.40
N GLN C 938 -28.72 -17.49 0.83
CA GLN C 938 -30.03 -17.01 1.26
C GLN C 938 -30.38 -15.70 0.56
N PRO C 939 -31.62 -15.56 0.10
CA PRO C 939 -32.02 -14.36 -0.66
C PRO C 939 -32.15 -13.10 0.21
N THR C 940 -31.03 -12.43 0.46
CA THR C 940 -31.03 -11.21 1.26
C THR C 940 -30.19 -10.15 0.57
N LEU C 941 -30.04 -9.01 1.24
CA LEU C 941 -29.33 -7.87 0.69
C LEU C 941 -28.15 -7.56 1.60
N ASP C 942 -26.98 -7.39 1.02
CA ASP C 942 -25.85 -6.84 1.74
C ASP C 942 -26.09 -5.39 2.12
N ALA C 943 -25.68 -5.02 3.32
CA ALA C 943 -25.92 -3.65 3.76
C ALA C 943 -24.82 -2.71 3.29
N LEU C 944 -23.56 -3.08 3.51
CA LEU C 944 -22.45 -2.17 3.31
C LEU C 944 -22.31 -1.76 1.85
N HIS C 945 -22.23 -2.73 0.96
CA HIS C 945 -22.09 -2.39 -0.45
C HIS C 945 -23.34 -1.72 -1.00
N CYS C 946 -24.50 -1.91 -0.37
CA CYS C 946 -25.69 -1.16 -0.76
C CYS C 946 -25.52 0.31 -0.44
N ASP C 947 -25.01 0.62 0.75
CA ASP C 947 -24.75 2.00 1.10
C ASP C 947 -23.71 2.62 0.16
N ILE C 948 -22.66 1.85 -0.17
CA ILE C 948 -21.64 2.38 -1.08
C ILE C 948 -22.20 2.63 -2.47
N GLY C 949 -23.02 1.71 -2.98
CA GLY C 949 -23.61 1.92 -4.31
C GLY C 949 -24.55 3.09 -4.36
N ASN C 950 -25.36 3.27 -3.30
CA ASN C 950 -26.27 4.41 -3.31
C ASN C 950 -25.51 5.74 -3.18
N ALA C 951 -24.44 5.76 -2.38
CA ALA C 951 -23.65 6.99 -2.29
C ALA C 951 -22.92 7.30 -3.58
N THR C 952 -22.49 6.29 -4.35
CA THR C 952 -21.89 6.61 -5.63
C THR C 952 -22.94 7.11 -6.62
N GLU C 953 -24.18 6.60 -6.52
CA GLU C 953 -25.25 7.12 -7.37
C GLU C 953 -25.54 8.59 -7.07
N PHE C 954 -25.63 8.95 -5.80
CA PHE C 954 -25.91 10.35 -5.46
C PHE C 954 -24.72 11.26 -5.77
N TYR C 955 -23.50 10.73 -5.68
CA TYR C 955 -22.33 11.51 -6.09
C TYR C 955 -22.36 11.81 -7.58
N LYS C 956 -22.87 10.87 -8.40
CA LYS C 956 -23.07 11.17 -9.82
C LYS C 956 -24.20 12.16 -10.03
N ILE C 957 -25.25 12.13 -9.21
CA ILE C 957 -26.33 13.09 -9.35
C ILE C 957 -25.84 14.51 -9.05
N PHE C 958 -25.06 14.67 -7.97
CA PHE C 958 -24.49 15.99 -7.63
C PHE C 958 -23.52 16.45 -8.71
N GLN C 959 -22.63 15.55 -9.16
CA GLN C 959 -21.74 15.86 -10.27
C GLN C 959 -22.50 16.30 -11.51
N ASP C 960 -23.72 15.77 -11.71
CA ASP C 960 -24.57 16.20 -12.81
C ASP C 960 -25.18 17.57 -12.55
N GLU C 961 -25.58 17.83 -11.31
CA GLU C 961 -26.32 19.06 -10.99
C GLU C 961 -25.42 20.28 -10.83
N ILE C 962 -24.12 20.09 -10.60
CA ILE C 962 -23.20 21.22 -10.60
C ILE C 962 -23.36 22.00 -11.91
N GLY C 963 -23.20 21.32 -13.03
CA GLY C 963 -23.56 21.87 -14.32
C GLY C 963 -25.04 21.70 -14.58
N GLU C 964 -25.42 21.92 -15.83
CA GLU C 964 -26.82 21.80 -16.25
C GLU C 964 -26.90 20.72 -17.33
N VAL C 965 -27.32 19.51 -16.93
CA VAL C 965 -27.38 18.41 -17.87
C VAL C 965 -28.76 18.26 -18.51
N TYR C 966 -29.82 18.75 -17.87
CA TYR C 966 -31.14 18.68 -18.47
C TYR C 966 -31.39 19.82 -19.47
N GLN C 967 -30.54 20.83 -19.50
CA GLN C 967 -30.58 21.84 -20.56
C GLN C 967 -29.67 21.45 -21.72
N LYS C 968 -28.41 21.16 -21.43
CA LYS C 968 -27.44 20.73 -22.43
C LYS C 968 -27.26 19.22 -22.32
N PRO C 969 -27.92 18.41 -23.15
CA PRO C 969 -27.92 16.96 -22.95
C PRO C 969 -26.64 16.24 -23.36
N ASN C 970 -25.72 16.90 -24.05
CA ASN C 970 -24.48 16.27 -24.53
C ASN C 970 -23.29 17.07 -24.03
N PRO C 971 -22.86 16.86 -22.79
CA PRO C 971 -21.67 17.55 -22.29
C PRO C 971 -20.37 16.87 -22.72
N SER C 972 -19.35 17.69 -22.92
CA SER C 972 -18.05 17.19 -23.34
C SER C 972 -17.29 16.58 -22.15
N ARG C 973 -16.22 15.85 -22.46
CA ARG C 973 -15.44 15.16 -21.44
C ARG C 973 -14.72 16.15 -20.53
N GLU C 974 -14.18 17.22 -21.13
CA GLU C 974 -13.51 18.25 -20.33
C GLU C 974 -14.49 18.92 -19.37
N GLU C 975 -15.74 19.11 -19.81
CA GLU C 975 -16.75 19.68 -18.92
C GLU C 975 -17.05 18.75 -17.74
N ARG C 976 -17.11 17.44 -17.99
CA ARG C 976 -17.26 16.49 -16.89
C ARG C 976 -16.12 16.63 -15.90
N ARG C 977 -14.89 16.71 -16.42
CA ARG C 977 -13.75 16.85 -15.51
C ARG C 977 -13.84 18.14 -14.70
N ARG C 978 -14.27 19.23 -15.33
CA ARG C 978 -14.35 20.50 -14.63
C ARG C 978 -15.44 20.48 -13.56
N TRP C 979 -16.56 19.82 -13.86
CA TRP C 979 -17.64 19.72 -12.87
C TRP C 979 -17.22 18.87 -11.67
N ARG C 980 -16.55 17.76 -11.91
CA ARG C 980 -16.08 16.94 -10.80
C ARG C 980 -15.04 17.69 -9.98
N SER C 981 -14.17 18.46 -10.65
CA SER C 981 -13.15 19.21 -9.92
C SER C 981 -13.78 20.27 -9.02
N THR C 982 -14.74 21.04 -9.53
CA THR C 982 -15.34 22.06 -8.69
C THR C 982 -16.21 21.45 -7.59
N LEU C 983 -16.84 20.28 -7.84
CA LEU C 983 -17.59 19.62 -6.76
C LEU C 983 -16.66 19.14 -5.66
N ASP C 984 -15.49 18.62 -6.02
CA ASP C 984 -14.56 18.20 -4.98
C ASP C 984 -13.93 19.39 -4.27
N LYS C 985 -13.73 20.51 -4.96
CA LYS C 985 -13.28 21.73 -4.30
C LYS C 985 -14.28 22.18 -3.24
N GLN C 986 -15.56 22.24 -3.61
CA GLN C 986 -16.59 22.62 -2.64
C GLN C 986 -16.66 21.63 -1.48
N LEU C 987 -16.66 20.33 -1.78
CA LEU C 987 -16.72 19.31 -0.72
C LEU C 987 -15.44 19.23 0.10
N ARG C 988 -14.37 19.90 -0.31
CA ARG C 988 -13.21 20.08 0.55
C ARG C 988 -13.35 21.31 1.44
N LYS C 989 -13.88 22.42 0.92
CA LYS C 989 -14.07 23.60 1.76
C LYS C 989 -15.02 23.34 2.92
N LYS C 990 -16.11 22.63 2.67
CA LYS C 990 -17.08 22.26 3.69
C LYS C 990 -17.19 20.73 3.75
N MET C 991 -17.53 20.21 4.92
CA MET C 991 -17.66 18.79 5.23
C MET C 991 -16.29 18.12 5.37
N LYS C 992 -15.21 18.82 5.06
CA LYS C 992 -13.85 18.38 5.31
C LYS C 992 -13.56 17.01 4.70
N LEU C 993 -13.89 16.85 3.42
CA LEU C 993 -13.64 15.61 2.70
C LEU C 993 -12.64 15.82 1.57
N LYS C 994 -11.85 14.78 1.30
CA LYS C 994 -10.96 14.74 0.16
C LYS C 994 -11.34 13.56 -0.73
N PRO C 995 -11.31 13.72 -2.05
CA PRO C 995 -11.85 12.70 -2.94
C PRO C 995 -11.16 11.36 -2.78
N VAL C 996 -11.80 10.32 -3.33
CA VAL C 996 -11.28 8.96 -3.30
C VAL C 996 -11.50 8.34 -4.68
N MET C 997 -10.58 7.45 -5.06
CA MET C 997 -10.69 6.79 -6.35
C MET C 997 -11.85 5.80 -6.34
N ARG C 998 -11.78 4.82 -5.45
CA ARG C 998 -12.91 3.96 -5.14
C ARG C 998 -13.48 4.36 -3.79
N MET C 999 -14.80 4.35 -3.65
CA MET C 999 -15.47 4.97 -2.52
C MET C 999 -15.72 3.96 -1.40
N ASN C 1000 -14.95 4.08 -0.32
CA ASN C 1000 -15.16 3.29 0.88
C ASN C 1000 -16.41 3.76 1.62
N GLY C 1001 -16.76 3.03 2.68
CA GLY C 1001 -18.03 3.26 3.35
C GLY C 1001 -18.08 4.51 4.21
N ASN C 1002 -16.93 4.94 4.74
CA ASN C 1002 -16.90 6.10 5.61
C ASN C 1002 -17.29 7.35 4.84
N TYR C 1003 -16.85 7.44 3.59
CA TYR C 1003 -17.26 8.53 2.72
C TYR C 1003 -18.76 8.52 2.48
N ALA C 1004 -19.38 7.33 2.46
CA ALA C 1004 -20.83 7.23 2.25
C ALA C 1004 -21.59 7.73 3.47
N ARG C 1005 -21.19 7.30 4.67
CA ARG C 1005 -21.85 7.74 5.88
C ARG C 1005 -21.66 9.23 6.14
N ARG C 1006 -20.58 9.82 5.64
CA ARG C 1006 -20.40 11.25 5.84
C ARG C 1006 -21.05 12.10 4.75
N LEU C 1007 -21.10 11.61 3.51
CA LEU C 1007 -21.69 12.37 2.40
C LEU C 1007 -23.20 12.20 2.29
N MET C 1008 -23.77 11.16 2.89
CA MET C 1008 -25.21 10.98 2.78
C MET C 1008 -26.01 11.87 3.73
N THR C 1009 -25.37 12.59 4.64
CA THR C 1009 -26.08 13.42 5.60
C THR C 1009 -26.60 14.70 4.94
N ARG C 1010 -27.46 15.41 5.67
CA ARG C 1010 -28.11 16.60 5.12
C ARG C 1010 -27.17 17.79 5.06
N GLU C 1011 -26.38 18.02 6.12
CA GLU C 1011 -25.48 19.15 6.11
C GLU C 1011 -24.43 19.05 5.01
N ALA C 1012 -24.30 17.89 4.36
CA ALA C 1012 -23.43 17.73 3.19
C ALA C 1012 -24.15 18.07 1.89
N VAL C 1013 -25.44 17.77 1.79
CA VAL C 1013 -26.22 18.23 0.65
C VAL C 1013 -26.40 19.75 0.69
N GLU C 1014 -26.26 20.36 1.87
CA GLU C 1014 -26.34 21.80 1.97
C GLU C 1014 -25.14 22.49 1.32
N ALA C 1015 -23.97 21.87 1.38
CA ALA C 1015 -22.79 22.43 0.74
C ALA C 1015 -22.78 22.25 -0.77
N VAL C 1016 -23.57 21.33 -1.30
CA VAL C 1016 -23.69 21.14 -2.74
C VAL C 1016 -24.82 21.99 -3.32
N CYS C 1017 -25.95 22.10 -2.60
CA CYS C 1017 -27.08 22.87 -3.09
C CYS C 1017 -26.72 24.33 -3.39
N GLU C 1018 -25.60 24.80 -2.87
CA GLU C 1018 -25.15 26.17 -3.08
C GLU C 1018 -24.53 26.37 -4.46
N LEU C 1019 -23.99 25.32 -5.06
CA LEU C 1019 -23.42 25.45 -6.41
C LEU C 1019 -24.48 25.37 -7.49
N VAL C 1020 -25.56 24.64 -7.26
CA VAL C 1020 -26.65 24.50 -8.23
C VAL C 1020 -27.31 25.87 -8.42
N PRO C 1021 -27.25 26.45 -9.63
CA PRO C 1021 -27.82 27.80 -9.80
C PRO C 1021 -29.34 27.81 -9.69
N SER C 1022 -30.03 26.85 -10.28
CA SER C 1022 -31.49 26.83 -10.27
C SER C 1022 -32.04 26.55 -8.87
N GLU C 1023 -33.25 27.05 -8.61
CA GLU C 1023 -33.88 26.92 -7.30
C GLU C 1023 -34.74 25.67 -7.17
N GLU C 1024 -35.51 25.33 -8.20
CA GLU C 1024 -36.38 24.16 -8.12
C GLU C 1024 -35.55 22.89 -8.02
N ARG C 1025 -34.43 22.82 -8.74
CA ARG C 1025 -33.54 21.67 -8.61
C ARG C 1025 -32.87 21.65 -7.24
N ARG C 1026 -32.53 22.83 -6.70
CA ARG C 1026 -31.96 22.90 -5.36
C ARG C 1026 -32.93 22.37 -4.32
N GLU C 1027 -34.22 22.63 -4.50
CA GLU C 1027 -35.20 22.06 -3.57
C GLU C 1027 -35.40 20.57 -3.84
N ALA C 1028 -35.40 20.17 -5.11
CA ALA C 1028 -35.64 18.77 -5.45
C ALA C 1028 -34.58 17.86 -4.85
N LEU C 1029 -33.31 18.18 -5.06
CA LEU C 1029 -32.26 17.32 -4.54
C LEU C 1029 -32.25 17.30 -3.01
N LEU C 1030 -32.70 18.38 -2.37
CA LEU C 1030 -32.76 18.38 -0.90
C LEU C 1030 -33.93 17.52 -0.40
N LYS C 1031 -35.06 17.57 -1.10
CA LYS C 1031 -36.15 16.66 -0.77
C LYS C 1031 -35.73 15.21 -0.95
N LEU C 1032 -34.96 14.93 -2.00
CA LEU C 1032 -34.45 13.57 -2.22
C LEU C 1032 -33.56 13.12 -1.06
N MET C 1033 -32.59 13.94 -0.69
CA MET C 1033 -31.72 13.62 0.44
C MET C 1033 -32.53 13.39 1.71
N ASP C 1034 -33.60 14.17 1.91
CA ASP C 1034 -34.42 14.03 3.10
C ASP C 1034 -35.13 12.68 3.14
N LEU C 1035 -35.77 12.32 2.03
CA LEU C 1035 -36.43 11.02 1.95
C LEU C 1035 -35.44 9.88 2.20
N TYR C 1036 -34.24 10.00 1.63
CA TYR C 1036 -33.27 8.92 1.79
C TYR C 1036 -32.78 8.81 3.23
N LEU C 1037 -32.50 9.94 3.88
CA LEU C 1037 -32.07 9.92 5.29
C LEU C 1037 -33.17 9.47 6.16
N GLN C 1038 -34.35 9.57 5.62
CA GLN C 1038 -35.26 9.05 6.55
C GLN C 1038 -35.67 7.52 6.29
N MET C 1039 -35.42 6.95 5.10
CA MET C 1039 -35.65 5.51 4.85
C MET C 1039 -34.42 4.64 5.07
N LYS C 1040 -33.24 5.22 5.28
CA LYS C 1040 -32.01 4.43 5.50
C LYS C 1040 -32.01 3.60 6.78
N PRO C 1041 -32.38 4.12 7.95
CA PRO C 1041 -32.19 3.34 9.18
C PRO C 1041 -33.01 2.07 9.25
N VAL C 1042 -34.00 1.88 8.38
CA VAL C 1042 -34.75 0.63 8.40
C VAL C 1042 -33.84 -0.54 8.04
N TRP C 1043 -33.08 -0.41 6.95
CA TRP C 1043 -32.22 -1.50 6.53
C TRP C 1043 -30.76 -1.37 6.97
N ARG C 1044 -30.37 -0.26 7.60
CA ARG C 1044 -29.01 -0.22 8.15
C ARG C 1044 -28.94 -0.60 9.63
N SER C 1045 -30.05 -0.53 10.37
CA SER C 1045 -30.03 -0.81 11.81
C SER C 1045 -30.05 -2.30 12.11
N THR C 1046 -29.55 -2.64 13.31
CA THR C 1046 -29.46 -4.04 13.71
C THR C 1046 -30.83 -4.69 13.78
N CYS C 1047 -31.77 -4.05 14.48
CA CYS C 1047 -33.11 -4.61 14.64
C CYS C 1047 -34.11 -3.48 14.51
N PRO C 1048 -34.62 -3.24 13.30
CA PRO C 1048 -35.53 -2.11 13.08
C PRO C 1048 -36.88 -2.27 13.74
N SER C 1049 -37.24 -3.47 14.19
CA SER C 1049 -38.52 -3.67 14.84
C SER C 1049 -38.60 -3.00 16.20
N ARG C 1050 -37.47 -2.57 16.77
CA ARG C 1050 -37.45 -1.97 18.08
C ARG C 1050 -36.87 -0.55 18.09
N ASP C 1051 -35.72 -0.34 17.45
CA ASP C 1051 -35.03 0.95 17.57
C ASP C 1051 -35.75 2.07 16.82
N CYS C 1052 -36.47 1.75 15.76
CA CYS C 1052 -37.18 2.76 14.97
C CYS C 1052 -38.39 2.11 14.30
N PRO C 1053 -39.50 1.96 15.03
CA PRO C 1053 -40.66 1.29 14.43
C PRO C 1053 -41.40 2.16 13.42
N ASP C 1054 -41.41 3.48 13.62
CA ASP C 1054 -42.16 4.36 12.74
C ASP C 1054 -41.59 4.36 11.32
N GLN C 1055 -40.27 4.43 11.19
CA GLN C 1055 -39.66 4.38 9.87
C GLN C 1055 -39.99 3.06 9.18
N LEU C 1056 -40.01 1.96 9.93
CA LEU C 1056 -40.40 0.69 9.36
C LEU C 1056 -41.85 0.70 8.88
N CYS C 1057 -42.73 1.35 9.64
CA CYS C 1057 -44.13 1.42 9.24
C CYS C 1057 -44.34 2.31 8.02
N GLN C 1058 -43.45 3.28 7.80
CA GLN C 1058 -43.61 4.27 6.75
C GLN C 1058 -42.71 4.03 5.55
N TYR C 1059 -42.01 2.89 5.50
CA TYR C 1059 -41.03 2.70 4.42
C TYR C 1059 -41.71 2.55 3.06
N SER C 1060 -42.88 1.91 3.01
CA SER C 1060 -43.53 1.70 1.72
C SER C 1060 -43.93 3.01 1.08
N TYR C 1061 -44.64 3.86 1.83
CA TYR C 1061 -45.06 5.17 1.30
C TYR C 1061 -43.87 6.05 0.97
N ASN C 1062 -42.83 6.03 1.81
CA ASN C 1062 -41.67 6.86 1.58
C ASN C 1062 -40.91 6.42 0.33
N SER C 1063 -40.83 5.12 0.09
CA SER C 1063 -40.19 4.62 -1.13
C SER C 1063 -41.02 4.96 -2.36
N GLN C 1064 -42.35 4.82 -2.26
CA GLN C 1064 -43.23 5.27 -3.33
C GLN C 1064 -42.94 6.71 -3.72
N GLN C 1065 -42.85 7.59 -2.72
CA GLN C 1065 -42.63 9.02 -3.00
C GLN C 1065 -41.24 9.28 -3.56
N PHE C 1066 -40.22 8.59 -3.04
CA PHE C 1066 -38.87 8.70 -3.58
C PHE C 1066 -38.84 8.34 -5.06
N ALA C 1067 -39.46 7.22 -5.42
CA ALA C 1067 -39.50 6.80 -6.81
C ALA C 1067 -40.26 7.80 -7.66
N ASP C 1068 -41.37 8.34 -7.14
CA ASP C 1068 -42.12 9.34 -7.88
C ASP C 1068 -41.26 10.56 -8.19
N LEU C 1069 -40.53 11.06 -7.18
CA LEU C 1069 -39.66 12.22 -7.41
C LEU C 1069 -38.57 11.90 -8.43
N LEU C 1070 -38.01 10.70 -8.38
CA LEU C 1070 -36.99 10.30 -9.36
C LEU C 1070 -37.57 10.34 -10.78
N SER C 1071 -38.73 9.71 -10.97
CA SER C 1071 -39.36 9.72 -12.30
C SER C 1071 -39.77 11.11 -12.73
N SER C 1072 -40.04 12.00 -11.79
CA SER C 1072 -40.57 13.33 -12.12
C SER C 1072 -39.47 14.29 -12.53
N MET C 1073 -38.56 14.61 -11.61
CA MET C 1073 -37.62 15.70 -11.85
C MET C 1073 -36.24 15.25 -12.33
N PHE C 1074 -35.94 13.95 -12.30
CA PHE C 1074 -34.70 13.42 -12.84
C PHE C 1074 -34.94 12.44 -13.98
N LYS C 1075 -36.09 12.52 -14.66
CA LYS C 1075 -36.42 11.57 -15.70
C LYS C 1075 -35.32 11.43 -16.74
N TYR C 1076 -34.68 12.54 -17.11
CA TYR C 1076 -33.65 12.52 -18.14
C TYR C 1076 -32.56 11.50 -17.86
N ARG C 1077 -32.31 11.19 -16.59
CA ARG C 1077 -31.30 10.21 -16.21
C ARG C 1077 -31.88 8.82 -16.00
N TYR C 1078 -33.10 8.70 -15.48
CA TYR C 1078 -33.65 7.42 -15.04
C TYR C 1078 -34.78 6.95 -15.96
N ASP C 1079 -34.67 7.26 -17.25
CA ASP C 1079 -35.56 6.70 -18.26
C ASP C 1079 -35.42 5.18 -18.36
N GLY C 1080 -34.23 4.70 -18.71
CA GLY C 1080 -34.05 3.28 -18.92
C GLY C 1080 -32.84 2.67 -18.25
N LYS C 1081 -32.23 3.36 -17.28
CA LYS C 1081 -31.06 2.84 -16.58
C LYS C 1081 -31.22 3.05 -15.07
N ILE C 1082 -31.38 1.95 -14.33
CA ILE C 1082 -31.59 1.95 -12.89
C ILE C 1082 -30.57 0.97 -12.31
N THR C 1083 -29.70 1.44 -11.42
CA THR C 1083 -28.72 0.55 -10.78
C THR C 1083 -29.40 -0.52 -9.94
N ASN C 1084 -28.71 -1.65 -9.74
CA ASN C 1084 -29.33 -2.80 -9.08
C ASN C 1084 -29.67 -2.48 -7.63
N TYR C 1085 -28.74 -1.88 -6.89
CA TYR C 1085 -28.95 -1.62 -5.48
C TYR C 1085 -30.11 -0.65 -5.27
N LEU C 1086 -30.37 0.24 -6.23
CA LEU C 1086 -31.53 1.10 -6.08
C LEU C 1086 -32.80 0.29 -6.23
N HIS C 1087 -32.81 -0.70 -7.12
CA HIS C 1087 -33.99 -1.55 -7.26
C HIS C 1087 -34.22 -2.37 -5.99
N LYS C 1088 -33.14 -2.85 -5.36
CA LYS C 1088 -33.30 -3.65 -4.14
C LYS C 1088 -33.73 -2.79 -2.95
N THR C 1089 -33.22 -1.56 -2.84
CA THR C 1089 -33.54 -0.69 -1.72
C THR C 1089 -34.88 0.02 -1.90
N LEU C 1090 -35.45 0.03 -3.11
CA LEU C 1090 -36.78 0.58 -3.29
C LEU C 1090 -37.87 -0.46 -3.45
N ALA C 1091 -37.54 -1.74 -3.65
CA ALA C 1091 -38.58 -2.72 -3.89
C ALA C 1091 -38.66 -3.81 -2.85
N HIS C 1092 -37.54 -4.41 -2.46
CA HIS C 1092 -37.56 -5.62 -1.66
C HIS C 1092 -37.17 -5.40 -0.20
N VAL C 1093 -37.20 -4.17 0.30
CA VAL C 1093 -36.81 -3.93 1.70
C VAL C 1093 -37.88 -4.37 2.69
N PRO C 1094 -39.15 -3.95 2.58
CA PRO C 1094 -40.15 -4.43 3.53
C PRO C 1094 -40.26 -5.94 3.59
N GLU C 1095 -40.16 -6.62 2.44
CA GLU C 1095 -40.30 -8.07 2.42
C GLU C 1095 -39.21 -8.76 3.22
N ILE C 1096 -37.95 -8.38 3.00
CA ILE C 1096 -36.87 -9.07 3.70
C ILE C 1096 -36.80 -8.65 5.17
N VAL C 1097 -37.17 -7.40 5.51
CA VAL C 1097 -37.19 -7.03 6.92
C VAL C 1097 -38.29 -7.78 7.67
N GLU C 1098 -39.42 -8.07 7.01
CA GLU C 1098 -40.45 -8.87 7.66
C GLU C 1098 -40.08 -10.35 7.73
N ARG C 1099 -39.41 -10.87 6.71
CA ARG C 1099 -39.08 -12.30 6.69
C ARG C 1099 -37.94 -12.63 7.65
N ASP C 1100 -36.76 -12.04 7.42
CA ASP C 1100 -35.62 -12.34 8.28
C ASP C 1100 -35.80 -11.79 9.68
N GLY C 1101 -36.55 -10.71 9.83
CA GLY C 1101 -36.68 -10.02 11.08
C GLY C 1101 -35.77 -8.82 11.21
N SER C 1102 -34.66 -8.82 10.48
CA SER C 1102 -33.70 -7.74 10.54
C SER C 1102 -32.74 -7.87 9.37
N ILE C 1103 -32.10 -6.76 9.04
CA ILE C 1103 -31.14 -6.68 7.94
C ILE C 1103 -30.08 -5.67 8.35
N GLY C 1104 -28.82 -5.99 8.08
CA GLY C 1104 -27.72 -5.22 8.57
C GLY C 1104 -27.06 -5.83 9.79
N ALA C 1105 -27.80 -6.62 10.56
CA ALA C 1105 -27.21 -7.51 11.54
C ALA C 1105 -26.63 -8.76 10.90
N TRP C 1106 -27.05 -9.08 9.67
CA TRP C 1106 -26.48 -10.14 8.87
C TRP C 1106 -25.55 -9.61 7.79
N ALA C 1107 -25.19 -8.34 7.85
CA ALA C 1107 -24.41 -7.70 6.80
C ALA C 1107 -23.02 -8.32 6.69
N SER C 1108 -22.35 -8.02 5.58
CA SER C 1108 -20.99 -8.49 5.30
C SER C 1108 -19.92 -7.75 6.09
N GLU C 1109 -20.30 -6.70 6.82
CA GLU C 1109 -19.36 -5.93 7.61
C GLU C 1109 -18.56 -6.83 8.56
N GLY C 1110 -19.20 -7.88 9.07
CA GLY C 1110 -18.55 -8.79 10.00
C GLY C 1110 -17.47 -9.64 9.40
N ASN C 1111 -17.37 -9.71 8.07
CA ASN C 1111 -16.28 -10.42 7.42
C ASN C 1111 -15.16 -9.49 7.00
N GLU C 1112 -15.50 -8.43 6.26
CA GLU C 1112 -14.53 -7.45 5.78
C GLU C 1112 -13.63 -6.94 6.90
N SER C 1113 -14.20 -6.64 8.07
CA SER C 1113 -13.38 -6.17 9.19
C SER C 1113 -12.28 -7.17 9.52
N GLY C 1114 -12.64 -8.45 9.54
CA GLY C 1114 -11.66 -9.51 9.76
C GLY C 1114 -10.49 -9.46 8.79
N ASN C 1115 -10.74 -9.06 7.55
CA ASN C 1115 -9.65 -8.96 6.57
C ASN C 1115 -8.52 -8.10 7.12
N LYS C 1116 -8.83 -7.06 7.87
CA LYS C 1116 -7.78 -6.23 8.46
C LYS C 1116 -6.82 -7.09 9.25
N LEU C 1117 -7.35 -7.96 10.12
CA LEU C 1117 -6.54 -8.92 10.85
C LEU C 1117 -5.59 -9.66 9.92
N PHE C 1118 -6.12 -10.21 8.82
CA PHE C 1118 -5.30 -11.02 7.91
C PHE C 1118 -4.03 -10.33 7.49
N ARG C 1119 -3.98 -9.00 7.54
CA ARG C 1119 -2.74 -8.35 7.17
C ARG C 1119 -1.78 -8.22 8.36
N ARG C 1120 -2.26 -7.83 9.52
CA ARG C 1120 -1.40 -7.77 10.69
C ARG C 1120 -0.88 -9.16 11.05
N PHE C 1121 -1.69 -10.20 10.86
CA PHE C 1121 -1.29 -11.56 11.17
C PHE C 1121 -0.42 -12.19 10.08
N ARG C 1122 -0.04 -11.44 9.05
CA ARG C 1122 0.88 -11.92 8.03
C ARG C 1122 2.22 -11.21 8.09
N LYS C 1123 2.37 -10.21 8.95
CA LYS C 1123 3.61 -9.50 9.20
C LYS C 1123 4.14 -9.75 10.60
N MET C 1124 3.29 -9.62 11.61
CA MET C 1124 3.71 -9.80 12.99
C MET C 1124 3.85 -11.27 13.36
N ASN C 1125 2.73 -11.97 13.33
CA ASN C 1125 2.64 -13.34 13.82
C ASN C 1125 2.70 -14.55 12.91
N ALA C 1126 2.98 -14.36 11.63
CA ALA C 1126 3.06 -15.51 10.74
C ALA C 1126 4.49 -15.83 10.44
N ARG C 1127 4.83 -17.12 10.48
CA ARG C 1127 6.18 -17.55 10.18
C ARG C 1127 6.44 -17.17 8.74
N GLN C 1128 7.63 -16.64 8.44
CA GLN C 1128 7.91 -16.19 7.09
C GLN C 1128 8.37 -17.28 6.13
N SER C 1129 7.46 -18.20 5.84
CA SER C 1129 7.72 -19.28 4.91
C SER C 1129 6.43 -19.55 4.16
N LYS C 1130 6.54 -19.84 2.87
CA LYS C 1130 5.35 -20.15 2.07
C LYS C 1130 4.55 -21.33 2.59
N THR C 1131 5.20 -22.29 3.25
CA THR C 1131 4.51 -23.52 3.61
C THR C 1131 3.63 -23.34 4.84
N PHE C 1132 4.20 -22.89 5.95
CA PHE C 1132 3.50 -22.84 7.22
C PHE C 1132 2.69 -21.57 7.44
N GLU C 1133 2.71 -20.64 6.48
CA GLU C 1133 2.16 -19.31 6.71
C GLU C 1133 0.66 -19.38 6.94
N LEU C 1134 -0.06 -20.05 6.04
CA LEU C 1134 -1.51 -20.16 6.21
C LEU C 1134 -1.84 -20.89 7.50
N GLU C 1135 -1.07 -21.91 7.85
CA GLU C 1135 -1.36 -22.66 9.06
C GLU C 1135 -1.27 -21.78 10.30
N ASP C 1136 -0.18 -21.02 10.42
CA ASP C 1136 -0.03 -20.19 11.62
C ASP C 1136 -1.00 -19.01 11.63
N ILE C 1137 -1.33 -18.44 10.48
CA ILE C 1137 -2.32 -17.37 10.46
C ILE C 1137 -3.68 -17.89 10.91
N LEU C 1138 -4.10 -19.04 10.38
CA LEU C 1138 -5.35 -19.64 10.79
C LEU C 1138 -5.39 -19.88 12.30
N LYS C 1139 -4.31 -20.42 12.87
CA LYS C 1139 -4.29 -20.70 14.30
C LYS C 1139 -4.36 -19.42 15.13
N HIS C 1140 -3.53 -18.44 14.82
CA HIS C 1140 -3.53 -17.20 15.61
C HIS C 1140 -4.85 -16.46 15.49
N HIS C 1141 -5.48 -16.49 14.32
CA HIS C 1141 -6.80 -15.88 14.18
C HIS C 1141 -7.84 -16.60 15.03
N TRP C 1142 -7.83 -17.94 15.03
CA TRP C 1142 -8.81 -18.64 15.85
C TRP C 1142 -8.57 -18.41 17.33
N LEU C 1143 -7.33 -18.14 17.73
CA LEU C 1143 -7.08 -17.83 19.15
C LEU C 1143 -7.51 -16.42 19.51
N TYR C 1144 -7.39 -15.47 18.58
CA TYR C 1144 -7.84 -14.09 18.82
C TYR C 1144 -9.34 -13.98 18.86
N THR C 1145 -10.05 -14.84 18.13
CA THR C 1145 -11.49 -14.70 17.99
C THR C 1145 -12.28 -15.40 19.10
N SER C 1146 -11.64 -16.22 19.92
CA SER C 1146 -12.36 -16.96 20.95
C SER C 1146 -12.91 -16.04 22.02
N LYS C 1147 -14.02 -16.46 22.63
CA LYS C 1147 -14.63 -15.68 23.71
C LYS C 1147 -13.94 -15.94 25.05
N TYR C 1148 -13.34 -17.11 25.23
CA TYR C 1148 -12.83 -17.51 26.53
C TYR C 1148 -11.69 -16.60 26.99
N LEU C 1149 -10.84 -16.15 26.06
CA LEU C 1149 -9.78 -15.21 26.43
C LEU C 1149 -10.27 -13.78 26.52
N GLN C 1150 -11.34 -13.44 25.80
CA GLN C 1150 -11.93 -12.12 25.93
C GLN C 1150 -12.58 -11.92 27.30
N LYS C 1151 -13.15 -12.99 27.88
CA LYS C 1151 -13.68 -12.88 29.23
C LYS C 1151 -12.58 -12.48 30.22
N PHE C 1152 -11.41 -13.12 30.13
CA PHE C 1152 -10.28 -12.73 30.95
C PHE C 1152 -9.87 -11.30 30.67
N MET C 1153 -9.86 -10.91 29.40
CA MET C 1153 -9.39 -9.58 29.05
C MET C 1153 -10.37 -8.48 29.42
N GLU C 1154 -11.62 -8.82 29.75
CA GLU C 1154 -12.55 -7.79 30.22
C GLU C 1154 -12.11 -7.23 31.57
N ALA C 1155 -11.41 -8.03 32.39
CA ALA C 1155 -10.90 -7.64 33.69
C ALA C 1155 -11.99 -7.20 34.66
N HIS C 1156 -13.24 -7.53 34.37
CA HIS C 1156 -14.40 -7.13 35.17
C HIS C 1156 -14.37 -5.62 35.44
N LYS C 1157 -14.55 -4.87 34.34
CA LYS C 1157 -14.51 -3.41 34.39
C LYS C 1157 -13.16 -2.91 34.88
N MET D 4 8.68 -29.70 -41.04
CA MET D 4 8.74 -29.81 -39.59
C MET D 4 9.30 -28.51 -39.03
N SER D 5 8.47 -27.47 -39.03
CA SER D 5 8.90 -26.16 -38.57
C SER D 5 7.84 -25.56 -37.67
N LEU D 6 8.28 -24.73 -36.73
CA LEU D 6 7.41 -24.15 -35.72
C LEU D 6 7.36 -22.64 -35.88
N GLN D 7 6.14 -22.08 -35.92
CA GLN D 7 5.89 -20.66 -36.07
C GLN D 7 5.30 -20.12 -34.78
N PRO D 8 5.92 -19.14 -34.12
CA PRO D 8 5.32 -18.55 -32.92
C PRO D 8 4.13 -17.68 -33.29
N LEU D 9 2.98 -17.97 -32.69
CA LEU D 9 1.77 -17.22 -32.92
C LEU D 9 1.53 -16.24 -31.78
N THR D 10 0.78 -15.18 -32.06
CA THR D 10 0.32 -14.24 -31.05
C THR D 10 -1.18 -14.39 -30.88
N ALA D 11 -1.61 -14.69 -29.65
CA ALA D 11 -3.03 -14.73 -29.29
C ALA D 11 -3.49 -13.32 -28.94
N VAL D 12 -3.55 -12.48 -29.97
CA VAL D 12 -3.74 -11.02 -29.82
C VAL D 12 -4.86 -10.71 -28.82
N ASN D 13 -6.05 -11.24 -29.07
CA ASN D 13 -7.20 -11.06 -28.18
C ASN D 13 -7.75 -12.42 -27.77
N CYS D 14 -8.43 -12.44 -26.62
CA CYS D 14 -9.06 -13.65 -26.09
C CYS D 14 -8.03 -14.76 -25.88
N GLY D 15 -7.08 -14.48 -24.99
CA GLY D 15 -6.10 -15.46 -24.54
C GLY D 15 -6.31 -15.99 -23.15
N SER D 16 -7.45 -15.69 -22.51
CA SER D 16 -7.81 -16.22 -21.20
C SER D 16 -8.82 -17.36 -21.27
N LEU D 17 -9.30 -17.70 -22.47
CA LEU D 17 -10.29 -18.75 -22.66
C LEU D 17 -9.68 -20.13 -22.80
N VAL D 18 -8.47 -20.24 -23.37
CA VAL D 18 -7.76 -21.50 -23.39
C VAL D 18 -7.32 -21.86 -21.97
N GLN D 19 -7.30 -23.16 -21.66
CA GLN D 19 -6.90 -23.63 -20.34
C GLN D 19 -6.05 -24.89 -20.49
N PRO D 20 -5.43 -25.41 -19.42
CA PRO D 20 -4.54 -26.57 -19.57
C PRO D 20 -5.13 -27.74 -20.34
N GLY D 21 -6.28 -28.27 -19.95
CA GLY D 21 -6.95 -29.31 -20.72
C GLY D 21 -8.07 -28.70 -21.54
N PHE D 22 -8.09 -29.02 -22.83
CA PHE D 22 -9.16 -28.60 -23.74
C PHE D 22 -9.08 -29.44 -25.00
N SER D 23 -10.04 -29.24 -25.89
CA SER D 23 -10.18 -30.07 -27.07
C SER D 23 -10.20 -29.20 -28.33
N LEU D 24 -9.68 -29.75 -29.43
CA LEU D 24 -9.76 -29.14 -30.75
C LEU D 24 -10.47 -30.10 -31.69
N LEU D 25 -11.70 -29.77 -32.06
CA LEU D 25 -12.47 -30.60 -32.99
C LEU D 25 -12.17 -30.16 -34.41
N ASP D 26 -11.75 -31.09 -35.24
CA ASP D 26 -11.45 -30.83 -36.65
C ASP D 26 -12.57 -31.44 -37.47
N LEU D 27 -13.53 -30.62 -37.90
CA LEU D 27 -14.59 -31.04 -38.79
C LEU D 27 -14.83 -29.96 -39.84
N GLU D 28 -14.97 -30.39 -41.09
CA GLU D 28 -15.24 -29.52 -42.24
C GLU D 28 -14.25 -28.36 -42.30
N GLY D 29 -12.98 -28.70 -42.51
CA GLY D 29 -11.98 -27.67 -42.67
C GLY D 29 -11.58 -27.04 -41.35
N ASP D 30 -12.13 -25.85 -41.10
CA ASP D 30 -11.78 -25.08 -39.92
C ASP D 30 -11.97 -25.88 -38.64
N VAL D 31 -11.21 -25.52 -37.60
CA VAL D 31 -11.20 -26.23 -36.34
C VAL D 31 -11.98 -25.43 -35.30
N TYR D 32 -12.57 -26.14 -34.34
CA TYR D 32 -13.38 -25.56 -33.27
C TYR D 32 -12.73 -25.85 -31.93
N LEU D 33 -12.41 -24.80 -31.19
CA LEU D 33 -11.92 -24.93 -29.83
C LEU D 33 -13.09 -25.21 -28.91
N PHE D 34 -12.90 -26.15 -27.99
CA PHE D 34 -13.97 -26.67 -27.15
C PHE D 34 -13.44 -26.85 -25.73
N GLY D 35 -14.04 -26.17 -24.78
CA GLY D 35 -13.55 -26.10 -23.42
C GLY D 35 -13.02 -24.70 -23.18
N GLN D 36 -13.31 -24.17 -22.00
CA GLN D 36 -12.91 -22.81 -21.69
C GLN D 36 -12.95 -22.61 -20.18
N LYS D 37 -12.16 -21.65 -19.71
CA LYS D 37 -12.12 -21.34 -18.28
C LYS D 37 -13.43 -20.75 -17.82
N GLY D 38 -14.06 -21.39 -16.84
CA GLY D 38 -15.33 -20.90 -16.32
C GLY D 38 -16.49 -21.25 -17.23
N TRP D 39 -17.68 -20.89 -16.77
CA TRP D 39 -18.89 -21.14 -17.52
C TRP D 39 -18.96 -20.21 -18.74
N PRO D 40 -19.93 -20.39 -19.63
CA PRO D 40 -20.01 -19.53 -20.80
C PRO D 40 -20.40 -18.10 -20.44
N LYS D 41 -19.64 -17.15 -20.96
CA LYS D 41 -19.92 -15.73 -20.84
C LYS D 41 -20.78 -15.26 -22.02
N ARG D 42 -21.51 -14.17 -21.81
CA ARG D 42 -22.53 -13.75 -22.77
C ARG D 42 -21.95 -13.35 -24.12
N SER D 43 -20.65 -13.08 -24.20
CA SER D 43 -20.02 -12.86 -25.50
C SER D 43 -20.20 -14.07 -26.42
N CYS D 44 -20.39 -15.25 -25.85
CA CYS D 44 -20.53 -16.48 -26.62
C CYS D 44 -21.36 -17.47 -25.82
N PRO D 45 -22.68 -17.42 -25.94
CA PRO D 45 -23.54 -18.18 -25.03
C PRO D 45 -23.52 -19.68 -25.27
N THR D 46 -22.78 -20.17 -26.25
CA THR D 46 -22.69 -21.60 -26.52
C THR D 46 -21.53 -22.25 -25.78
N GLY D 47 -20.32 -21.77 -26.00
CA GLY D 47 -19.13 -22.35 -25.40
C GLY D 47 -18.11 -22.84 -26.39
N ILE D 48 -18.36 -22.77 -27.69
CA ILE D 48 -17.53 -23.40 -28.72
C ILE D 48 -17.06 -22.30 -29.66
N PHE D 49 -15.75 -22.18 -29.84
CA PHE D 49 -15.20 -21.13 -30.67
C PHE D 49 -14.69 -21.69 -31.99
N GLY D 50 -14.69 -20.86 -33.04
CA GLY D 50 -14.02 -21.21 -34.27
C GLY D 50 -12.62 -20.61 -34.28
N VAL D 51 -11.65 -21.37 -34.80
CA VAL D 51 -10.25 -20.95 -34.78
C VAL D 51 -9.79 -20.70 -36.20
N ARG D 52 -9.12 -19.56 -36.41
CA ARG D 52 -8.49 -19.23 -37.69
C ARG D 52 -7.09 -18.71 -37.40
N ILE D 53 -6.10 -19.25 -38.12
CA ILE D 53 -4.71 -18.86 -37.93
C ILE D 53 -4.25 -18.20 -39.23
N LYS D 54 -3.91 -16.93 -39.17
CA LYS D 54 -3.60 -16.17 -40.38
C LYS D 54 -2.51 -15.16 -40.09
N LYS D 55 -1.42 -15.22 -40.87
CA LYS D 55 -0.31 -14.26 -40.76
C LYS D 55 0.29 -14.26 -39.36
N GLY D 56 0.28 -15.41 -38.69
CA GLY D 56 0.74 -15.52 -37.32
C GLY D 56 -0.30 -15.21 -36.27
N GLU D 57 -1.34 -14.46 -36.62
CA GLU D 57 -2.40 -14.15 -35.68
C GLU D 57 -3.28 -15.36 -35.44
N LEU D 58 -3.57 -15.63 -34.16
CA LEU D 58 -4.57 -16.62 -33.76
C LEU D 58 -5.86 -15.89 -33.43
N LYS D 59 -6.91 -16.12 -34.22
CA LYS D 59 -8.16 -15.41 -34.09
C LYS D 59 -9.26 -16.41 -33.70
N LEU D 60 -10.03 -16.05 -32.68
CA LEU D 60 -11.13 -16.85 -32.17
C LEU D 60 -12.44 -16.13 -32.43
N ARG D 61 -13.40 -16.83 -33.04
CA ARG D 61 -14.69 -16.27 -33.38
C ARG D 61 -15.80 -17.03 -32.67
N ALA D 62 -16.90 -16.34 -32.39
CA ALA D 62 -18.02 -16.95 -31.67
C ALA D 62 -18.87 -17.81 -32.60
N ILE D 63 -19.28 -18.97 -32.10
CA ILE D 63 -20.11 -19.89 -32.86
C ILE D 63 -21.47 -19.98 -32.17
N SER D 64 -22.52 -20.13 -32.97
CA SER D 64 -23.89 -20.17 -32.47
C SER D 64 -24.52 -21.51 -32.83
N PHE D 65 -25.25 -22.10 -31.88
CA PHE D 65 -25.94 -23.35 -32.14
C PHE D 65 -27.24 -23.12 -32.90
N SER D 66 -27.83 -24.23 -33.36
CA SER D 66 -29.10 -24.20 -34.08
C SER D 66 -30.26 -24.13 -33.11
N ASN D 67 -31.47 -24.08 -33.65
CA ASN D 67 -32.65 -23.89 -32.82
C ASN D 67 -33.01 -25.15 -32.05
N ASN D 68 -32.77 -26.33 -32.60
CA ASN D 68 -33.26 -27.57 -32.02
C ASN D 68 -32.22 -28.31 -31.18
N SER D 69 -31.10 -27.67 -30.86
CA SER D 69 -29.98 -28.34 -30.21
C SER D 69 -29.90 -27.98 -28.74
N SER D 70 -29.43 -28.93 -27.93
CA SER D 70 -29.18 -28.69 -26.52
C SER D 70 -27.78 -28.10 -26.33
N TYR D 71 -27.52 -27.61 -25.12
CA TYR D 71 -26.28 -26.90 -24.84
C TYR D 71 -25.40 -27.72 -23.91
N LEU D 72 -24.12 -27.40 -23.90
CA LEU D 72 -23.08 -28.18 -23.28
C LEU D 72 -22.32 -27.34 -22.25
N PRO D 73 -22.00 -27.91 -21.09
CA PRO D 73 -21.02 -27.28 -20.23
C PRO D 73 -19.63 -27.47 -20.79
N PRO D 74 -18.72 -26.57 -20.52
CA PRO D 74 -17.37 -26.72 -21.07
C PRO D 74 -16.57 -27.83 -20.42
N LEU D 75 -16.77 -29.06 -20.86
CA LEU D 75 -16.04 -30.21 -20.34
C LEU D 75 -14.54 -30.02 -20.48
N ARG D 76 -13.79 -30.27 -19.41
CA ARG D 76 -12.38 -29.89 -19.39
C ARG D 76 -11.52 -30.93 -20.11
N CYS D 77 -11.60 -32.20 -19.67
CA CYS D 77 -10.83 -33.30 -20.27
C CYS D 77 -11.73 -34.44 -20.73
N PRO D 78 -12.53 -34.23 -21.76
CA PRO D 78 -13.46 -35.27 -22.20
C PRO D 78 -12.77 -36.28 -23.10
N ALA D 79 -13.56 -37.23 -23.58
CA ALA D 79 -13.11 -38.25 -24.51
C ALA D 79 -13.79 -37.99 -25.84
N ILE D 80 -13.00 -37.59 -26.83
CA ILE D 80 -13.49 -37.22 -28.17
C ILE D 80 -13.27 -38.41 -29.10
N ALA D 81 -14.30 -38.72 -29.90
CA ALA D 81 -14.20 -39.76 -30.92
C ALA D 81 -14.78 -39.21 -32.23
N HIS D 82 -14.03 -39.35 -33.31
CA HIS D 82 -14.37 -38.71 -34.59
C HIS D 82 -15.13 -39.71 -35.46
N PHE D 83 -16.46 -39.56 -35.51
CA PHE D 83 -17.31 -40.41 -36.33
C PHE D 83 -17.34 -39.80 -37.73
N GLU D 84 -16.74 -40.51 -38.68
CA GLU D 84 -16.44 -39.99 -40.00
C GLU D 84 -17.69 -39.98 -40.88
N ALA D 85 -17.54 -39.37 -42.05
CA ALA D 85 -18.67 -39.17 -42.96
C ALA D 85 -19.19 -40.49 -43.49
N GLN D 86 -20.48 -40.73 -43.26
CA GLN D 86 -21.23 -41.83 -43.85
C GLN D 86 -22.71 -41.57 -43.53
N ASP D 87 -23.56 -42.55 -43.84
CA ASP D 87 -24.97 -42.42 -43.50
C ASP D 87 -25.16 -42.38 -41.99
N GLY D 88 -25.91 -41.40 -41.52
CA GLY D 88 -26.54 -40.43 -42.39
C GLY D 88 -26.18 -38.98 -42.16
N LYS D 89 -25.54 -38.68 -41.03
CA LYS D 89 -25.28 -37.30 -40.62
C LYS D 89 -23.79 -37.08 -40.38
N PRO D 90 -23.01 -36.85 -41.44
CA PRO D 90 -21.66 -36.33 -41.26
C PRO D 90 -21.71 -34.85 -40.92
N GLU D 91 -20.70 -34.39 -40.19
CA GLU D 91 -19.61 -35.23 -39.69
C GLU D 91 -19.72 -35.23 -38.16
N CYS D 92 -19.78 -36.42 -37.56
CA CYS D 92 -20.16 -36.49 -36.16
C CYS D 92 -18.96 -36.48 -35.24
N TYR D 93 -19.14 -35.89 -34.08
CA TYR D 93 -18.18 -35.98 -32.99
C TYR D 93 -18.89 -36.50 -31.75
N LEU D 94 -18.39 -37.58 -31.19
CA LEU D 94 -18.93 -38.13 -29.96
C LEU D 94 -18.06 -37.67 -28.79
N ILE D 95 -18.67 -36.91 -27.87
CA ILE D 95 -17.98 -36.34 -26.71
C ILE D 95 -18.52 -37.00 -25.45
N HIS D 96 -17.62 -37.54 -24.63
CA HIS D 96 -18.00 -38.18 -23.37
C HIS D 96 -16.77 -38.46 -22.53
N GLY D 97 -16.78 -38.10 -21.25
CA GLY D 97 -17.83 -37.33 -20.64
C GLY D 97 -17.33 -36.10 -19.90
N GLY D 98 -16.05 -36.12 -19.49
CA GLY D 98 -15.33 -34.94 -19.01
C GLY D 98 -15.65 -34.42 -17.62
N ARG D 99 -15.17 -33.19 -17.37
CA ARG D 99 -15.30 -32.51 -16.09
C ARG D 99 -15.98 -31.16 -16.28
N THR D 100 -17.16 -31.00 -15.70
CA THR D 100 -17.85 -29.72 -15.69
C THR D 100 -16.98 -28.69 -14.97
N PRO D 101 -16.95 -27.42 -15.42
CA PRO D 101 -16.12 -26.42 -14.74
C PRO D 101 -16.52 -26.18 -13.30
N ASN D 102 -17.79 -26.39 -12.95
CA ASN D 102 -18.20 -26.67 -11.57
C ASN D 102 -17.83 -28.12 -11.29
N ASN D 103 -16.86 -28.34 -10.41
CA ASN D 103 -16.02 -29.54 -10.48
C ASN D 103 -16.87 -30.77 -10.21
N GLU D 104 -17.24 -31.45 -11.28
CA GLU D 104 -18.09 -32.63 -11.23
C GLU D 104 -17.73 -33.51 -12.42
N LEU D 105 -18.27 -34.72 -12.44
CA LEU D 105 -18.12 -35.62 -13.56
C LEU D 105 -19.46 -35.77 -14.26
N SER D 106 -19.47 -35.59 -15.59
CA SER D 106 -20.68 -35.72 -16.39
C SER D 106 -20.64 -37.05 -17.13
N SER D 107 -21.70 -37.85 -16.98
CA SER D 107 -21.79 -39.18 -17.57
C SER D 107 -22.61 -39.22 -18.84
N SER D 108 -23.00 -38.07 -19.37
CA SER D 108 -23.83 -37.98 -20.57
C SER D 108 -22.99 -37.89 -21.83
N LEU D 109 -23.44 -38.54 -22.89
CA LEU D 109 -22.76 -38.50 -24.17
C LEU D 109 -23.40 -37.47 -25.10
N TYR D 110 -22.56 -36.67 -25.77
CA TYR D 110 -23.02 -35.65 -26.69
C TYR D 110 -22.58 -35.99 -28.12
N MET D 111 -23.39 -35.55 -29.08
CA MET D 111 -23.10 -35.71 -30.49
C MET D 111 -23.15 -34.34 -31.14
N LEU D 112 -22.02 -33.92 -31.72
CA LEU D 112 -21.88 -32.61 -32.33
C LEU D 112 -21.78 -32.75 -33.84
N SER D 113 -22.42 -31.84 -34.58
CA SER D 113 -22.40 -31.88 -36.04
C SER D 113 -22.57 -30.47 -36.60
N VAL D 114 -22.42 -30.34 -37.93
CA VAL D 114 -22.57 -29.08 -38.66
C VAL D 114 -23.93 -29.06 -39.34
N ASP D 115 -24.55 -27.87 -39.42
CA ASP D 115 -25.93 -27.75 -39.92
C ASP D 115 -26.04 -26.96 -41.22
N SER D 116 -25.64 -25.69 -41.26
CA SER D 116 -25.87 -24.88 -42.44
C SER D 116 -24.85 -23.74 -42.51
N ARG D 117 -24.86 -23.05 -43.66
CA ARG D 117 -23.89 -22.01 -43.95
C ARG D 117 -24.34 -21.26 -45.20
N GLY D 118 -23.81 -20.04 -45.39
CA GLY D 118 -23.07 -19.31 -44.37
C GLY D 118 -23.89 -18.50 -43.39
N CYS D 119 -24.49 -17.39 -43.82
CA CYS D 119 -24.32 -16.82 -45.16
C CYS D 119 -22.92 -16.29 -45.46
N ASN D 120 -22.39 -15.43 -44.60
CA ASN D 120 -21.11 -14.75 -44.82
C ASN D 120 -20.08 -15.38 -43.88
N ARG D 121 -19.48 -16.48 -44.32
CA ARG D 121 -18.44 -17.18 -43.56
C ARG D 121 -18.91 -17.55 -42.16
N LYS D 122 -20.15 -18.01 -42.04
CA LYS D 122 -20.75 -18.36 -40.75
C LYS D 122 -21.16 -19.82 -40.76
N VAL D 123 -20.83 -20.54 -39.70
CA VAL D 123 -21.16 -21.95 -39.57
C VAL D 123 -22.06 -22.11 -38.36
N THR D 124 -23.18 -22.80 -38.55
CA THR D 124 -24.04 -23.17 -37.45
C THR D 124 -23.84 -24.64 -37.10
N LEU D 125 -23.78 -24.93 -35.80
CA LEU D 125 -23.58 -26.27 -35.28
C LEU D 125 -24.85 -26.77 -34.61
N ARG D 126 -24.87 -28.07 -34.30
CA ARG D 126 -25.94 -28.61 -33.49
C ARG D 126 -25.41 -29.73 -32.60
N CYS D 127 -25.79 -29.68 -31.32
CA CYS D 127 -25.44 -30.70 -30.34
C CYS D 127 -26.69 -31.42 -29.87
N GLU D 128 -26.59 -32.73 -29.72
CA GLU D 128 -27.68 -33.54 -29.21
C GLU D 128 -27.16 -34.47 -28.12
N GLU D 129 -27.81 -34.45 -26.97
CA GLU D 129 -27.56 -35.49 -25.98
C GLU D 129 -28.07 -36.83 -26.52
N LYS D 130 -27.33 -37.88 -26.23
CA LYS D 130 -27.67 -39.22 -26.67
C LYS D 130 -27.92 -40.08 -25.43
N GLU D 131 -29.18 -40.40 -25.20
CA GLU D 131 -29.55 -41.16 -24.02
C GLU D 131 -28.97 -42.57 -24.11
N LEU D 132 -28.39 -43.04 -23.01
CA LEU D 132 -27.70 -44.32 -22.95
C LEU D 132 -28.49 -45.26 -22.04
N VAL D 133 -29.09 -46.29 -22.63
CA VAL D 133 -29.75 -47.34 -21.86
C VAL D 133 -28.70 -48.37 -21.47
N GLY D 134 -28.37 -48.43 -20.18
CA GLY D 134 -27.34 -49.33 -19.71
C GLY D 134 -27.49 -49.62 -18.23
N ASP D 135 -26.46 -50.23 -17.62
CA ASP D 135 -25.15 -50.62 -18.17
C ASP D 135 -24.37 -49.44 -18.74
N VAL D 136 -24.61 -48.26 -18.17
CA VAL D 136 -23.93 -47.05 -18.59
C VAL D 136 -22.56 -47.01 -17.92
N PRO D 137 -21.51 -46.63 -18.63
CA PRO D 137 -20.20 -46.51 -17.99
C PRO D 137 -20.19 -45.37 -16.98
N SER D 138 -19.58 -45.62 -15.84
CA SER D 138 -19.49 -44.61 -14.79
C SER D 138 -18.80 -43.36 -15.31
N ALA D 139 -19.24 -42.20 -14.82
CA ALA D 139 -18.65 -40.94 -15.22
C ALA D 139 -17.16 -40.95 -14.95
N ARG D 140 -16.38 -40.48 -15.92
CA ARG D 140 -14.93 -40.57 -15.84
C ARG D 140 -14.33 -39.56 -16.78
N TYR D 141 -13.06 -39.23 -16.57
CA TYR D 141 -12.36 -38.28 -17.42
C TYR D 141 -11.01 -38.85 -17.80
N GLY D 142 -10.52 -38.45 -18.97
CA GLY D 142 -9.26 -38.92 -19.47
C GLY D 142 -9.31 -40.25 -20.18
N HIS D 143 -10.44 -40.93 -20.18
CA HIS D 143 -10.57 -42.19 -20.89
C HIS D 143 -10.57 -41.93 -22.39
N THR D 144 -10.68 -43.01 -23.17
CA THR D 144 -10.65 -42.89 -24.62
C THR D 144 -11.79 -43.67 -25.25
N LEU D 145 -12.37 -43.07 -26.28
CA LEU D 145 -13.42 -43.66 -27.10
C LEU D 145 -12.94 -43.72 -28.53
N SER D 146 -13.27 -44.81 -29.24
CA SER D 146 -12.85 -44.93 -30.63
C SER D 146 -13.93 -45.63 -31.44
N VAL D 147 -14.11 -45.19 -32.69
CA VAL D 147 -15.15 -45.72 -33.57
C VAL D 147 -14.59 -46.87 -34.37
N ILE D 148 -15.38 -47.92 -34.53
CA ILE D 148 -15.00 -49.09 -35.32
C ILE D 148 -16.12 -49.41 -36.29
N ASN D 149 -15.74 -49.82 -37.51
CA ASN D 149 -16.67 -50.28 -38.54
C ASN D 149 -16.35 -51.75 -38.79
N SER D 150 -17.35 -52.62 -38.63
CA SER D 150 -17.18 -54.05 -38.80
C SER D 150 -18.43 -54.63 -39.45
N ARG D 151 -18.28 -55.07 -40.70
CA ARG D 151 -19.21 -55.98 -41.39
C ARG D 151 -20.69 -55.68 -41.13
N GLY D 152 -21.15 -54.50 -41.55
CA GLY D 152 -20.35 -53.36 -41.95
C GLY D 152 -20.69 -52.24 -40.98
N LYS D 153 -21.40 -52.62 -39.92
CA LYS D 153 -22.04 -51.64 -39.05
C LYS D 153 -21.04 -50.94 -38.15
N THR D 154 -21.52 -49.91 -37.48
CA THR D 154 -20.69 -48.99 -36.72
C THR D 154 -20.93 -49.17 -35.23
N ALA D 155 -19.86 -49.24 -34.45
CA ALA D 155 -19.97 -49.21 -33.00
C ALA D 155 -18.83 -48.38 -32.43
N CYS D 156 -18.77 -48.29 -31.11
CA CYS D 156 -17.75 -47.53 -30.42
C CYS D 156 -17.22 -48.36 -29.27
N VAL D 157 -15.92 -48.22 -29.00
CA VAL D 157 -15.26 -48.91 -27.90
C VAL D 157 -14.77 -47.87 -26.91
N LEU D 158 -15.12 -48.05 -25.63
CA LEU D 158 -14.85 -47.09 -24.58
C LEU D 158 -14.00 -47.78 -23.52
N PHE D 159 -12.86 -47.19 -23.19
CA PHE D 159 -11.90 -47.86 -22.31
C PHE D 159 -11.06 -46.85 -21.55
N GLY D 160 -10.69 -47.22 -20.33
CA GLY D 160 -9.72 -46.49 -19.56
C GLY D 160 -10.32 -45.42 -18.67
N GLY D 161 -9.44 -44.55 -18.19
CA GLY D 161 -9.83 -43.35 -17.49
C GLY D 161 -9.79 -43.50 -15.98
N ARG D 162 -9.91 -42.35 -15.32
CA ARG D 162 -9.94 -42.22 -13.87
C ARG D 162 -11.32 -41.79 -13.41
N SER D 163 -11.58 -41.93 -12.12
CA SER D 163 -12.82 -41.42 -11.54
C SER D 163 -12.60 -41.17 -10.06
N TYR D 164 -13.48 -40.38 -9.47
CA TYR D 164 -13.40 -40.11 -8.05
C TYR D 164 -13.63 -41.40 -7.27
N MET D 165 -13.24 -41.38 -6.00
CA MET D 165 -13.43 -42.51 -5.10
C MET D 165 -14.87 -43.00 -5.15
N PRO D 166 -15.12 -44.29 -4.96
CA PRO D 166 -16.51 -44.81 -4.96
C PRO D 166 -17.39 -44.01 -4.03
N PRO D 167 -18.70 -43.97 -4.29
CA PRO D 167 -19.57 -43.02 -3.57
C PRO D 167 -19.66 -43.24 -2.07
N THR D 168 -19.42 -44.47 -1.61
CA THR D 168 -19.51 -44.73 -0.18
C THR D 168 -18.22 -44.37 0.58
N GLU D 169 -17.07 -44.49 -0.06
CA GLU D 169 -15.79 -44.32 0.62
C GLU D 169 -15.19 -42.93 0.48
N ARG D 170 -15.86 -42.01 -0.20
CA ARG D 170 -15.30 -40.68 -0.40
C ARG D 170 -15.53 -39.86 0.86
N THR D 171 -14.45 -39.44 1.51
CA THR D 171 -14.49 -38.66 2.73
C THR D 171 -14.09 -37.22 2.43
N THR D 172 -14.69 -36.27 3.13
CA THR D 172 -14.41 -34.87 2.87
C THR D 172 -12.94 -34.52 3.04
N GLN D 173 -12.11 -35.44 3.51
CA GLN D 173 -10.66 -35.27 3.44
C GLN D 173 -10.06 -35.88 2.18
N ASN D 174 -10.61 -36.99 1.68
CA ASN D 174 -10.20 -37.61 0.43
C ASN D 174 -11.11 -37.22 -0.74
N TRP D 175 -11.63 -35.99 -0.71
CA TRP D 175 -12.60 -35.56 -1.69
C TRP D 175 -11.92 -35.47 -3.03
N ASN D 176 -10.63 -34.84 -3.10
CA ASN D 176 -10.49 -34.51 -4.54
C ASN D 176 -9.57 -35.70 -4.96
N SER D 177 -9.42 -36.75 -4.10
CA SER D 177 -8.71 -37.97 -4.48
C SER D 177 -9.37 -38.64 -5.68
N VAL D 178 -8.56 -39.31 -6.49
CA VAL D 178 -9.03 -39.90 -7.74
C VAL D 178 -8.27 -41.21 -7.99
N VAL D 179 -9.00 -42.28 -8.30
CA VAL D 179 -8.43 -43.59 -8.51
C VAL D 179 -8.85 -44.08 -9.89
N ASP D 180 -8.15 -45.10 -10.37
CA ASP D 180 -8.43 -45.63 -11.70
C ASP D 180 -9.71 -46.45 -11.67
N CYS D 181 -10.58 -46.20 -12.65
CA CYS D 181 -11.81 -46.97 -12.75
C CYS D 181 -11.50 -48.41 -13.14
N PRO D 182 -12.38 -49.35 -12.80
CA PRO D 182 -12.09 -50.75 -13.08
C PRO D 182 -11.93 -50.99 -14.57
N PRO D 183 -11.09 -51.97 -14.96
CA PRO D 183 -10.73 -52.21 -16.38
C PRO D 183 -11.66 -53.14 -17.17
N GLN D 184 -12.81 -52.63 -17.56
CA GLN D 184 -13.72 -53.34 -18.45
C GLN D 184 -14.00 -52.46 -19.67
N VAL D 185 -14.16 -53.08 -20.83
CA VAL D 185 -14.39 -52.35 -22.07
C VAL D 185 -15.89 -52.24 -22.29
N TYR D 186 -16.35 -51.07 -22.72
CA TYR D 186 -17.77 -50.84 -22.96
C TYR D 186 -17.98 -50.64 -24.46
N LEU D 187 -18.84 -51.46 -25.03
CA LEU D 187 -19.22 -51.33 -26.43
C LEU D 187 -20.52 -50.54 -26.53
N ILE D 188 -20.47 -49.38 -27.17
CA ILE D 188 -21.58 -48.45 -27.26
C ILE D 188 -22.05 -48.41 -28.71
N ASP D 189 -23.33 -48.69 -28.92
CA ASP D 189 -23.93 -48.39 -30.21
C ASP D 189 -24.26 -46.90 -30.27
N LEU D 190 -24.01 -46.29 -31.43
CA LEU D 190 -24.34 -44.88 -31.62
C LEU D 190 -25.82 -44.64 -31.41
N GLU D 191 -26.66 -45.48 -32.00
CA GLU D 191 -28.10 -45.47 -31.76
C GLU D 191 -28.60 -46.86 -32.10
N PHE D 192 -29.33 -47.49 -31.18
CA PHE D 192 -29.78 -46.84 -29.96
C PHE D 192 -28.77 -46.92 -28.82
N GLY D 193 -29.21 -46.55 -27.63
CA GLY D 193 -28.31 -46.41 -26.50
C GLY D 193 -27.95 -47.70 -25.79
N CYS D 194 -28.05 -48.84 -26.48
CA CYS D 194 -27.65 -50.11 -25.88
C CYS D 194 -26.14 -50.14 -25.72
N CYS D 195 -25.67 -50.15 -24.48
CA CYS D 195 -24.24 -50.20 -24.17
C CYS D 195 -23.97 -51.47 -23.36
N THR D 196 -23.04 -52.29 -23.84
CA THR D 196 -22.68 -53.53 -23.19
C THR D 196 -21.33 -53.40 -22.50
N ALA D 197 -21.17 -54.12 -21.39
CA ALA D 197 -19.92 -54.17 -20.64
C ALA D 197 -19.28 -55.53 -20.80
N HIS D 198 -17.97 -55.58 -21.04
CA HIS D 198 -17.26 -56.83 -21.23
C HIS D 198 -15.93 -56.79 -20.48
N THR D 199 -15.53 -57.94 -19.93
CA THR D 199 -14.32 -58.03 -19.14
C THR D 199 -13.12 -58.36 -20.03
N LEU D 200 -11.94 -57.93 -19.58
CA LEU D 200 -10.69 -58.12 -20.31
C LEU D 200 -9.83 -59.12 -19.55
N PRO D 201 -9.76 -60.37 -20.01
CA PRO D 201 -8.91 -61.35 -19.32
C PRO D 201 -7.43 -60.96 -19.24
N GLU D 202 -6.92 -60.22 -20.21
CA GLU D 202 -5.51 -59.86 -20.26
C GLU D 202 -5.17 -58.58 -19.53
N LEU D 203 -6.12 -57.64 -19.44
CA LEU D 203 -5.89 -56.34 -18.81
C LEU D 203 -6.46 -56.38 -17.40
N THR D 204 -5.58 -56.55 -16.42
CA THR D 204 -5.93 -56.56 -15.01
C THR D 204 -5.88 -55.17 -14.39
N ASP D 205 -5.66 -54.13 -15.17
CA ASP D 205 -5.66 -52.77 -14.64
C ASP D 205 -6.05 -51.80 -15.74
N GLY D 206 -6.64 -50.67 -15.33
CA GLY D 206 -6.95 -49.59 -16.24
C GLY D 206 -5.84 -48.56 -16.31
N GLN D 207 -6.02 -47.60 -17.21
CA GLN D 207 -5.03 -46.53 -17.40
C GLN D 207 -5.78 -45.28 -17.87
N SER D 208 -5.02 -44.22 -18.11
CA SER D 208 -5.58 -42.98 -18.60
C SER D 208 -4.55 -42.27 -19.46
N PHE D 209 -5.01 -41.27 -20.21
CA PHE D 209 -4.15 -40.41 -21.01
C PHE D 209 -3.40 -41.18 -22.09
N HIS D 210 -3.98 -42.28 -22.56
CA HIS D 210 -3.37 -43.11 -23.59
C HIS D 210 -4.01 -42.81 -24.93
N VAL D 211 -3.18 -42.43 -25.90
CA VAL D 211 -3.66 -42.19 -27.26
C VAL D 211 -4.12 -43.51 -27.86
N ALA D 212 -5.35 -43.54 -28.36
CA ALA D 212 -5.90 -44.72 -29.01
C ALA D 212 -6.12 -44.44 -30.49
N LEU D 213 -5.70 -45.40 -31.32
CA LEU D 213 -5.79 -45.29 -32.77
C LEU D 213 -6.58 -46.48 -33.29
N ALA D 214 -7.69 -46.21 -33.95
CA ALA D 214 -8.60 -47.25 -34.43
C ALA D 214 -8.61 -47.25 -35.95
N ARG D 215 -8.33 -48.41 -36.53
CA ARG D 215 -8.35 -48.58 -37.98
C ARG D 215 -9.03 -49.89 -38.31
N GLN D 216 -10.05 -49.83 -39.15
CA GLN D 216 -10.65 -51.01 -39.77
C GLN D 216 -10.90 -52.11 -38.74
N ASP D 217 -11.82 -51.83 -37.82
CA ASP D 217 -12.22 -52.75 -36.74
C ASP D 217 -11.02 -53.36 -36.02
N CYS D 218 -9.99 -52.56 -35.78
CA CYS D 218 -8.91 -52.91 -34.88
C CYS D 218 -8.60 -51.67 -34.05
N VAL D 219 -8.33 -51.86 -32.76
CA VAL D 219 -8.03 -50.73 -31.88
C VAL D 219 -6.65 -50.95 -31.27
N TYR D 220 -5.79 -49.95 -31.37
CA TYR D 220 -4.43 -50.00 -30.82
C TYR D 220 -4.29 -48.93 -29.76
N PHE D 221 -3.99 -49.35 -28.53
CA PHE D 221 -3.81 -48.46 -27.39
C PHE D 221 -2.32 -48.33 -27.12
N LEU D 222 -1.79 -47.13 -27.30
CA LEU D 222 -0.44 -46.80 -26.89
C LEU D 222 -0.36 -46.76 -25.36
N GLY D 223 0.82 -46.47 -24.85
CA GLY D 223 1.01 -46.49 -23.41
C GLY D 223 0.17 -45.44 -22.71
N GLY D 224 -0.15 -45.71 -21.47
CA GLY D 224 -0.90 -44.77 -20.66
C GLY D 224 -0.48 -44.86 -19.21
N HIS D 225 -0.54 -43.74 -18.51
CA HIS D 225 -0.03 -43.66 -17.15
C HIS D 225 -0.92 -44.46 -16.21
N ILE D 226 -0.31 -45.37 -15.45
CA ILE D 226 -1.02 -46.14 -14.42
C ILE D 226 -0.70 -45.52 -13.07
N LEU D 227 -1.72 -45.32 -12.24
CA LEU D 227 -1.55 -44.71 -10.93
C LEU D 227 -1.41 -45.74 -9.82
N SER D 228 -1.68 -47.01 -10.09
CA SER D 228 -1.51 -48.04 -9.07
C SER D 228 -0.03 -48.27 -8.76
N SER D 229 0.77 -48.57 -9.78
CA SER D 229 2.20 -48.80 -9.62
C SER D 229 3.06 -47.62 -10.06
N ASP D 230 2.45 -46.52 -10.53
CA ASP D 230 3.16 -45.35 -11.01
C ASP D 230 4.12 -45.70 -12.15
N CYS D 231 3.69 -46.62 -13.01
CA CYS D 231 4.48 -47.06 -14.15
C CYS D 231 3.85 -46.60 -15.45
N ARG D 232 4.69 -46.25 -16.42
CA ARG D 232 4.23 -45.88 -17.75
C ARG D 232 4.62 -46.99 -18.72
N PRO D 233 3.77 -48.00 -18.88
CA PRO D 233 4.19 -49.21 -19.60
C PRO D 233 4.48 -48.94 -21.07
N SER D 234 5.58 -49.50 -21.55
CA SER D 234 5.96 -49.39 -22.95
C SER D 234 5.16 -50.33 -23.84
N ARG D 235 4.54 -51.36 -23.26
CA ARG D 235 3.74 -52.31 -24.03
C ARG D 235 2.64 -51.61 -24.82
N LEU D 236 2.28 -52.20 -25.94
CA LEU D 236 1.16 -51.76 -26.76
C LEU D 236 0.03 -52.78 -26.63
N ILE D 237 -1.22 -52.31 -26.69
CA ILE D 237 -2.38 -53.19 -26.51
C ILE D 237 -3.19 -53.20 -27.79
N ARG D 238 -3.44 -54.37 -28.34
CA ARG D 238 -4.32 -54.50 -29.50
C ARG D 238 -5.60 -55.20 -29.09
N LEU D 239 -6.73 -54.71 -29.57
CA LEU D 239 -7.99 -55.42 -29.38
C LEU D 239 -8.75 -55.47 -30.69
N HIS D 240 -9.58 -56.50 -30.81
CA HIS D 240 -10.24 -56.89 -32.04
C HIS D 240 -11.72 -57.08 -31.71
N VAL D 241 -12.57 -56.25 -32.32
CA VAL D 241 -14.01 -56.31 -32.11
C VAL D 241 -14.64 -56.93 -33.34
N GLU D 242 -15.34 -58.04 -33.14
CA GLU D 242 -16.04 -58.74 -34.20
C GLU D 242 -17.53 -58.64 -33.88
N LEU D 243 -18.21 -57.71 -34.54
CA LEU D 243 -19.61 -57.42 -34.25
C LEU D 243 -20.50 -58.39 -35.04
N LEU D 244 -21.18 -59.28 -34.33
CA LEU D 244 -22.10 -60.22 -34.94
C LEU D 244 -23.37 -60.27 -34.10
N LEU D 245 -24.45 -60.72 -34.72
CA LEU D 245 -25.73 -60.85 -34.02
C LEU D 245 -25.71 -62.11 -33.17
N GLY D 246 -25.96 -61.97 -31.88
CA GLY D 246 -26.20 -60.67 -31.27
C GLY D 246 -25.29 -60.34 -30.10
N SER D 247 -24.18 -61.07 -29.97
CA SER D 247 -23.23 -60.87 -28.88
C SER D 247 -21.97 -60.20 -29.40
N PRO D 248 -21.67 -58.99 -28.95
CA PRO D 248 -20.45 -58.31 -29.41
C PRO D 248 -19.18 -58.89 -28.78
N VAL D 249 -18.75 -60.03 -29.31
CA VAL D 249 -17.56 -60.69 -28.82
C VAL D 249 -16.34 -59.80 -29.05
N LEU D 250 -15.44 -59.77 -28.08
CA LEU D 250 -14.24 -58.94 -28.11
C LEU D 250 -13.05 -59.78 -27.72
N THR D 251 -11.97 -59.71 -28.51
CA THR D 251 -10.73 -60.38 -28.13
C THR D 251 -9.59 -59.37 -28.04
N CYS D 252 -8.46 -59.81 -27.48
CA CYS D 252 -7.37 -58.89 -27.19
C CYS D 252 -6.04 -59.62 -27.24
N THR D 253 -4.97 -58.85 -27.41
CA THR D 253 -3.60 -59.36 -27.42
C THR D 253 -2.65 -58.24 -27.08
N ILE D 254 -1.43 -58.62 -26.72
CA ILE D 254 -0.38 -57.68 -26.33
C ILE D 254 0.65 -57.63 -27.45
N LEU D 255 1.13 -56.43 -27.76
CA LEU D 255 2.33 -56.24 -28.57
C LEU D 255 3.49 -55.98 -27.64
N HIS D 256 4.67 -56.46 -28.02
CA HIS D 256 5.83 -56.39 -27.13
C HIS D 256 6.24 -54.94 -26.87
N GLU D 257 6.42 -54.15 -27.93
CA GLU D 257 7.01 -52.83 -27.79
C GLU D 257 6.19 -51.75 -28.46
N GLY D 258 6.04 -50.63 -27.74
CA GLY D 258 5.44 -49.41 -28.23
C GLY D 258 6.07 -48.25 -27.48
N LEU D 259 5.69 -47.02 -27.85
CA LEU D 259 6.26 -45.85 -27.22
C LEU D 259 5.68 -45.70 -25.81
N THR D 260 6.55 -45.38 -24.85
CA THR D 260 6.13 -45.08 -23.49
C THR D 260 5.76 -43.61 -23.41
N ILE D 261 4.47 -43.30 -23.64
CA ILE D 261 4.06 -41.92 -23.80
C ILE D 261 2.66 -41.76 -23.20
N THR D 262 2.40 -40.58 -22.64
CA THR D 262 1.13 -40.22 -22.02
C THR D 262 0.73 -38.81 -22.46
N SER D 263 -0.54 -38.63 -22.78
CA SER D 263 -1.08 -37.34 -23.20
C SER D 263 -0.40 -36.83 -24.48
N ALA D 264 -0.38 -37.67 -25.50
CA ALA D 264 0.28 -37.33 -26.74
C ALA D 264 -0.69 -36.64 -27.70
N ILE D 265 -0.14 -35.79 -28.56
CA ILE D 265 -0.92 -35.09 -29.59
C ILE D 265 -0.84 -35.91 -30.87
N ALA D 266 -1.89 -36.69 -31.14
CA ALA D 266 -1.89 -37.60 -32.28
C ALA D 266 -2.48 -36.90 -33.49
N SER D 267 -1.60 -36.39 -34.37
CA SER D 267 -2.06 -35.59 -35.50
C SER D 267 -2.07 -36.43 -36.77
N PRO D 268 -3.20 -36.50 -37.49
CA PRO D 268 -3.20 -37.24 -38.75
C PRO D 268 -2.56 -36.45 -39.89
N ILE D 269 -1.79 -37.15 -40.71
CA ILE D 269 -1.09 -36.54 -41.83
C ILE D 269 -1.54 -37.19 -43.12
N GLY D 270 -1.23 -38.47 -43.26
CA GLY D 270 -1.61 -39.23 -44.44
C GLY D 270 -3.01 -39.79 -44.32
N TYR D 271 -3.26 -40.83 -45.11
CA TYR D 271 -4.54 -41.52 -45.03
C TYR D 271 -4.72 -42.17 -43.67
N HIS D 272 -3.85 -43.12 -43.32
CA HIS D 272 -3.86 -43.75 -42.00
C HIS D 272 -2.58 -43.50 -41.23
N GLU D 273 -1.68 -42.66 -41.73
CA GLU D 273 -0.41 -42.39 -41.09
C GLU D 273 -0.55 -41.21 -40.14
N TYR D 274 -0.20 -41.41 -38.87
CA TYR D 274 -0.26 -40.37 -37.85
C TYR D 274 1.15 -40.00 -37.40
N ILE D 275 1.28 -38.82 -36.82
CA ILE D 275 2.46 -38.49 -36.05
C ILE D 275 2.05 -38.35 -34.59
N ILE D 276 2.74 -39.08 -33.71
CA ILE D 276 2.66 -38.85 -32.28
C ILE D 276 3.63 -37.72 -31.96
N PHE D 277 3.08 -36.59 -31.51
CA PHE D 277 3.83 -35.34 -31.45
C PHE D 277 4.57 -35.16 -30.13
N GLY D 278 4.24 -35.91 -29.10
CA GLY D 278 4.96 -35.86 -27.84
C GLY D 278 4.05 -35.59 -26.66
N GLY D 279 4.66 -35.66 -25.48
CA GLY D 279 3.96 -35.58 -24.23
C GLY D 279 4.88 -35.82 -23.05
N TYR D 280 4.46 -36.65 -22.11
CA TYR D 280 5.21 -36.93 -20.91
C TYR D 280 5.66 -38.39 -20.90
N GLN D 281 6.97 -38.62 -20.77
CA GLN D 281 7.51 -39.95 -20.57
C GLN D 281 7.83 -40.25 -19.11
N SER D 282 8.21 -39.23 -18.33
CA SER D 282 8.39 -39.35 -16.89
C SER D 282 7.73 -38.15 -16.21
N GLU D 283 7.56 -38.24 -14.89
CA GLU D 283 6.90 -37.18 -14.14
C GLU D 283 7.64 -35.86 -14.21
N THR D 284 8.90 -35.86 -14.64
CA THR D 284 9.69 -34.65 -14.73
C THR D 284 10.06 -34.28 -16.16
N GLN D 285 10.59 -35.23 -16.93
CA GLN D 285 11.05 -34.94 -18.29
C GLN D 285 9.91 -35.16 -19.29
N LYS D 286 9.83 -34.26 -20.26
CA LYS D 286 8.83 -34.29 -21.30
C LYS D 286 9.44 -34.77 -22.61
N ARG D 287 8.64 -35.47 -23.41
CA ARG D 287 9.11 -36.01 -24.67
C ARG D 287 9.38 -34.91 -25.67
N MET D 288 10.60 -34.86 -26.21
CA MET D 288 10.95 -33.92 -27.26
C MET D 288 10.90 -34.52 -28.65
N GLU D 289 11.15 -35.82 -28.78
CA GLU D 289 11.22 -36.47 -30.08
C GLU D 289 9.84 -36.66 -30.69
N CYS D 290 9.71 -36.35 -31.98
CA CYS D 290 8.50 -36.62 -32.74
C CYS D 290 8.56 -38.01 -33.32
N THR D 291 7.48 -38.77 -33.20
CA THR D 291 7.46 -40.13 -33.72
C THR D 291 6.36 -40.26 -34.76
N TYR D 292 6.56 -41.18 -35.68
CA TYR D 292 5.60 -41.45 -36.75
C TYR D 292 5.07 -42.87 -36.61
N VAL D 293 3.75 -43.01 -36.72
CA VAL D 293 3.03 -44.26 -36.56
C VAL D 293 2.16 -44.48 -37.78
N GLY D 294 2.56 -45.43 -38.62
CA GLY D 294 1.70 -45.90 -39.69
C GLY D 294 0.94 -47.13 -39.24
N LEU D 295 -0.32 -47.20 -39.66
CA LEU D 295 -1.24 -48.24 -39.20
C LEU D 295 -1.71 -49.07 -40.38
N ASP D 296 -1.36 -50.35 -40.38
CA ASP D 296 -1.87 -51.31 -41.33
C ASP D 296 -2.31 -52.54 -40.57
N ASP D 297 -2.94 -53.48 -41.28
CA ASP D 297 -3.43 -54.70 -40.63
C ASP D 297 -2.30 -55.58 -40.12
N VAL D 298 -1.10 -55.46 -40.71
CA VAL D 298 0.07 -56.16 -40.18
C VAL D 298 0.36 -55.69 -38.77
N GLY D 299 0.48 -54.39 -38.59
CA GLY D 299 0.74 -53.83 -37.27
C GLY D 299 1.19 -52.40 -37.37
N VAL D 300 1.54 -51.86 -36.21
CA VAL D 300 2.08 -50.50 -36.13
C VAL D 300 3.50 -50.45 -36.64
N HIS D 301 3.78 -49.50 -37.53
CA HIS D 301 5.13 -49.24 -38.01
C HIS D 301 5.58 -47.90 -37.45
N MET D 302 6.66 -47.91 -36.67
CA MET D 302 7.04 -46.79 -35.82
C MET D 302 8.44 -46.34 -36.16
N GLU D 303 8.58 -45.08 -36.56
CA GLU D 303 9.91 -44.51 -36.81
C GLU D 303 10.01 -43.15 -36.14
N SER D 304 11.14 -42.87 -35.51
CA SER D 304 11.35 -41.53 -34.99
C SER D 304 11.77 -40.61 -36.13
N ARG D 305 11.25 -39.39 -36.12
CA ARG D 305 11.56 -38.42 -37.16
C ARG D 305 12.29 -37.25 -36.53
N GLU D 306 13.01 -36.50 -37.36
CA GLU D 306 13.77 -35.36 -36.88
C GLU D 306 12.85 -34.34 -36.21
N PRO D 307 12.97 -34.12 -34.91
CA PRO D 307 12.12 -33.14 -34.24
C PRO D 307 12.54 -31.73 -34.59
N PRO D 308 11.59 -30.84 -34.84
CA PRO D 308 11.94 -29.45 -35.15
C PRO D 308 12.73 -28.82 -34.02
N GLN D 309 13.66 -27.94 -34.37
CA GLN D 309 14.50 -27.30 -33.38
C GLN D 309 13.66 -26.42 -32.46
N TRP D 310 13.66 -26.74 -31.18
CA TRP D 310 12.86 -26.02 -30.20
C TRP D 310 13.66 -24.88 -29.62
N THR D 311 13.04 -23.70 -29.54
CA THR D 311 13.64 -22.60 -28.81
C THR D 311 13.85 -23.01 -27.35
N SER D 312 14.79 -22.33 -26.69
CA SER D 312 15.10 -22.66 -25.31
C SER D 312 13.87 -22.62 -24.41
N GLU D 313 12.91 -21.76 -24.72
CA GLU D 313 11.75 -21.60 -23.84
C GLU D 313 10.89 -22.86 -23.82
N ILE D 314 10.60 -23.43 -24.98
CA ILE D 314 9.78 -24.63 -25.04
C ILE D 314 10.58 -25.88 -24.70
N SER D 315 11.91 -25.81 -24.72
CA SER D 315 12.72 -26.94 -24.28
C SER D 315 12.88 -26.99 -22.77
N HIS D 316 12.90 -25.85 -22.09
CA HIS D 316 13.06 -25.83 -20.65
C HIS D 316 11.75 -25.72 -19.89
N SER D 317 10.62 -25.71 -20.58
CA SER D 317 9.33 -25.52 -19.92
C SER D 317 9.02 -26.69 -19.00
N ARG D 318 8.34 -26.39 -17.91
CA ARG D 318 7.94 -27.44 -16.97
C ARG D 318 6.93 -28.39 -17.61
N THR D 319 5.86 -27.85 -18.20
CA THR D 319 4.82 -28.64 -18.83
C THR D 319 4.41 -28.00 -20.15
N TRP D 320 3.74 -28.79 -20.98
CA TRP D 320 3.13 -28.27 -22.20
C TRP D 320 2.03 -29.22 -22.64
N PHE D 321 1.11 -28.67 -23.43
CA PHE D 321 -0.08 -29.35 -23.90
C PHE D 321 -0.41 -28.84 -25.29
N GLY D 322 -1.55 -29.24 -25.81
CA GLY D 322 -1.99 -28.71 -27.09
C GLY D 322 -3.00 -29.64 -27.74
N GLY D 323 -3.08 -29.53 -29.06
CA GLY D 323 -4.03 -30.29 -29.83
C GLY D 323 -3.65 -30.21 -31.30
N SER D 324 -4.44 -30.88 -32.13
CA SER D 324 -4.10 -31.08 -33.53
C SER D 324 -5.02 -30.25 -34.42
N LEU D 325 -4.43 -29.33 -35.17
CA LEU D 325 -5.19 -28.55 -36.15
C LEU D 325 -5.38 -29.29 -37.46
N GLY D 326 -4.78 -30.46 -37.61
CA GLY D 326 -5.02 -31.29 -38.77
C GLY D 326 -4.06 -31.00 -39.91
N LYS D 327 -4.11 -31.88 -40.92
CA LYS D 327 -3.27 -31.75 -42.11
C LYS D 327 -1.79 -31.68 -41.75
N GLY D 328 -1.38 -32.51 -40.80
CA GLY D 328 0.00 -32.51 -40.34
C GLY D 328 0.41 -31.26 -39.61
N THR D 329 -0.55 -30.51 -39.08
CA THR D 329 -0.30 -29.29 -38.33
C THR D 329 -0.92 -29.41 -36.96
N ALA D 330 -0.22 -28.87 -35.96
CA ALA D 330 -0.66 -29.00 -34.59
C ALA D 330 -0.34 -27.70 -33.83
N LEU D 331 -1.05 -27.51 -32.73
CA LEU D 331 -0.93 -26.32 -31.89
C LEU D 331 -0.41 -26.75 -30.53
N VAL D 332 0.57 -26.00 -30.01
CA VAL D 332 1.08 -26.27 -28.67
C VAL D 332 1.13 -24.97 -27.89
N ALA D 333 1.06 -25.08 -26.57
CA ALA D 333 0.99 -23.94 -25.68
C ALA D 333 1.99 -24.11 -24.55
N ILE D 334 2.60 -23.01 -24.13
CA ILE D 334 3.52 -23.00 -23.01
C ILE D 334 3.06 -21.94 -22.01
N PRO D 335 2.82 -22.28 -20.76
CA PRO D 335 2.54 -21.26 -19.75
C PRO D 335 3.74 -20.34 -19.54
N SER D 336 3.44 -19.08 -19.23
CA SER D 336 4.45 -18.02 -19.15
C SER D 336 4.45 -17.39 -17.77
N GLU D 337 5.59 -16.78 -17.43
CA GLU D 337 5.77 -16.08 -16.17
C GLU D 337 6.05 -14.61 -16.43
N GLY D 338 6.01 -13.82 -15.37
CA GLY D 338 6.31 -12.42 -15.45
C GLY D 338 5.68 -11.67 -14.30
N ASN D 339 5.85 -10.35 -14.33
CA ASN D 339 5.28 -9.47 -13.32
C ASN D 339 5.24 -8.05 -13.88
N PRO D 340 4.07 -7.40 -13.94
CA PRO D 340 2.75 -7.95 -13.62
C PRO D 340 2.24 -8.98 -14.63
N THR D 341 0.96 -9.34 -14.52
CA THR D 341 0.39 -10.38 -15.36
C THR D 341 0.62 -10.05 -16.84
N PRO D 342 0.96 -11.05 -17.66
CA PRO D 342 1.35 -10.79 -19.06
C PRO D 342 0.35 -9.92 -19.81
N PRO D 343 -0.98 -10.16 -19.70
CA PRO D 343 -1.83 -11.11 -18.98
C PRO D 343 -2.02 -12.43 -19.71
N GLU D 344 -1.58 -12.49 -20.97
CA GLU D 344 -1.66 -13.70 -21.76
C GLU D 344 -0.83 -14.78 -21.10
N ALA D 345 -1.49 -15.73 -20.44
CA ALA D 345 -0.80 -16.74 -19.65
C ALA D 345 -0.16 -17.81 -20.51
N TYR D 346 -0.41 -17.82 -21.82
CA TYR D 346 0.06 -18.89 -22.68
C TYR D 346 0.67 -18.34 -23.96
N HIS D 347 1.94 -18.67 -24.21
CA HIS D 347 2.50 -18.46 -25.53
C HIS D 347 2.14 -19.64 -26.42
N PHE D 348 1.89 -19.37 -27.70
CA PHE D 348 1.41 -20.37 -28.63
C PHE D 348 2.41 -20.60 -29.76
N TYR D 349 2.59 -21.87 -30.13
CA TYR D 349 3.41 -22.27 -31.26
C TYR D 349 2.57 -23.14 -32.18
N GLN D 350 2.80 -23.00 -33.49
CA GLN D 350 2.14 -23.84 -34.50
C GLN D 350 3.22 -24.65 -35.20
N VAL D 351 3.17 -25.96 -35.02
CA VAL D 351 4.14 -26.86 -35.64
C VAL D 351 3.51 -27.45 -36.88
N SER D 352 4.30 -27.52 -37.96
CA SER D 352 3.83 -28.08 -39.22
C SER D 352 4.82 -29.13 -39.71
N PHE D 353 4.29 -30.14 -40.38
CA PHE D 353 5.07 -31.25 -40.91
C PHE D 353 5.32 -31.03 -42.41
N GLN D 354 6.36 -31.70 -42.92
CA GLN D 354 6.77 -31.60 -44.32
C GLN D 354 7.05 -30.16 -44.75
ZN ZN K . 34.03 9.49 -12.42
CA CA L . 14.45 8.40 -3.38
CA CA M . 13.18 6.80 -1.81
ZN ZN N . -36.11 -7.57 -8.26
CA CA O . -14.35 -9.10 -4.86
CA CA P . -15.37 -8.82 -3.06
#